data_8IJZ
# 
_entry.id   8IJZ 
# 
_audit_conform.dict_name       mmcif_pdbx.dic 
_audit_conform.dict_version    5.397 
_audit_conform.dict_location   http://mmcif.pdb.org/dictionaries/ascii/mmcif_pdbx.dic 
# 
loop_
_database_2.database_id 
_database_2.database_code 
_database_2.pdbx_database_accession 
_database_2.pdbx_DOI 
PDB   8IJZ         pdb_00008ijz 10.2210/pdb8ijz/pdb 
WWPDB D_1300035848 ?            ?                   
# 
loop_
_pdbx_audit_revision_history.ordinal 
_pdbx_audit_revision_history.data_content_type 
_pdbx_audit_revision_history.major_revision 
_pdbx_audit_revision_history.minor_revision 
_pdbx_audit_revision_history.revision_date 
1 'Structure model' 1 0 2023-12-27 
2 'Structure model' 1 1 2024-10-09 
# 
_pdbx_audit_revision_details.ordinal             1 
_pdbx_audit_revision_details.revision_ordinal    1 
_pdbx_audit_revision_details.data_content_type   'Structure model' 
_pdbx_audit_revision_details.provider            repository 
_pdbx_audit_revision_details.type                'Initial release' 
_pdbx_audit_revision_details.description         ? 
_pdbx_audit_revision_details.details             ? 
# 
_pdbx_audit_revision_group.ordinal             1 
_pdbx_audit_revision_group.revision_ordinal    2 
_pdbx_audit_revision_group.data_content_type   'Structure model' 
_pdbx_audit_revision_group.group               'Structure summary' 
# 
loop_
_pdbx_audit_revision_category.ordinal 
_pdbx_audit_revision_category.revision_ordinal 
_pdbx_audit_revision_category.data_content_type 
_pdbx_audit_revision_category.category 
1 2 'Structure model' pdbx_entry_details        
2 2 'Structure model' pdbx_modification_feature 
# 
_pdbx_database_status.status_code                     REL 
_pdbx_database_status.status_code_sf                  REL 
_pdbx_database_status.status_code_mr                  ? 
_pdbx_database_status.entry_id                        8IJZ 
_pdbx_database_status.recvd_initial_deposition_date   2023-02-28 
_pdbx_database_status.SG_entry                        N 
_pdbx_database_status.deposit_site                    PDBJ 
_pdbx_database_status.process_site                    PDBJ 
_pdbx_database_status.status_code_cs                  ? 
_pdbx_database_status.status_code_nmr_data            ? 
_pdbx_database_status.methods_development_category    ? 
_pdbx_database_status.pdb_format_compatible           Y 
# 
_pdbx_contact_author.id                 2 
_pdbx_contact_author.email              qianfeng@mail.tsinghua.edu.cn 
_pdbx_contact_author.name_first         feng 
_pdbx_contact_author.name_last          qian 
_pdbx_contact_author.name_mi            ? 
_pdbx_contact_author.role               'principal investigator/group leader' 
_pdbx_contact_author.identifier_ORCID   0000-0001-7415-6997 
# 
loop_
_audit_author.name 
_audit_author.pdbx_ordinal 
_audit_author.identifier_ORCID 
'Qian, F.'  1 ? 
'Zhu, S.Q.' 2 ? 
# 
_citation.abstract                  ? 
_citation.abstract_id_CAS           ? 
_citation.book_id_ISBN              ? 
_citation.book_publisher            ? 
_citation.book_publisher_city       ? 
_citation.book_title                ? 
_citation.coordinate_linkage        ? 
_citation.country                   ? 
_citation.database_id_Medline       ? 
_citation.details                   ? 
_citation.id                        primary 
_citation.journal_abbrev            'Bioeng Transl Med' 
_citation.journal_id_ASTM           ? 
_citation.journal_id_CSD            ? 
_citation.journal_id_ISSN           2380-6761 
_citation.journal_full              ? 
_citation.journal_issue             ? 
_citation.journal_volume            8 
_citation.language                  ? 
_citation.page_first                e10523 
_citation.page_last                 e10523 
_citation.title                     
'Polymorphic nanobody crystals as long-acting intravitreal therapy for wet age-related macular degeneration.' 
_citation.year                      2023 
_citation.database_id_CSD           ? 
_citation.pdbx_database_id_DOI      10.1002/btm2.10523 
_citation.pdbx_database_id_PubMed   38023710 
_citation.pdbx_database_id_patent   ? 
_citation.unpublished_flag          ? 
# 
loop_
_citation_author.citation_id 
_citation_author.name 
_citation_author.ordinal 
_citation_author.identifier_ORCID 
primary 'Zhu, S.'   1 ?                   
primary 'Fan, S.'   2 ?                   
primary 'Tang, T.'  3 ?                   
primary 'Huang, J.' 4 ?                   
primary 'Zhou, H.'  5 ?                   
primary 'Huang, C.' 6 ?                   
primary 'Chen, Y.'  7 ?                   
primary 'Qian, F.'  8 0000-0001-7415-6997 
# 
_entity.id                         1 
_entity.type                       polymer 
_entity.src_method                 man 
_entity.pdbx_description           'anti-VEGF nanobody' 
_entity.formula_weight             13731.321 
_entity.pdbx_number_of_molecules   1 
_entity.pdbx_ec                    ? 
_entity.pdbx_mutation              ? 
_entity.pdbx_fragment              ? 
_entity.details                    ? 
# 
_entity_poly.entity_id                      1 
_entity_poly.type                           'polypeptide(L)' 
_entity_poly.nstd_linkage                   no 
_entity_poly.nstd_monomer                   no 
_entity_poly.pdbx_seq_one_letter_code       
;MDVQLVESGGGLVQPGGSLRLSCAASGRTFSSYSMGWFRQAPGKAREFVVAISKGGYKYDAVSLEGRFTISRDNAKNTVY
LQINSLRPEDTAVYYCASSRAYGSSRLRLADTYEYWGQGTLVTVSS
;
_entity_poly.pdbx_seq_one_letter_code_can   
;MDVQLVESGGGLVQPGGSLRLSCAASGRTFSSYSMGWFRQAPGKAREFVVAISKGGYKYDAVSLEGRFTISRDNAKNTVY
LQINSLRPEDTAVYYCASSRAYGSSRLRLADTYEYWGQGTLVTVSS
;
_entity_poly.pdbx_strand_id                 A 
_entity_poly.pdbx_target_identifier         ? 
# 
loop_
_entity_poly_seq.entity_id 
_entity_poly_seq.num 
_entity_poly_seq.mon_id 
_entity_poly_seq.hetero 
1 1   MET n 
1 2   ASP n 
1 3   VAL n 
1 4   GLN n 
1 5   LEU n 
1 6   VAL n 
1 7   GLU n 
1 8   SER n 
1 9   GLY n 
1 10  GLY n 
1 11  GLY n 
1 12  LEU n 
1 13  VAL n 
1 14  GLN n 
1 15  PRO n 
1 16  GLY n 
1 17  GLY n 
1 18  SER n 
1 19  LEU n 
1 20  ARG n 
1 21  LEU n 
1 22  SER n 
1 23  CYS n 
1 24  ALA n 
1 25  ALA n 
1 26  SER n 
1 27  GLY n 
1 28  ARG n 
1 29  THR n 
1 30  PHE n 
1 31  SER n 
1 32  SER n 
1 33  TYR n 
1 34  SER n 
1 35  MET n 
1 36  GLY n 
1 37  TRP n 
1 38  PHE n 
1 39  ARG n 
1 40  GLN n 
1 41  ALA n 
1 42  PRO n 
1 43  GLY n 
1 44  LYS n 
1 45  ALA n 
1 46  ARG n 
1 47  GLU n 
1 48  PHE n 
1 49  VAL n 
1 50  VAL n 
1 51  ALA n 
1 52  ILE n 
1 53  SER n 
1 54  LYS n 
1 55  GLY n 
1 56  GLY n 
1 57  TYR n 
1 58  LYS n 
1 59  TYR n 
1 60  ASP n 
1 61  ALA n 
1 62  VAL n 
1 63  SER n 
1 64  LEU n 
1 65  GLU n 
1 66  GLY n 
1 67  ARG n 
1 68  PHE n 
1 69  THR n 
1 70  ILE n 
1 71  SER n 
1 72  ARG n 
1 73  ASP n 
1 74  ASN n 
1 75  ALA n 
1 76  LYS n 
1 77  ASN n 
1 78  THR n 
1 79  VAL n 
1 80  TYR n 
1 81  LEU n 
1 82  GLN n 
1 83  ILE n 
1 84  ASN n 
1 85  SER n 
1 86  LEU n 
1 87  ARG n 
1 88  PRO n 
1 89  GLU n 
1 90  ASP n 
1 91  THR n 
1 92  ALA n 
1 93  VAL n 
1 94  TYR n 
1 95  TYR n 
1 96  CYS n 
1 97  ALA n 
1 98  SER n 
1 99  SER n 
1 100 ARG n 
1 101 ALA n 
1 102 TYR n 
1 103 GLY n 
1 104 SER n 
1 105 SER n 
1 106 ARG n 
1 107 LEU n 
1 108 ARG n 
1 109 LEU n 
1 110 ALA n 
1 111 ASP n 
1 112 THR n 
1 113 TYR n 
1 114 GLU n 
1 115 TYR n 
1 116 TRP n 
1 117 GLY n 
1 118 GLN n 
1 119 GLY n 
1 120 THR n 
1 121 LEU n 
1 122 VAL n 
1 123 THR n 
1 124 VAL n 
1 125 SER n 
1 126 SER n 
# 
_entity_src_gen.entity_id                          1 
_entity_src_gen.pdbx_src_id                        1 
_entity_src_gen.pdbx_alt_source_flag               sample 
_entity_src_gen.pdbx_seq_type                      'Biological sequence' 
_entity_src_gen.pdbx_beg_seq_num                   1 
_entity_src_gen.pdbx_end_seq_num                   126 
_entity_src_gen.gene_src_common_name               ? 
_entity_src_gen.gene_src_genus                     ? 
_entity_src_gen.pdbx_gene_src_gene                 ? 
_entity_src_gen.gene_src_species                   ? 
_entity_src_gen.gene_src_strain                    ? 
_entity_src_gen.gene_src_tissue                    ? 
_entity_src_gen.gene_src_tissue_fraction           ? 
_entity_src_gen.gene_src_details                   ? 
_entity_src_gen.pdbx_gene_src_fragment             ? 
_entity_src_gen.pdbx_gene_src_scientific_name      'Homo sapiens' 
_entity_src_gen.pdbx_gene_src_ncbi_taxonomy_id     9606 
_entity_src_gen.pdbx_gene_src_variant              ? 
_entity_src_gen.pdbx_gene_src_cell_line            ? 
_entity_src_gen.pdbx_gene_src_atcc                 ? 
_entity_src_gen.pdbx_gene_src_organ                ? 
_entity_src_gen.pdbx_gene_src_organelle            ? 
_entity_src_gen.pdbx_gene_src_cell                 ? 
_entity_src_gen.pdbx_gene_src_cellular_location    ? 
_entity_src_gen.host_org_common_name               ? 
_entity_src_gen.pdbx_host_org_scientific_name      'Escherichia coli' 
_entity_src_gen.pdbx_host_org_ncbi_taxonomy_id     562 
_entity_src_gen.host_org_genus                     ? 
_entity_src_gen.pdbx_host_org_gene                 ? 
_entity_src_gen.pdbx_host_org_organ                ? 
_entity_src_gen.host_org_species                   ? 
_entity_src_gen.pdbx_host_org_tissue               ? 
_entity_src_gen.pdbx_host_org_tissue_fraction      ? 
_entity_src_gen.pdbx_host_org_strain               ? 
_entity_src_gen.pdbx_host_org_variant              ? 
_entity_src_gen.pdbx_host_org_cell_line            ? 
_entity_src_gen.pdbx_host_org_atcc                 ? 
_entity_src_gen.pdbx_host_org_culture_collection   ? 
_entity_src_gen.pdbx_host_org_cell                 ? 
_entity_src_gen.pdbx_host_org_organelle            ? 
_entity_src_gen.pdbx_host_org_cellular_location    ? 
_entity_src_gen.pdbx_host_org_vector_type          ? 
_entity_src_gen.pdbx_host_org_vector               ? 
_entity_src_gen.host_org_details                   ? 
_entity_src_gen.expression_system_id               ? 
_entity_src_gen.plasmid_name                       ? 
_entity_src_gen.plasmid_details                    ? 
_entity_src_gen.pdbx_description                   ? 
# 
loop_
_chem_comp.id 
_chem_comp.type 
_chem_comp.mon_nstd_flag 
_chem_comp.name 
_chem_comp.pdbx_synonyms 
_chem_comp.formula 
_chem_comp.formula_weight 
ALA 'L-peptide linking' y ALANINE         ? 'C3 H7 N O2'     89.093  
ARG 'L-peptide linking' y ARGININE        ? 'C6 H15 N4 O2 1' 175.209 
ASN 'L-peptide linking' y ASPARAGINE      ? 'C4 H8 N2 O3'    132.118 
ASP 'L-peptide linking' y 'ASPARTIC ACID' ? 'C4 H7 N O4'     133.103 
CYS 'L-peptide linking' y CYSTEINE        ? 'C3 H7 N O2 S'   121.158 
GLN 'L-peptide linking' y GLUTAMINE       ? 'C5 H10 N2 O3'   146.144 
GLU 'L-peptide linking' y 'GLUTAMIC ACID' ? 'C5 H9 N O4'     147.129 
GLY 'peptide linking'   y GLYCINE         ? 'C2 H5 N O2'     75.067  
ILE 'L-peptide linking' y ISOLEUCINE      ? 'C6 H13 N O2'    131.173 
LEU 'L-peptide linking' y LEUCINE         ? 'C6 H13 N O2'    131.173 
LYS 'L-peptide linking' y LYSINE          ? 'C6 H15 N2 O2 1' 147.195 
MET 'L-peptide linking' y METHIONINE      ? 'C5 H11 N O2 S'  149.211 
PHE 'L-peptide linking' y PHENYLALANINE   ? 'C9 H11 N O2'    165.189 
PRO 'L-peptide linking' y PROLINE         ? 'C5 H9 N O2'     115.130 
SER 'L-peptide linking' y SERINE          ? 'C3 H7 N O3'     105.093 
THR 'L-peptide linking' y THREONINE       ? 'C4 H9 N O3'     119.119 
TRP 'L-peptide linking' y TRYPTOPHAN      ? 'C11 H12 N2 O2'  204.225 
TYR 'L-peptide linking' y TYROSINE        ? 'C9 H11 N O3'    181.189 
VAL 'L-peptide linking' y VALINE          ? 'C5 H11 N O2'    117.146 
# 
loop_
_pdbx_poly_seq_scheme.asym_id 
_pdbx_poly_seq_scheme.entity_id 
_pdbx_poly_seq_scheme.seq_id 
_pdbx_poly_seq_scheme.mon_id 
_pdbx_poly_seq_scheme.ndb_seq_num 
_pdbx_poly_seq_scheme.pdb_seq_num 
_pdbx_poly_seq_scheme.auth_seq_num 
_pdbx_poly_seq_scheme.pdb_mon_id 
_pdbx_poly_seq_scheme.auth_mon_id 
_pdbx_poly_seq_scheme.pdb_strand_id 
_pdbx_poly_seq_scheme.pdb_ins_code 
_pdbx_poly_seq_scheme.hetero 
A 1 1   MET 1   1   ?   ?   ?   A . n 
A 1 2   ASP 2   2   ?   ?   ?   A . n 
A 1 3   VAL 3   3   ?   ?   ?   A . n 
A 1 4   GLN 4   4   4   GLN GLN A . n 
A 1 5   LEU 5   5   5   LEU LEU A . n 
A 1 6   VAL 6   6   6   VAL VAL A . n 
A 1 7   GLU 7   7   7   GLU GLU A . n 
A 1 8   SER 8   8   8   SER SER A . n 
A 1 9   GLY 9   9   9   GLY GLY A . n 
A 1 10  GLY 10  10  10  GLY GLY A . n 
A 1 11  GLY 11  11  11  GLY GLY A . n 
A 1 12  LEU 12  12  12  LEU LEU A . n 
A 1 13  VAL 13  13  13  VAL VAL A . n 
A 1 14  GLN 14  14  14  GLN GLN A . n 
A 1 15  PRO 15  15  15  PRO PRO A . n 
A 1 16  GLY 16  16  16  GLY GLY A . n 
A 1 17  GLY 17  17  17  GLY GLY A . n 
A 1 18  SER 18  18  18  SER SER A . n 
A 1 19  LEU 19  19  19  LEU LEU A . n 
A 1 20  ARG 20  20  20  ARG ARG A . n 
A 1 21  LEU 21  21  21  LEU LEU A . n 
A 1 22  SER 22  22  22  SER SER A . n 
A 1 23  CYS 23  23  23  CYS CYS A . n 
A 1 24  ALA 24  24  24  ALA ALA A . n 
A 1 25  ALA 25  25  25  ALA ALA A . n 
A 1 26  SER 26  26  26  SER SER A . n 
A 1 27  GLY 27  27  27  GLY GLY A . n 
A 1 28  ARG 28  28  28  ARG ARG A . n 
A 1 29  THR 29  29  29  THR THR A . n 
A 1 30  PHE 30  30  30  PHE PHE A . n 
A 1 31  SER 31  31  31  SER SER A . n 
A 1 32  SER 32  32  32  SER SER A . n 
A 1 33  TYR 33  33  33  TYR TYR A . n 
A 1 34  SER 34  34  34  SER SER A . n 
A 1 35  MET 35  35  35  MET MET A . n 
A 1 36  GLY 36  36  36  GLY GLY A . n 
A 1 37  TRP 37  37  37  TRP TRP A . n 
A 1 38  PHE 38  38  38  PHE PHE A . n 
A 1 39  ARG 39  39  39  ARG ARG A . n 
A 1 40  GLN 40  40  40  GLN GLN A . n 
A 1 41  ALA 41  41  41  ALA ALA A . n 
A 1 42  PRO 42  42  42  PRO PRO A . n 
A 1 43  GLY 43  43  43  GLY GLY A . n 
A 1 44  LYS 44  44  44  LYS LYS A . n 
A 1 45  ALA 45  45  45  ALA ALA A . n 
A 1 46  ARG 46  46  46  ARG ARG A . n 
A 1 47  GLU 47  47  47  GLU GLU A . n 
A 1 48  PHE 48  48  48  PHE PHE A . n 
A 1 49  VAL 49  49  49  VAL VAL A . n 
A 1 50  VAL 50  50  50  VAL VAL A . n 
A 1 51  ALA 51  51  51  ALA ALA A . n 
A 1 52  ILE 52  52  52  ILE ILE A . n 
A 1 53  SER 53  53  53  SER SER A . n 
A 1 54  LYS 54  54  54  LYS LYS A . n 
A 1 55  GLY 55  55  55  GLY GLY A . n 
A 1 56  GLY 56  56  56  GLY GLY A . n 
A 1 57  TYR 57  57  57  TYR TYR A . n 
A 1 58  LYS 58  58  58  LYS LYS A . n 
A 1 59  TYR 59  59  59  TYR TYR A . n 
A 1 60  ASP 60  60  60  ASP ASP A . n 
A 1 61  ALA 61  61  61  ALA ALA A . n 
A 1 62  VAL 62  62  62  VAL VAL A . n 
A 1 63  SER 63  63  63  SER SER A . n 
A 1 64  LEU 64  64  64  LEU LEU A . n 
A 1 65  GLU 65  65  65  GLU GLU A . n 
A 1 66  GLY 66  66  66  GLY GLY A . n 
A 1 67  ARG 67  67  67  ARG ARG A . n 
A 1 68  PHE 68  68  68  PHE PHE A . n 
A 1 69  THR 69  69  69  THR THR A . n 
A 1 70  ILE 70  70  70  ILE ILE A . n 
A 1 71  SER 71  71  71  SER SER A . n 
A 1 72  ARG 72  72  72  ARG ARG A . n 
A 1 73  ASP 73  73  73  ASP ASP A . n 
A 1 74  ASN 74  74  74  ASN ASN A . n 
A 1 75  ALA 75  75  75  ALA ALA A . n 
A 1 76  LYS 76  76  76  LYS LYS A . n 
A 1 77  ASN 77  77  77  ASN ASN A . n 
A 1 78  THR 78  78  78  THR THR A . n 
A 1 79  VAL 79  79  79  VAL VAL A . n 
A 1 80  TYR 80  80  80  TYR TYR A . n 
A 1 81  LEU 81  81  81  LEU LEU A . n 
A 1 82  GLN 82  82  82  GLN GLN A . n 
A 1 83  ILE 83  83  83  ILE ILE A . n 
A 1 84  ASN 84  84  84  ASN ASN A . n 
A 1 85  SER 85  85  85  SER SER A . n 
A 1 86  LEU 86  86  86  LEU LEU A . n 
A 1 87  ARG 87  87  87  ARG ARG A . n 
A 1 88  PRO 88  88  88  PRO PRO A . n 
A 1 89  GLU 89  89  89  GLU GLU A . n 
A 1 90  ASP 90  90  90  ASP ASP A . n 
A 1 91  THR 91  91  91  THR THR A . n 
A 1 92  ALA 92  92  92  ALA ALA A . n 
A 1 93  VAL 93  93  93  VAL VAL A . n 
A 1 94  TYR 94  94  94  TYR TYR A . n 
A 1 95  TYR 95  95  95  TYR TYR A . n 
A 1 96  CYS 96  96  96  CYS CYS A . n 
A 1 97  ALA 97  97  97  ALA ALA A . n 
A 1 98  SER 98  98  98  SER SER A . n 
A 1 99  SER 99  99  99  SER SER A . n 
A 1 100 ARG 100 100 100 ARG ARG A . n 
A 1 101 ALA 101 101 101 ALA ALA A . n 
A 1 102 TYR 102 102 102 TYR TYR A . n 
A 1 103 GLY 103 103 103 GLY GLY A . n 
A 1 104 SER 104 104 104 SER SER A . n 
A 1 105 SER 105 105 105 SER SER A . n 
A 1 106 ARG 106 106 106 ARG ARG A . n 
A 1 107 LEU 107 107 107 LEU LEU A . n 
A 1 108 ARG 108 108 108 ARG ARG A . n 
A 1 109 LEU 109 109 109 LEU LEU A . n 
A 1 110 ALA 110 110 110 ALA ALA A . n 
A 1 111 ASP 111 111 111 ASP ASP A . n 
A 1 112 THR 112 112 112 THR THR A . n 
A 1 113 TYR 113 113 113 TYR TYR A . n 
A 1 114 GLU 114 114 114 GLU GLU A . n 
A 1 115 TYR 115 115 115 TYR TYR A . n 
A 1 116 TRP 116 116 116 TRP TRP A . n 
A 1 117 GLY 117 117 117 GLY GLY A . n 
A 1 118 GLN 118 118 118 GLN GLN A . n 
A 1 119 GLY 119 119 119 GLY GLY A . n 
A 1 120 THR 120 120 120 THR THR A . n 
A 1 121 LEU 121 121 121 LEU LEU A . n 
A 1 122 VAL 122 122 122 VAL VAL A . n 
A 1 123 THR 123 123 123 THR THR A . n 
A 1 124 VAL 124 124 124 VAL VAL A . n 
A 1 125 SER 125 125 125 SER SER A . n 
A 1 126 SER 126 126 126 SER SER A . n 
# 
loop_
_pdbx_unobs_or_zero_occ_atoms.id 
_pdbx_unobs_or_zero_occ_atoms.PDB_model_num 
_pdbx_unobs_or_zero_occ_atoms.polymer_flag 
_pdbx_unobs_or_zero_occ_atoms.occupancy_flag 
_pdbx_unobs_or_zero_occ_atoms.auth_asym_id 
_pdbx_unobs_or_zero_occ_atoms.auth_comp_id 
_pdbx_unobs_or_zero_occ_atoms.auth_seq_id 
_pdbx_unobs_or_zero_occ_atoms.PDB_ins_code 
_pdbx_unobs_or_zero_occ_atoms.auth_atom_id 
_pdbx_unobs_or_zero_occ_atoms.label_alt_id 
_pdbx_unobs_or_zero_occ_atoms.label_asym_id 
_pdbx_unobs_or_zero_occ_atoms.label_comp_id 
_pdbx_unobs_or_zero_occ_atoms.label_seq_id 
_pdbx_unobs_or_zero_occ_atoms.label_atom_id 
1 1 Y 1 A ARG 28 ? CG  ? A ARG 28 CG  
2 1 Y 1 A ARG 28 ? CD  ? A ARG 28 CD  
3 1 Y 1 A ARG 28 ? NE  ? A ARG 28 NE  
4 1 Y 1 A ARG 28 ? CZ  ? A ARG 28 CZ  
5 1 Y 1 A ARG 28 ? NH1 ? A ARG 28 NH1 
6 1 Y 1 A ARG 28 ? NH2 ? A ARG 28 NH2 
7 1 Y 1 A THR 29 ? OG1 ? A THR 29 OG1 
8 1 Y 1 A THR 29 ? CG2 ? A THR 29 CG2 
# 
loop_
_software.citation_id 
_software.classification 
_software.compiler_name 
_software.compiler_version 
_software.contact_author 
_software.contact_author_email 
_software.date 
_software.description 
_software.dependencies 
_software.hardware 
_software.language 
_software.location 
_software.mods 
_software.name 
_software.os 
_software.os_version 
_software.type 
_software.version 
_software.pdbx_ordinal 
? 'data scaling'   ? ? ? ? ? ? ? ? ? ? ? SCALEPACK ? ? ? . 1 
? 'data reduction' ? ? ? ? ? ? ? ? ? ? ? HKL-2000  ? ? ? . 2 
? phasing          ? ? ? ? ? ? ? ? ? ? ? PHASER    ? ? ? . 3 
# 
_cell.angle_alpha                  90.00 
_cell.angle_alpha_esd              ? 
_cell.angle_beta                   90.00 
_cell.angle_beta_esd               ? 
_cell.angle_gamma                  90.00 
_cell.angle_gamma_esd              ? 
_cell.entry_id                     8IJZ 
_cell.details                      ? 
_cell.formula_units_Z              ? 
_cell.length_a                     31.220 
_cell.length_a_esd                 ? 
_cell.length_b                     41.090 
_cell.length_b_esd                 ? 
_cell.length_c                     74.050 
_cell.length_c_esd                 ? 
_cell.volume                       ? 
_cell.volume_esd                   ? 
_cell.Z_PDB                        4 
_cell.reciprocal_angle_alpha       ? 
_cell.reciprocal_angle_beta        ? 
_cell.reciprocal_angle_gamma       ? 
_cell.reciprocal_angle_alpha_esd   ? 
_cell.reciprocal_angle_beta_esd    ? 
_cell.reciprocal_angle_gamma_esd   ? 
_cell.reciprocal_length_a          ? 
_cell.reciprocal_length_b          ? 
_cell.reciprocal_length_c          ? 
_cell.reciprocal_length_a_esd      ? 
_cell.reciprocal_length_b_esd      ? 
_cell.reciprocal_length_c_esd      ? 
_cell.pdbx_unique_axis             ? 
_cell.pdbx_esd_method              ? 
# 
_symmetry.entry_id                         8IJZ 
_symmetry.cell_setting                     ? 
_symmetry.Int_Tables_number                19 
_symmetry.space_group_name_Hall            ? 
_symmetry.space_group_name_H-M             'P 21 21 21' 
_symmetry.pdbx_full_space_group_name_H-M   ? 
# 
_exptl.absorpt_coefficient_mu     ? 
_exptl.absorpt_correction_T_max   ? 
_exptl.absorpt_correction_T_min   ? 
_exptl.absorpt_correction_type    ? 
_exptl.absorpt_process_details    ? 
_exptl.entry_id                   8IJZ 
_exptl.crystals_number            ? 
_exptl.details                    ? 
_exptl.method                     'ELECTRON CRYSTALLOGRAPHY' 
_exptl.method_details             ? 
# 
_refine.aniso_B[1][1]                            ? 
_refine.aniso_B[1][2]                            ? 
_refine.aniso_B[1][3]                            ? 
_refine.aniso_B[2][2]                            ? 
_refine.aniso_B[2][3]                            ? 
_refine.aniso_B[3][3]                            ? 
_refine.B_iso_max                                ? 
_refine.B_iso_mean                               ? 
_refine.B_iso_min                                ? 
_refine.correlation_coeff_Fo_to_Fc               ? 
_refine.correlation_coeff_Fo_to_Fc_free          ? 
_refine.details                                  ? 
_refine.diff_density_max                         ? 
_refine.diff_density_max_esd                     ? 
_refine.diff_density_min                         ? 
_refine.diff_density_min_esd                     ? 
_refine.diff_density_rms                         ? 
_refine.diff_density_rms_esd                     ? 
_refine.entry_id                                 8IJZ 
_refine.pdbx_refine_id                           'ELECTRON CRYSTALLOGRAPHY' 
_refine.ls_abs_structure_details                 ? 
_refine.ls_abs_structure_Flack                   ? 
_refine.ls_abs_structure_Flack_esd               ? 
_refine.ls_abs_structure_Rogers                  ? 
_refine.ls_abs_structure_Rogers_esd              ? 
_refine.ls_d_res_high                            2.10 
_refine.ls_d_res_low                             16.72 
_refine.ls_extinction_coef                       ? 
_refine.ls_extinction_coef_esd                   ? 
_refine.ls_extinction_expression                 ? 
_refine.ls_extinction_method                     ? 
_refine.ls_goodness_of_fit_all                   ? 
_refine.ls_goodness_of_fit_all_esd               ? 
_refine.ls_goodness_of_fit_obs                   ? 
_refine.ls_goodness_of_fit_obs_esd               ? 
_refine.ls_hydrogen_treatment                    ? 
_refine.ls_matrix_type                           ? 
_refine.ls_number_constraints                    ? 
_refine.ls_number_parameters                     ? 
_refine.ls_number_reflns_all                     ? 
_refine.ls_number_reflns_obs                     4937 
_refine.ls_number_reflns_R_free                  247 
_refine.ls_number_reflns_R_work                  ? 
_refine.ls_number_restraints                     ? 
_refine.ls_percent_reflns_obs                    83.1 
_refine.ls_percent_reflns_R_free                 5.01 
_refine.ls_R_factor_all                          ? 
_refine.ls_R_factor_obs                          0.2008 
_refine.ls_R_factor_R_free                       0.2986 
_refine.ls_R_factor_R_free_error                 ? 
_refine.ls_R_factor_R_free_error_details         ? 
_refine.ls_R_factor_R_work                       0.1956 
_refine.ls_R_Fsqd_factor_obs                     ? 
_refine.ls_R_I_factor_obs                        ? 
_refine.ls_redundancy_reflns_all                 ? 
_refine.ls_redundancy_reflns_obs                 ? 
_refine.ls_restrained_S_all                      ? 
_refine.ls_restrained_S_obs                      ? 
_refine.ls_shift_over_esd_max                    ? 
_refine.ls_shift_over_esd_mean                   ? 
_refine.ls_structure_factor_coef                 ? 
_refine.ls_weighting_details                     ? 
_refine.ls_weighting_scheme                      ? 
_refine.ls_wR_factor_all                         ? 
_refine.ls_wR_factor_obs                         ? 
_refine.ls_wR_factor_R_free                      ? 
_refine.ls_wR_factor_R_work                      ? 
_refine.occupancy_max                            ? 
_refine.occupancy_min                            ? 
_refine.solvent_model_details                    'FLAT BULK SOLVENT MODEL' 
_refine.solvent_model_param_bsol                 ? 
_refine.solvent_model_param_ksol                 ? 
_refine.pdbx_R_complete                          ? 
_refine.ls_R_factor_gt                           ? 
_refine.ls_goodness_of_fit_gt                    ? 
_refine.ls_goodness_of_fit_ref                   ? 
_refine.ls_shift_over_su_max                     ? 
_refine.ls_shift_over_su_max_lt                  ? 
_refine.ls_shift_over_su_mean                    ? 
_refine.ls_shift_over_su_mean_lt                 ? 
_refine.pdbx_ls_sigma_I                          ? 
_refine.pdbx_ls_sigma_F                          1.34 
_refine.pdbx_ls_sigma_Fsqd                       ? 
_refine.pdbx_data_cutoff_high_absF               ? 
_refine.pdbx_data_cutoff_high_rms_absF           ? 
_refine.pdbx_data_cutoff_low_absF                ? 
_refine.pdbx_isotropic_thermal_model             ? 
_refine.pdbx_ls_cross_valid_method               THROUGHOUT 
_refine.pdbx_method_to_determine_struct          ? 
_refine.pdbx_starting_model                      ? 
_refine.pdbx_stereochemistry_target_values       ML 
_refine.pdbx_R_Free_selection_details            ? 
_refine.pdbx_stereochem_target_val_spec_case     ? 
_refine.pdbx_overall_ESU_R                       ? 
_refine.pdbx_overall_ESU_R_Free                  ? 
_refine.pdbx_solvent_vdw_probe_radii             1.11 
_refine.pdbx_solvent_ion_probe_radii             ? 
_refine.pdbx_solvent_shrinkage_radii             0.90 
_refine.pdbx_real_space_R                        ? 
_refine.pdbx_density_correlation                 ? 
_refine.pdbx_pd_number_of_powder_patterns        ? 
_refine.pdbx_pd_number_of_points                 ? 
_refine.pdbx_pd_meas_number_of_points            ? 
_refine.pdbx_pd_proc_ls_prof_R_factor            ? 
_refine.pdbx_pd_proc_ls_prof_wR_factor           ? 
_refine.pdbx_pd_Marquardt_correlation_coeff      ? 
_refine.pdbx_pd_Fsqrd_R_factor                   ? 
_refine.pdbx_pd_ls_matrix_band_width             ? 
_refine.pdbx_overall_phase_error                 15.92 
_refine.pdbx_overall_SU_R_free_Cruickshank_DPI   ? 
_refine.pdbx_overall_SU_R_free_Blow_DPI          ? 
_refine.pdbx_overall_SU_R_Blow_DPI               ? 
_refine.pdbx_TLS_residual_ADP_flag               ? 
_refine.pdbx_diffrn_id                           1 
_refine.overall_SU_B                             ? 
_refine.overall_SU_ML                            0.30 
_refine.overall_SU_R_Cruickshank_DPI             ? 
_refine.overall_SU_R_free                        ? 
_refine.overall_FOM_free_R_set                   ? 
_refine.overall_FOM_work_R_set                   ? 
_refine.pdbx_average_fsc_overall                 ? 
_refine.pdbx_average_fsc_work                    ? 
_refine.pdbx_average_fsc_free                    ? 
# 
loop_
_refine_ls_restr.pdbx_refine_id 
_refine_ls_restr.criterion 
_refine_ls_restr.dev_ideal 
_refine_ls_restr.dev_ideal_target 
_refine_ls_restr.number 
_refine_ls_restr.rejects 
_refine_ls_restr.type 
_refine_ls_restr.weight 
_refine_ls_restr.pdbx_restraint_function 
'ELECTRON CRYSTALLOGRAPHY' ? 0.010 ? 953  ? f_bond_d           ? ? 
'ELECTRON CRYSTALLOGRAPHY' ? 1.222 ? 1288 ? f_angle_d          ? ? 
'ELECTRON CRYSTALLOGRAPHY' ? 6.891 ? 140  ? f_dihedral_angle_d ? ? 
'ELECTRON CRYSTALLOGRAPHY' ? 0.060 ? 137  ? f_chiral_restr     ? ? 
'ELECTRON CRYSTALLOGRAPHY' ? 0.015 ? 166  ? f_plane_restr      ? ? 
# 
loop_
_refine_ls_shell.pdbx_refine_id 
_refine_ls_shell.d_res_high 
_refine_ls_shell.d_res_low 
_refine_ls_shell.number_reflns_all 
_refine_ls_shell.number_reflns_obs 
_refine_ls_shell.number_reflns_R_free 
_refine_ls_shell.number_reflns_R_work 
_refine_ls_shell.percent_reflns_obs 
_refine_ls_shell.percent_reflns_R_free 
_refine_ls_shell.R_factor_all 
_refine_ls_shell.R_factor_obs 
_refine_ls_shell.R_factor_R_free_error 
_refine_ls_shell.R_factor_R_work 
_refine_ls_shell.redundancy_reflns_all 
_refine_ls_shell.redundancy_reflns_obs 
_refine_ls_shell.wR_factor_all 
_refine_ls_shell.wR_factor_obs 
_refine_ls_shell.wR_factor_R_free 
_refine_ls_shell.wR_factor_R_work 
_refine_ls_shell.pdbx_R_complete 
_refine_ls_shell.pdbx_total_number_of_bins_used 
_refine_ls_shell.pdbx_phase_error 
_refine_ls_shell.pdbx_fsc_work 
_refine_ls_shell.pdbx_fsc_free 
_refine_ls_shell.R_factor_R_free 
'ELECTRON CRYSTALLOGRAPHY' 2.10 2.64  . . 120 2291 83.00 . . . . 0.2362 . . . . . . . . . . . 0.3121 
'ELECTRON CRYSTALLOGRAPHY' 2.64 16.72 . . 127 2397 83.10 . . . . 0.1852 . . . . . . . . . . . 0.2949 
# 
_struct.entry_id                     8IJZ 
_struct.title                        'anti-VEGF mutant' 
_struct.pdbx_model_details           ? 
_struct.pdbx_formula_weight          ? 
_struct.pdbx_formula_weight_method   ? 
_struct.pdbx_model_type_details      ? 
_struct.pdbx_CASP_flag               N 
# 
_struct_keywords.entry_id        8IJZ 
_struct_keywords.text            'anti-VEGF, nanobody, ANTITUMOR PROTEIN, ANTITUMOR PROTEIN-IMMUNE SYSTEM' 
_struct_keywords.pdbx_keywords   'ANTITUMOR PROTEIN-IMMUNE SYSTEM' 
# 
_struct_asym.id                            A 
_struct_asym.pdbx_blank_PDB_chainid_flag   N 
_struct_asym.pdbx_modified                 N 
_struct_asym.entity_id                     1 
_struct_asym.details                       ? 
# 
_struct_ref.id                         1 
_struct_ref.db_name                    PDB 
_struct_ref.db_code                    8IJZ 
_struct_ref.pdbx_db_accession          8IJZ 
_struct_ref.pdbx_db_isoform            ? 
_struct_ref.entity_id                  1 
_struct_ref.pdbx_seq_one_letter_code   ? 
_struct_ref.pdbx_align_begin           1 
# 
_struct_ref_seq.align_id                      1 
_struct_ref_seq.ref_id                        1 
_struct_ref_seq.pdbx_PDB_id_code              8IJZ 
_struct_ref_seq.pdbx_strand_id                A 
_struct_ref_seq.seq_align_beg                 1 
_struct_ref_seq.pdbx_seq_align_beg_ins_code   ? 
_struct_ref_seq.seq_align_end                 126 
_struct_ref_seq.pdbx_seq_align_end_ins_code   ? 
_struct_ref_seq.pdbx_db_accession             8IJZ 
_struct_ref_seq.db_align_beg                  1 
_struct_ref_seq.pdbx_db_align_beg_ins_code    ? 
_struct_ref_seq.db_align_end                  126 
_struct_ref_seq.pdbx_db_align_end_ins_code    ? 
_struct_ref_seq.pdbx_auth_seq_align_beg       1 
_struct_ref_seq.pdbx_auth_seq_align_end       126 
# 
_pdbx_struct_assembly.id                   1 
_pdbx_struct_assembly.details              author_defined_assembly 
_pdbx_struct_assembly.method_details       ? 
_pdbx_struct_assembly.oligomeric_details   monomeric 
_pdbx_struct_assembly.oligomeric_count     1 
# 
_pdbx_struct_assembly_gen.assembly_id       1 
_pdbx_struct_assembly_gen.oper_expression   1 
_pdbx_struct_assembly_gen.asym_id_list      A 
# 
_pdbx_struct_assembly_auth_evidence.id                     1 
_pdbx_struct_assembly_auth_evidence.assembly_id            1 
_pdbx_struct_assembly_auth_evidence.experimental_support   'gel filtration' 
_pdbx_struct_assembly_auth_evidence.details                ? 
# 
_pdbx_struct_oper_list.id                   1 
_pdbx_struct_oper_list.type                 'identity operation' 
_pdbx_struct_oper_list.name                 1_555 
_pdbx_struct_oper_list.symmetry_operation   x,y,z 
_pdbx_struct_oper_list.matrix[1][1]         1.0000000000 
_pdbx_struct_oper_list.matrix[1][2]         0.0000000000 
_pdbx_struct_oper_list.matrix[1][3]         0.0000000000 
_pdbx_struct_oper_list.vector[1]            0.0000000000 
_pdbx_struct_oper_list.matrix[2][1]         0.0000000000 
_pdbx_struct_oper_list.matrix[2][2]         1.0000000000 
_pdbx_struct_oper_list.matrix[2][3]         0.0000000000 
_pdbx_struct_oper_list.vector[2]            0.0000000000 
_pdbx_struct_oper_list.matrix[3][1]         0.0000000000 
_pdbx_struct_oper_list.matrix[3][2]         0.0000000000 
_pdbx_struct_oper_list.matrix[3][3]         1.0000000000 
_pdbx_struct_oper_list.vector[3]            0.0000000000 
# 
loop_
_struct_conf.conf_type_id 
_struct_conf.id 
_struct_conf.pdbx_PDB_helix_id 
_struct_conf.beg_label_comp_id 
_struct_conf.beg_label_asym_id 
_struct_conf.beg_label_seq_id 
_struct_conf.pdbx_beg_PDB_ins_code 
_struct_conf.end_label_comp_id 
_struct_conf.end_label_asym_id 
_struct_conf.end_label_seq_id 
_struct_conf.pdbx_end_PDB_ins_code 
_struct_conf.beg_auth_comp_id 
_struct_conf.beg_auth_asym_id 
_struct_conf.beg_auth_seq_id 
_struct_conf.end_auth_comp_id 
_struct_conf.end_auth_asym_id 
_struct_conf.end_auth_seq_id 
_struct_conf.pdbx_PDB_helix_class 
_struct_conf.details 
_struct_conf.pdbx_PDB_helix_length 
HELX_P HELX_P1 AA1 ARG A 87  ? THR A 91  ? ARG A 87  THR A 91  5 ? 5  
HELX_P HELX_P2 AA2 SER A 104 ? TYR A 113 ? SER A 104 TYR A 113 5 ? 10 
# 
_struct_conf_type.id          HELX_P 
_struct_conf_type.criteria    ? 
_struct_conf_type.reference   ? 
# 
_struct_conn.id                            disulf1 
_struct_conn.conn_type_id                  disulf 
_struct_conn.pdbx_leaving_atom_flag        ? 
_struct_conn.pdbx_PDB_id                   ? 
_struct_conn.ptnr1_label_asym_id           A 
_struct_conn.ptnr1_label_comp_id           CYS 
_struct_conn.ptnr1_label_seq_id            23 
_struct_conn.ptnr1_label_atom_id           SG 
_struct_conn.pdbx_ptnr1_label_alt_id       ? 
_struct_conn.pdbx_ptnr1_PDB_ins_code       ? 
_struct_conn.pdbx_ptnr1_standard_comp_id   ? 
_struct_conn.ptnr1_symmetry                1_555 
_struct_conn.ptnr2_label_asym_id           A 
_struct_conn.ptnr2_label_comp_id           CYS 
_struct_conn.ptnr2_label_seq_id            96 
_struct_conn.ptnr2_label_atom_id           SG 
_struct_conn.pdbx_ptnr2_label_alt_id       ? 
_struct_conn.pdbx_ptnr2_PDB_ins_code       ? 
_struct_conn.ptnr1_auth_asym_id            A 
_struct_conn.ptnr1_auth_comp_id            CYS 
_struct_conn.ptnr1_auth_seq_id             23 
_struct_conn.ptnr2_auth_asym_id            A 
_struct_conn.ptnr2_auth_comp_id            CYS 
_struct_conn.ptnr2_auth_seq_id             96 
_struct_conn.ptnr2_symmetry                1_555 
_struct_conn.pdbx_ptnr3_label_atom_id      ? 
_struct_conn.pdbx_ptnr3_label_seq_id       ? 
_struct_conn.pdbx_ptnr3_label_comp_id      ? 
_struct_conn.pdbx_ptnr3_label_asym_id      ? 
_struct_conn.pdbx_ptnr3_label_alt_id       ? 
_struct_conn.pdbx_ptnr3_PDB_ins_code       ? 
_struct_conn.details                       ? 
_struct_conn.pdbx_dist_value               2.037 
_struct_conn.pdbx_value_order              ? 
_struct_conn.pdbx_role                     ? 
# 
_struct_conn_type.id          disulf 
_struct_conn_type.criteria    ? 
_struct_conn_type.reference   ? 
# 
_pdbx_modification_feature.ordinal                            1 
_pdbx_modification_feature.label_comp_id                      CYS 
_pdbx_modification_feature.label_asym_id                      A 
_pdbx_modification_feature.label_seq_id                       23 
_pdbx_modification_feature.label_alt_id                       ? 
_pdbx_modification_feature.modified_residue_label_comp_id     CYS 
_pdbx_modification_feature.modified_residue_label_asym_id     A 
_pdbx_modification_feature.modified_residue_label_seq_id      96 
_pdbx_modification_feature.modified_residue_label_alt_id      ? 
_pdbx_modification_feature.auth_comp_id                       CYS 
_pdbx_modification_feature.auth_asym_id                       A 
_pdbx_modification_feature.auth_seq_id                        23 
_pdbx_modification_feature.PDB_ins_code                       ? 
_pdbx_modification_feature.symmetry                           1_555 
_pdbx_modification_feature.modified_residue_auth_comp_id      CYS 
_pdbx_modification_feature.modified_residue_auth_asym_id      A 
_pdbx_modification_feature.modified_residue_auth_seq_id       96 
_pdbx_modification_feature.modified_residue_PDB_ins_code      ? 
_pdbx_modification_feature.modified_residue_symmetry          1_555 
_pdbx_modification_feature.comp_id_linking_atom               SG 
_pdbx_modification_feature.modified_residue_id_linking_atom   SG 
_pdbx_modification_feature.modified_residue_id                . 
_pdbx_modification_feature.ref_pcm_id                         . 
_pdbx_modification_feature.ref_comp_id                        . 
_pdbx_modification_feature.type                               None 
_pdbx_modification_feature.category                           'Disulfide bridge' 
# 
loop_
_struct_sheet.id 
_struct_sheet.type 
_struct_sheet.number_strands 
_struct_sheet.details 
AA1 ? 4 ? 
AA2 ? 6 ? 
AA3 ? 4 ? 
# 
loop_
_struct_sheet_order.sheet_id 
_struct_sheet_order.range_id_1 
_struct_sheet_order.range_id_2 
_struct_sheet_order.offset 
_struct_sheet_order.sense 
AA1 1 2 ? anti-parallel 
AA1 2 3 ? anti-parallel 
AA1 3 4 ? anti-parallel 
AA2 1 2 ? parallel      
AA2 2 3 ? anti-parallel 
AA2 3 4 ? anti-parallel 
AA2 4 5 ? anti-parallel 
AA2 5 6 ? anti-parallel 
AA3 1 2 ? parallel      
AA3 2 3 ? anti-parallel 
AA3 3 4 ? anti-parallel 
# 
loop_
_struct_sheet_range.sheet_id 
_struct_sheet_range.id 
_struct_sheet_range.beg_label_comp_id 
_struct_sheet_range.beg_label_asym_id 
_struct_sheet_range.beg_label_seq_id 
_struct_sheet_range.pdbx_beg_PDB_ins_code 
_struct_sheet_range.end_label_comp_id 
_struct_sheet_range.end_label_asym_id 
_struct_sheet_range.end_label_seq_id 
_struct_sheet_range.pdbx_end_PDB_ins_code 
_struct_sheet_range.beg_auth_comp_id 
_struct_sheet_range.beg_auth_asym_id 
_struct_sheet_range.beg_auth_seq_id 
_struct_sheet_range.end_auth_comp_id 
_struct_sheet_range.end_auth_asym_id 
_struct_sheet_range.end_auth_seq_id 
AA1 1 LEU A 5   ? SER A 8   ? LEU A 5   SER A 8   
AA1 2 LEU A 19  ? ALA A 25  ? LEU A 19  ALA A 25  
AA1 3 THR A 78  ? ILE A 83  ? THR A 78  ILE A 83  
AA1 4 PHE A 68  ? ASP A 73  ? PHE A 68  ASP A 73  
AA2 1 GLY A 11  ? VAL A 13  ? GLY A 11  VAL A 13  
AA2 2 THR A 120 ? VAL A 124 ? THR A 120 VAL A 124 
AA2 3 ALA A 92  ? SER A 99  ? ALA A 92  SER A 99  
AA2 4 SER A 34  ? GLN A 40  ? SER A 34  GLN A 40  
AA2 5 GLU A 47  ? ILE A 52  ? GLU A 47  ILE A 52  
AA2 6 LYS A 58  ? ASP A 60  ? LYS A 58  ASP A 60  
AA3 1 GLY A 11  ? VAL A 13  ? GLY A 11  VAL A 13  
AA3 2 THR A 120 ? VAL A 124 ? THR A 120 VAL A 124 
AA3 3 ALA A 92  ? SER A 99  ? ALA A 92  SER A 99  
AA3 4 TYR A 115 ? TRP A 116 ? TYR A 115 TRP A 116 
# 
loop_
_pdbx_struct_sheet_hbond.sheet_id 
_pdbx_struct_sheet_hbond.range_id_1 
_pdbx_struct_sheet_hbond.range_id_2 
_pdbx_struct_sheet_hbond.range_1_label_atom_id 
_pdbx_struct_sheet_hbond.range_1_label_comp_id 
_pdbx_struct_sheet_hbond.range_1_label_asym_id 
_pdbx_struct_sheet_hbond.range_1_label_seq_id 
_pdbx_struct_sheet_hbond.range_1_PDB_ins_code 
_pdbx_struct_sheet_hbond.range_1_auth_atom_id 
_pdbx_struct_sheet_hbond.range_1_auth_comp_id 
_pdbx_struct_sheet_hbond.range_1_auth_asym_id 
_pdbx_struct_sheet_hbond.range_1_auth_seq_id 
_pdbx_struct_sheet_hbond.range_2_label_atom_id 
_pdbx_struct_sheet_hbond.range_2_label_comp_id 
_pdbx_struct_sheet_hbond.range_2_label_asym_id 
_pdbx_struct_sheet_hbond.range_2_label_seq_id 
_pdbx_struct_sheet_hbond.range_2_PDB_ins_code 
_pdbx_struct_sheet_hbond.range_2_auth_atom_id 
_pdbx_struct_sheet_hbond.range_2_auth_comp_id 
_pdbx_struct_sheet_hbond.range_2_auth_asym_id 
_pdbx_struct_sheet_hbond.range_2_auth_seq_id 
AA1 1 2 N VAL A 6   ? N VAL A 6   O ALA A 24  ? O ALA A 24  
AA1 2 3 N LEU A 19  ? N LEU A 19  O ILE A 83  ? O ILE A 83  
AA1 3 4 O THR A 78  ? O THR A 78  N ASP A 73  ? N ASP A 73  
AA2 1 2 N VAL A 13  ? N VAL A 13  O THR A 123 ? O THR A 123 
AA2 2 3 O THR A 120 ? O THR A 120 N TYR A 94  ? N TYR A 94  
AA2 3 4 O TYR A 95  ? O TYR A 95  N PHE A 38  ? N PHE A 38  
AA2 4 5 N MET A 35  ? N MET A 35  O ILE A 52  ? O ILE A 52  
AA2 5 6 N ALA A 51  ? N ALA A 51  O TYR A 59  ? O TYR A 59  
AA3 1 2 N VAL A 13  ? N VAL A 13  O THR A 123 ? O THR A 123 
AA3 2 3 O THR A 120 ? O THR A 120 N TYR A 94  ? N TYR A 94  
AA3 3 4 N SER A 98  ? N SER A 98  O TYR A 115 ? O TYR A 115 
# 
_pdbx_entry_details.entry_id                   8IJZ 
_pdbx_entry_details.compound_details           ? 
_pdbx_entry_details.source_details             ? 
_pdbx_entry_details.nonpolymer_details         ? 
_pdbx_entry_details.sequence_details           ? 
_pdbx_entry_details.has_ligand_of_interest     ? 
_pdbx_entry_details.has_protein_modification   Y 
# 
_pdbx_validate_symm_contact.id                1 
_pdbx_validate_symm_contact.PDB_model_num     1 
_pdbx_validate_symm_contact.auth_atom_id_1    OD1 
_pdbx_validate_symm_contact.auth_asym_id_1    A 
_pdbx_validate_symm_contact.auth_comp_id_1    ASN 
_pdbx_validate_symm_contact.auth_seq_id_1     77 
_pdbx_validate_symm_contact.PDB_ins_code_1    ? 
_pdbx_validate_symm_contact.label_alt_id_1    ? 
_pdbx_validate_symm_contact.site_symmetry_1   1_555 
_pdbx_validate_symm_contact.auth_atom_id_2    NH2 
_pdbx_validate_symm_contact.auth_asym_id_2    A 
_pdbx_validate_symm_contact.auth_comp_id_2    ARG 
_pdbx_validate_symm_contact.auth_seq_id_2     100 
_pdbx_validate_symm_contact.PDB_ins_code_2    ? 
_pdbx_validate_symm_contact.label_alt_id_2    ? 
_pdbx_validate_symm_contact.site_symmetry_2   4_445 
_pdbx_validate_symm_contact.dist              1.97 
# 
loop_
_pdbx_validate_torsion.id 
_pdbx_validate_torsion.PDB_model_num 
_pdbx_validate_torsion.auth_comp_id 
_pdbx_validate_torsion.auth_asym_id 
_pdbx_validate_torsion.auth_seq_id 
_pdbx_validate_torsion.PDB_ins_code 
_pdbx_validate_torsion.label_alt_id 
_pdbx_validate_torsion.phi 
_pdbx_validate_torsion.psi 
1 1 VAL A 49 ? ? -105.25 -64.57 
2 1 LYS A 76 ? ? -160.03 13.34  
# 
_pdbx_validate_planes.id              1 
_pdbx_validate_planes.PDB_model_num   1 
_pdbx_validate_planes.auth_comp_id    ARG 
_pdbx_validate_planes.auth_asym_id    A 
_pdbx_validate_planes.auth_seq_id     100 
_pdbx_validate_planes.PDB_ins_code    ? 
_pdbx_validate_planes.label_alt_id    ? 
_pdbx_validate_planes.rmsd            0.101 
_pdbx_validate_planes.type            'SIDE CHAIN' 
# 
_em_3d_fitting.id                1 
_em_3d_fitting.entry_id          8IJZ 
_em_3d_fitting.method            ? 
_em_3d_fitting.target_criteria   ? 
_em_3d_fitting.details           ? 
_em_3d_fitting.overall_b_value   ? 
_em_3d_fitting.ref_space         ? 
_em_3d_fitting.ref_protocol      ? 
# 
_em_3d_reconstruction.entry_id                    8IJZ 
_em_3d_reconstruction.id                          1 
_em_3d_reconstruction.method                      ? 
_em_3d_reconstruction.algorithm                   ? 
_em_3d_reconstruction.citation_id                 ? 
_em_3d_reconstruction.details                     ? 
_em_3d_reconstruction.resolution                  2.1 
_em_3d_reconstruction.resolution_method           'DIFFRACTION PATTERN/LAYERLINES' 
_em_3d_reconstruction.magnification_calibration   ? 
_em_3d_reconstruction.nominal_pixel_size          ? 
_em_3d_reconstruction.actual_pixel_size           ? 
_em_3d_reconstruction.num_particles               ? 
_em_3d_reconstruction.euler_angles_details        ? 
_em_3d_reconstruction.num_class_averages          ? 
_em_3d_reconstruction.refinement_type             ? 
_em_3d_reconstruction.image_processing_id         1 
_em_3d_reconstruction.symmetry_type               '3D CRYSTAL' 
# 
_em_buffer.id            1 
_em_buffer.specimen_id   1 
_em_buffer.name          ? 
_em_buffer.details       ? 
_em_buffer.pH            7.5 
# 
_em_entity_assembly.id                   1 
_em_entity_assembly.parent_id            0 
_em_entity_assembly.source               RECOMBINANT 
_em_entity_assembly.type                 COMPLEX 
_em_entity_assembly.name                 'anti-VEGF nanobody' 
_em_entity_assembly.details              ? 
_em_entity_assembly.synonym              ? 
_em_entity_assembly.oligomeric_details   ? 
_em_entity_assembly.entity_id_list       1 
# 
_em_imaging.entry_id                        8IJZ 
_em_imaging.id                              1 
_em_imaging.astigmatism                     ? 
_em_imaging.electron_beam_tilt_params       ? 
_em_imaging.residual_tilt                   ? 
_em_imaging.microscope_model                'FEI TECNAI F20' 
_em_imaging.specimen_holder_type            ? 
_em_imaging.specimen_holder_model           ? 
_em_imaging.details                         ? 
_em_imaging.date                            ? 
_em_imaging.accelerating_voltage            200 
_em_imaging.illumination_mode               'FLOOD BEAM' 
_em_imaging.mode                            DIFFRACTION 
_em_imaging.nominal_cs                      ? 
_em_imaging.nominal_defocus_min             0 
_em_imaging.nominal_defocus_max             0 
_em_imaging.calibrated_defocus_min          ? 
_em_imaging.calibrated_defocus_max          ? 
_em_imaging.tilt_angle_min                  ? 
_em_imaging.tilt_angle_max                  ? 
_em_imaging.nominal_magnification           ? 
_em_imaging.calibrated_magnification        ? 
_em_imaging.electron_source                 'FIELD EMISSION GUN' 
_em_imaging.citation_id                     ? 
_em_imaging.temperature                     ? 
_em_imaging.detector_distance               ? 
_em_imaging.recording_temperature_minimum   ? 
_em_imaging.recording_temperature_maximum   ? 
_em_imaging.alignment_procedure             ? 
_em_imaging.c2_aperture_diameter            ? 
_em_imaging.specimen_id                     1 
_em_imaging.cryogen                         ? 
# 
_em_vitrification.entry_id              8IJZ 
_em_vitrification.id                    1 
_em_vitrification.specimen_id           1 
_em_vitrification.cryogen_name          ETHANE 
_em_vitrification.humidity              ? 
_em_vitrification.temp                  ? 
_em_vitrification.chamber_temperature   ? 
_em_vitrification.instrument            ? 
_em_vitrification.method                ? 
_em_vitrification.time_resolved_state   ? 
_em_vitrification.citation_id           ? 
_em_vitrification.details               ? 
# 
_em_experiment.entry_id                8IJZ 
_em_experiment.id                      1 
_em_experiment.reconstruction_method   CRYSTALLOGRAPHY 
_em_experiment.aggregation_state       '3D ARRAY' 
_em_experiment.entity_assembly_id      1 
# 
loop_
_pdbx_unobs_or_zero_occ_residues.id 
_pdbx_unobs_or_zero_occ_residues.PDB_model_num 
_pdbx_unobs_or_zero_occ_residues.polymer_flag 
_pdbx_unobs_or_zero_occ_residues.occupancy_flag 
_pdbx_unobs_or_zero_occ_residues.auth_asym_id 
_pdbx_unobs_or_zero_occ_residues.auth_comp_id 
_pdbx_unobs_or_zero_occ_residues.auth_seq_id 
_pdbx_unobs_or_zero_occ_residues.PDB_ins_code 
_pdbx_unobs_or_zero_occ_residues.label_asym_id 
_pdbx_unobs_or_zero_occ_residues.label_comp_id 
_pdbx_unobs_or_zero_occ_residues.label_seq_id 
1 1 Y 1 A MET 1 ? A MET 1 
2 1 Y 1 A ASP 2 ? A ASP 2 
3 1 Y 1 A VAL 3 ? A VAL 3 
# 
loop_
_chem_comp_atom.comp_id 
_chem_comp_atom.atom_id 
_chem_comp_atom.type_symbol 
_chem_comp_atom.pdbx_aromatic_flag 
_chem_comp_atom.pdbx_stereo_config 
_chem_comp_atom.pdbx_ordinal 
ALA N    N N N 1   
ALA CA   C N S 2   
ALA C    C N N 3   
ALA O    O N N 4   
ALA CB   C N N 5   
ALA OXT  O N N 6   
ALA H    H N N 7   
ALA H2   H N N 8   
ALA HA   H N N 9   
ALA HB1  H N N 10  
ALA HB2  H N N 11  
ALA HB3  H N N 12  
ALA HXT  H N N 13  
ARG N    N N N 14  
ARG CA   C N S 15  
ARG C    C N N 16  
ARG O    O N N 17  
ARG CB   C N N 18  
ARG CG   C N N 19  
ARG CD   C N N 20  
ARG NE   N N N 21  
ARG CZ   C N N 22  
ARG NH1  N N N 23  
ARG NH2  N N N 24  
ARG OXT  O N N 25  
ARG H    H N N 26  
ARG H2   H N N 27  
ARG HA   H N N 28  
ARG HB2  H N N 29  
ARG HB3  H N N 30  
ARG HG2  H N N 31  
ARG HG3  H N N 32  
ARG HD2  H N N 33  
ARG HD3  H N N 34  
ARG HE   H N N 35  
ARG HH11 H N N 36  
ARG HH12 H N N 37  
ARG HH21 H N N 38  
ARG HH22 H N N 39  
ARG HXT  H N N 40  
ASN N    N N N 41  
ASN CA   C N S 42  
ASN C    C N N 43  
ASN O    O N N 44  
ASN CB   C N N 45  
ASN CG   C N N 46  
ASN OD1  O N N 47  
ASN ND2  N N N 48  
ASN OXT  O N N 49  
ASN H    H N N 50  
ASN H2   H N N 51  
ASN HA   H N N 52  
ASN HB2  H N N 53  
ASN HB3  H N N 54  
ASN HD21 H N N 55  
ASN HD22 H N N 56  
ASN HXT  H N N 57  
ASP N    N N N 58  
ASP CA   C N S 59  
ASP C    C N N 60  
ASP O    O N N 61  
ASP CB   C N N 62  
ASP CG   C N N 63  
ASP OD1  O N N 64  
ASP OD2  O N N 65  
ASP OXT  O N N 66  
ASP H    H N N 67  
ASP H2   H N N 68  
ASP HA   H N N 69  
ASP HB2  H N N 70  
ASP HB3  H N N 71  
ASP HD2  H N N 72  
ASP HXT  H N N 73  
CYS N    N N N 74  
CYS CA   C N R 75  
CYS C    C N N 76  
CYS O    O N N 77  
CYS CB   C N N 78  
CYS SG   S N N 79  
CYS OXT  O N N 80  
CYS H    H N N 81  
CYS H2   H N N 82  
CYS HA   H N N 83  
CYS HB2  H N N 84  
CYS HB3  H N N 85  
CYS HG   H N N 86  
CYS HXT  H N N 87  
GLN N    N N N 88  
GLN CA   C N S 89  
GLN C    C N N 90  
GLN O    O N N 91  
GLN CB   C N N 92  
GLN CG   C N N 93  
GLN CD   C N N 94  
GLN OE1  O N N 95  
GLN NE2  N N N 96  
GLN OXT  O N N 97  
GLN H    H N N 98  
GLN H2   H N N 99  
GLN HA   H N N 100 
GLN HB2  H N N 101 
GLN HB3  H N N 102 
GLN HG2  H N N 103 
GLN HG3  H N N 104 
GLN HE21 H N N 105 
GLN HE22 H N N 106 
GLN HXT  H N N 107 
GLU N    N N N 108 
GLU CA   C N S 109 
GLU C    C N N 110 
GLU O    O N N 111 
GLU CB   C N N 112 
GLU CG   C N N 113 
GLU CD   C N N 114 
GLU OE1  O N N 115 
GLU OE2  O N N 116 
GLU OXT  O N N 117 
GLU H    H N N 118 
GLU H2   H N N 119 
GLU HA   H N N 120 
GLU HB2  H N N 121 
GLU HB3  H N N 122 
GLU HG2  H N N 123 
GLU HG3  H N N 124 
GLU HE2  H N N 125 
GLU HXT  H N N 126 
GLY N    N N N 127 
GLY CA   C N N 128 
GLY C    C N N 129 
GLY O    O N N 130 
GLY OXT  O N N 131 
GLY H    H N N 132 
GLY H2   H N N 133 
GLY HA2  H N N 134 
GLY HA3  H N N 135 
GLY HXT  H N N 136 
ILE N    N N N 137 
ILE CA   C N S 138 
ILE C    C N N 139 
ILE O    O N N 140 
ILE CB   C N S 141 
ILE CG1  C N N 142 
ILE CG2  C N N 143 
ILE CD1  C N N 144 
ILE OXT  O N N 145 
ILE H    H N N 146 
ILE H2   H N N 147 
ILE HA   H N N 148 
ILE HB   H N N 149 
ILE HG12 H N N 150 
ILE HG13 H N N 151 
ILE HG21 H N N 152 
ILE HG22 H N N 153 
ILE HG23 H N N 154 
ILE HD11 H N N 155 
ILE HD12 H N N 156 
ILE HD13 H N N 157 
ILE HXT  H N N 158 
LEU N    N N N 159 
LEU CA   C N S 160 
LEU C    C N N 161 
LEU O    O N N 162 
LEU CB   C N N 163 
LEU CG   C N N 164 
LEU CD1  C N N 165 
LEU CD2  C N N 166 
LEU OXT  O N N 167 
LEU H    H N N 168 
LEU H2   H N N 169 
LEU HA   H N N 170 
LEU HB2  H N N 171 
LEU HB3  H N N 172 
LEU HG   H N N 173 
LEU HD11 H N N 174 
LEU HD12 H N N 175 
LEU HD13 H N N 176 
LEU HD21 H N N 177 
LEU HD22 H N N 178 
LEU HD23 H N N 179 
LEU HXT  H N N 180 
LYS N    N N N 181 
LYS CA   C N S 182 
LYS C    C N N 183 
LYS O    O N N 184 
LYS CB   C N N 185 
LYS CG   C N N 186 
LYS CD   C N N 187 
LYS CE   C N N 188 
LYS NZ   N N N 189 
LYS OXT  O N N 190 
LYS H    H N N 191 
LYS H2   H N N 192 
LYS HA   H N N 193 
LYS HB2  H N N 194 
LYS HB3  H N N 195 
LYS HG2  H N N 196 
LYS HG3  H N N 197 
LYS HD2  H N N 198 
LYS HD3  H N N 199 
LYS HE2  H N N 200 
LYS HE3  H N N 201 
LYS HZ1  H N N 202 
LYS HZ2  H N N 203 
LYS HZ3  H N N 204 
LYS HXT  H N N 205 
MET N    N N N 206 
MET CA   C N S 207 
MET C    C N N 208 
MET O    O N N 209 
MET CB   C N N 210 
MET CG   C N N 211 
MET SD   S N N 212 
MET CE   C N N 213 
MET OXT  O N N 214 
MET H    H N N 215 
MET H2   H N N 216 
MET HA   H N N 217 
MET HB2  H N N 218 
MET HB3  H N N 219 
MET HG2  H N N 220 
MET HG3  H N N 221 
MET HE1  H N N 222 
MET HE2  H N N 223 
MET HE3  H N N 224 
MET HXT  H N N 225 
PHE N    N N N 226 
PHE CA   C N S 227 
PHE C    C N N 228 
PHE O    O N N 229 
PHE CB   C N N 230 
PHE CG   C Y N 231 
PHE CD1  C Y N 232 
PHE CD2  C Y N 233 
PHE CE1  C Y N 234 
PHE CE2  C Y N 235 
PHE CZ   C Y N 236 
PHE OXT  O N N 237 
PHE H    H N N 238 
PHE H2   H N N 239 
PHE HA   H N N 240 
PHE HB2  H N N 241 
PHE HB3  H N N 242 
PHE HD1  H N N 243 
PHE HD2  H N N 244 
PHE HE1  H N N 245 
PHE HE2  H N N 246 
PHE HZ   H N N 247 
PHE HXT  H N N 248 
PRO N    N N N 249 
PRO CA   C N S 250 
PRO C    C N N 251 
PRO O    O N N 252 
PRO CB   C N N 253 
PRO CG   C N N 254 
PRO CD   C N N 255 
PRO OXT  O N N 256 
PRO H    H N N 257 
PRO HA   H N N 258 
PRO HB2  H N N 259 
PRO HB3  H N N 260 
PRO HG2  H N N 261 
PRO HG3  H N N 262 
PRO HD2  H N N 263 
PRO HD3  H N N 264 
PRO HXT  H N N 265 
SER N    N N N 266 
SER CA   C N S 267 
SER C    C N N 268 
SER O    O N N 269 
SER CB   C N N 270 
SER OG   O N N 271 
SER OXT  O N N 272 
SER H    H N N 273 
SER H2   H N N 274 
SER HA   H N N 275 
SER HB2  H N N 276 
SER HB3  H N N 277 
SER HG   H N N 278 
SER HXT  H N N 279 
THR N    N N N 280 
THR CA   C N S 281 
THR C    C N N 282 
THR O    O N N 283 
THR CB   C N R 284 
THR OG1  O N N 285 
THR CG2  C N N 286 
THR OXT  O N N 287 
THR H    H N N 288 
THR H2   H N N 289 
THR HA   H N N 290 
THR HB   H N N 291 
THR HG1  H N N 292 
THR HG21 H N N 293 
THR HG22 H N N 294 
THR HG23 H N N 295 
THR HXT  H N N 296 
TRP N    N N N 297 
TRP CA   C N S 298 
TRP C    C N N 299 
TRP O    O N N 300 
TRP CB   C N N 301 
TRP CG   C Y N 302 
TRP CD1  C Y N 303 
TRP CD2  C Y N 304 
TRP NE1  N Y N 305 
TRP CE2  C Y N 306 
TRP CE3  C Y N 307 
TRP CZ2  C Y N 308 
TRP CZ3  C Y N 309 
TRP CH2  C Y N 310 
TRP OXT  O N N 311 
TRP H    H N N 312 
TRP H2   H N N 313 
TRP HA   H N N 314 
TRP HB2  H N N 315 
TRP HB3  H N N 316 
TRP HD1  H N N 317 
TRP HE1  H N N 318 
TRP HE3  H N N 319 
TRP HZ2  H N N 320 
TRP HZ3  H N N 321 
TRP HH2  H N N 322 
TRP HXT  H N N 323 
TYR N    N N N 324 
TYR CA   C N S 325 
TYR C    C N N 326 
TYR O    O N N 327 
TYR CB   C N N 328 
TYR CG   C Y N 329 
TYR CD1  C Y N 330 
TYR CD2  C Y N 331 
TYR CE1  C Y N 332 
TYR CE2  C Y N 333 
TYR CZ   C Y N 334 
TYR OH   O N N 335 
TYR OXT  O N N 336 
TYR H    H N N 337 
TYR H2   H N N 338 
TYR HA   H N N 339 
TYR HB2  H N N 340 
TYR HB3  H N N 341 
TYR HD1  H N N 342 
TYR HD2  H N N 343 
TYR HE1  H N N 344 
TYR HE2  H N N 345 
TYR HH   H N N 346 
TYR HXT  H N N 347 
VAL N    N N N 348 
VAL CA   C N S 349 
VAL C    C N N 350 
VAL O    O N N 351 
VAL CB   C N N 352 
VAL CG1  C N N 353 
VAL CG2  C N N 354 
VAL OXT  O N N 355 
VAL H    H N N 356 
VAL H2   H N N 357 
VAL HA   H N N 358 
VAL HB   H N N 359 
VAL HG11 H N N 360 
VAL HG12 H N N 361 
VAL HG13 H N N 362 
VAL HG21 H N N 363 
VAL HG22 H N N 364 
VAL HG23 H N N 365 
VAL HXT  H N N 366 
# 
loop_
_chem_comp_bond.comp_id 
_chem_comp_bond.atom_id_1 
_chem_comp_bond.atom_id_2 
_chem_comp_bond.value_order 
_chem_comp_bond.pdbx_aromatic_flag 
_chem_comp_bond.pdbx_stereo_config 
_chem_comp_bond.pdbx_ordinal 
ALA N   CA   sing N N 1   
ALA N   H    sing N N 2   
ALA N   H2   sing N N 3   
ALA CA  C    sing N N 4   
ALA CA  CB   sing N N 5   
ALA CA  HA   sing N N 6   
ALA C   O    doub N N 7   
ALA C   OXT  sing N N 8   
ALA CB  HB1  sing N N 9   
ALA CB  HB2  sing N N 10  
ALA CB  HB3  sing N N 11  
ALA OXT HXT  sing N N 12  
ARG N   CA   sing N N 13  
ARG N   H    sing N N 14  
ARG N   H2   sing N N 15  
ARG CA  C    sing N N 16  
ARG CA  CB   sing N N 17  
ARG CA  HA   sing N N 18  
ARG C   O    doub N N 19  
ARG C   OXT  sing N N 20  
ARG CB  CG   sing N N 21  
ARG CB  HB2  sing N N 22  
ARG CB  HB3  sing N N 23  
ARG CG  CD   sing N N 24  
ARG CG  HG2  sing N N 25  
ARG CG  HG3  sing N N 26  
ARG CD  NE   sing N N 27  
ARG CD  HD2  sing N N 28  
ARG CD  HD3  sing N N 29  
ARG NE  CZ   sing N N 30  
ARG NE  HE   sing N N 31  
ARG CZ  NH1  sing N N 32  
ARG CZ  NH2  doub N N 33  
ARG NH1 HH11 sing N N 34  
ARG NH1 HH12 sing N N 35  
ARG NH2 HH21 sing N N 36  
ARG NH2 HH22 sing N N 37  
ARG OXT HXT  sing N N 38  
ASN N   CA   sing N N 39  
ASN N   H    sing N N 40  
ASN N   H2   sing N N 41  
ASN CA  C    sing N N 42  
ASN CA  CB   sing N N 43  
ASN CA  HA   sing N N 44  
ASN C   O    doub N N 45  
ASN C   OXT  sing N N 46  
ASN CB  CG   sing N N 47  
ASN CB  HB2  sing N N 48  
ASN CB  HB3  sing N N 49  
ASN CG  OD1  doub N N 50  
ASN CG  ND2  sing N N 51  
ASN ND2 HD21 sing N N 52  
ASN ND2 HD22 sing N N 53  
ASN OXT HXT  sing N N 54  
ASP N   CA   sing N N 55  
ASP N   H    sing N N 56  
ASP N   H2   sing N N 57  
ASP CA  C    sing N N 58  
ASP CA  CB   sing N N 59  
ASP CA  HA   sing N N 60  
ASP C   O    doub N N 61  
ASP C   OXT  sing N N 62  
ASP CB  CG   sing N N 63  
ASP CB  HB2  sing N N 64  
ASP CB  HB3  sing N N 65  
ASP CG  OD1  doub N N 66  
ASP CG  OD2  sing N N 67  
ASP OD2 HD2  sing N N 68  
ASP OXT HXT  sing N N 69  
CYS N   CA   sing N N 70  
CYS N   H    sing N N 71  
CYS N   H2   sing N N 72  
CYS CA  C    sing N N 73  
CYS CA  CB   sing N N 74  
CYS CA  HA   sing N N 75  
CYS C   O    doub N N 76  
CYS C   OXT  sing N N 77  
CYS CB  SG   sing N N 78  
CYS CB  HB2  sing N N 79  
CYS CB  HB3  sing N N 80  
CYS SG  HG   sing N N 81  
CYS OXT HXT  sing N N 82  
GLN N   CA   sing N N 83  
GLN N   H    sing N N 84  
GLN N   H2   sing N N 85  
GLN CA  C    sing N N 86  
GLN CA  CB   sing N N 87  
GLN CA  HA   sing N N 88  
GLN C   O    doub N N 89  
GLN C   OXT  sing N N 90  
GLN CB  CG   sing N N 91  
GLN CB  HB2  sing N N 92  
GLN CB  HB3  sing N N 93  
GLN CG  CD   sing N N 94  
GLN CG  HG2  sing N N 95  
GLN CG  HG3  sing N N 96  
GLN CD  OE1  doub N N 97  
GLN CD  NE2  sing N N 98  
GLN NE2 HE21 sing N N 99  
GLN NE2 HE22 sing N N 100 
GLN OXT HXT  sing N N 101 
GLU N   CA   sing N N 102 
GLU N   H    sing N N 103 
GLU N   H2   sing N N 104 
GLU CA  C    sing N N 105 
GLU CA  CB   sing N N 106 
GLU CA  HA   sing N N 107 
GLU C   O    doub N N 108 
GLU C   OXT  sing N N 109 
GLU CB  CG   sing N N 110 
GLU CB  HB2  sing N N 111 
GLU CB  HB3  sing N N 112 
GLU CG  CD   sing N N 113 
GLU CG  HG2  sing N N 114 
GLU CG  HG3  sing N N 115 
GLU CD  OE1  doub N N 116 
GLU CD  OE2  sing N N 117 
GLU OE2 HE2  sing N N 118 
GLU OXT HXT  sing N N 119 
GLY N   CA   sing N N 120 
GLY N   H    sing N N 121 
GLY N   H2   sing N N 122 
GLY CA  C    sing N N 123 
GLY CA  HA2  sing N N 124 
GLY CA  HA3  sing N N 125 
GLY C   O    doub N N 126 
GLY C   OXT  sing N N 127 
GLY OXT HXT  sing N N 128 
ILE N   CA   sing N N 129 
ILE N   H    sing N N 130 
ILE N   H2   sing N N 131 
ILE CA  C    sing N N 132 
ILE CA  CB   sing N N 133 
ILE CA  HA   sing N N 134 
ILE C   O    doub N N 135 
ILE C   OXT  sing N N 136 
ILE CB  CG1  sing N N 137 
ILE CB  CG2  sing N N 138 
ILE CB  HB   sing N N 139 
ILE CG1 CD1  sing N N 140 
ILE CG1 HG12 sing N N 141 
ILE CG1 HG13 sing N N 142 
ILE CG2 HG21 sing N N 143 
ILE CG2 HG22 sing N N 144 
ILE CG2 HG23 sing N N 145 
ILE CD1 HD11 sing N N 146 
ILE CD1 HD12 sing N N 147 
ILE CD1 HD13 sing N N 148 
ILE OXT HXT  sing N N 149 
LEU N   CA   sing N N 150 
LEU N   H    sing N N 151 
LEU N   H2   sing N N 152 
LEU CA  C    sing N N 153 
LEU CA  CB   sing N N 154 
LEU CA  HA   sing N N 155 
LEU C   O    doub N N 156 
LEU C   OXT  sing N N 157 
LEU CB  CG   sing N N 158 
LEU CB  HB2  sing N N 159 
LEU CB  HB3  sing N N 160 
LEU CG  CD1  sing N N 161 
LEU CG  CD2  sing N N 162 
LEU CG  HG   sing N N 163 
LEU CD1 HD11 sing N N 164 
LEU CD1 HD12 sing N N 165 
LEU CD1 HD13 sing N N 166 
LEU CD2 HD21 sing N N 167 
LEU CD2 HD22 sing N N 168 
LEU CD2 HD23 sing N N 169 
LEU OXT HXT  sing N N 170 
LYS N   CA   sing N N 171 
LYS N   H    sing N N 172 
LYS N   H2   sing N N 173 
LYS CA  C    sing N N 174 
LYS CA  CB   sing N N 175 
LYS CA  HA   sing N N 176 
LYS C   O    doub N N 177 
LYS C   OXT  sing N N 178 
LYS CB  CG   sing N N 179 
LYS CB  HB2  sing N N 180 
LYS CB  HB3  sing N N 181 
LYS CG  CD   sing N N 182 
LYS CG  HG2  sing N N 183 
LYS CG  HG3  sing N N 184 
LYS CD  CE   sing N N 185 
LYS CD  HD2  sing N N 186 
LYS CD  HD3  sing N N 187 
LYS CE  NZ   sing N N 188 
LYS CE  HE2  sing N N 189 
LYS CE  HE3  sing N N 190 
LYS NZ  HZ1  sing N N 191 
LYS NZ  HZ2  sing N N 192 
LYS NZ  HZ3  sing N N 193 
LYS OXT HXT  sing N N 194 
MET N   CA   sing N N 195 
MET N   H    sing N N 196 
MET N   H2   sing N N 197 
MET CA  C    sing N N 198 
MET CA  CB   sing N N 199 
MET CA  HA   sing N N 200 
MET C   O    doub N N 201 
MET C   OXT  sing N N 202 
MET CB  CG   sing N N 203 
MET CB  HB2  sing N N 204 
MET CB  HB3  sing N N 205 
MET CG  SD   sing N N 206 
MET CG  HG2  sing N N 207 
MET CG  HG3  sing N N 208 
MET SD  CE   sing N N 209 
MET CE  HE1  sing N N 210 
MET CE  HE2  sing N N 211 
MET CE  HE3  sing N N 212 
MET OXT HXT  sing N N 213 
PHE N   CA   sing N N 214 
PHE N   H    sing N N 215 
PHE N   H2   sing N N 216 
PHE CA  C    sing N N 217 
PHE CA  CB   sing N N 218 
PHE CA  HA   sing N N 219 
PHE C   O    doub N N 220 
PHE C   OXT  sing N N 221 
PHE CB  CG   sing N N 222 
PHE CB  HB2  sing N N 223 
PHE CB  HB3  sing N N 224 
PHE CG  CD1  doub Y N 225 
PHE CG  CD2  sing Y N 226 
PHE CD1 CE1  sing Y N 227 
PHE CD1 HD1  sing N N 228 
PHE CD2 CE2  doub Y N 229 
PHE CD2 HD2  sing N N 230 
PHE CE1 CZ   doub Y N 231 
PHE CE1 HE1  sing N N 232 
PHE CE2 CZ   sing Y N 233 
PHE CE2 HE2  sing N N 234 
PHE CZ  HZ   sing N N 235 
PHE OXT HXT  sing N N 236 
PRO N   CA   sing N N 237 
PRO N   CD   sing N N 238 
PRO N   H    sing N N 239 
PRO CA  C    sing N N 240 
PRO CA  CB   sing N N 241 
PRO CA  HA   sing N N 242 
PRO C   O    doub N N 243 
PRO C   OXT  sing N N 244 
PRO CB  CG   sing N N 245 
PRO CB  HB2  sing N N 246 
PRO CB  HB3  sing N N 247 
PRO CG  CD   sing N N 248 
PRO CG  HG2  sing N N 249 
PRO CG  HG3  sing N N 250 
PRO CD  HD2  sing N N 251 
PRO CD  HD3  sing N N 252 
PRO OXT HXT  sing N N 253 
SER N   CA   sing N N 254 
SER N   H    sing N N 255 
SER N   H2   sing N N 256 
SER CA  C    sing N N 257 
SER CA  CB   sing N N 258 
SER CA  HA   sing N N 259 
SER C   O    doub N N 260 
SER C   OXT  sing N N 261 
SER CB  OG   sing N N 262 
SER CB  HB2  sing N N 263 
SER CB  HB3  sing N N 264 
SER OG  HG   sing N N 265 
SER OXT HXT  sing N N 266 
THR N   CA   sing N N 267 
THR N   H    sing N N 268 
THR N   H2   sing N N 269 
THR CA  C    sing N N 270 
THR CA  CB   sing N N 271 
THR CA  HA   sing N N 272 
THR C   O    doub N N 273 
THR C   OXT  sing N N 274 
THR CB  OG1  sing N N 275 
THR CB  CG2  sing N N 276 
THR CB  HB   sing N N 277 
THR OG1 HG1  sing N N 278 
THR CG2 HG21 sing N N 279 
THR CG2 HG22 sing N N 280 
THR CG2 HG23 sing N N 281 
THR OXT HXT  sing N N 282 
TRP N   CA   sing N N 283 
TRP N   H    sing N N 284 
TRP N   H2   sing N N 285 
TRP CA  C    sing N N 286 
TRP CA  CB   sing N N 287 
TRP CA  HA   sing N N 288 
TRP C   O    doub N N 289 
TRP C   OXT  sing N N 290 
TRP CB  CG   sing N N 291 
TRP CB  HB2  sing N N 292 
TRP CB  HB3  sing N N 293 
TRP CG  CD1  doub Y N 294 
TRP CG  CD2  sing Y N 295 
TRP CD1 NE1  sing Y N 296 
TRP CD1 HD1  sing N N 297 
TRP CD2 CE2  doub Y N 298 
TRP CD2 CE3  sing Y N 299 
TRP NE1 CE2  sing Y N 300 
TRP NE1 HE1  sing N N 301 
TRP CE2 CZ2  sing Y N 302 
TRP CE3 CZ3  doub Y N 303 
TRP CE3 HE3  sing N N 304 
TRP CZ2 CH2  doub Y N 305 
TRP CZ2 HZ2  sing N N 306 
TRP CZ3 CH2  sing Y N 307 
TRP CZ3 HZ3  sing N N 308 
TRP CH2 HH2  sing N N 309 
TRP OXT HXT  sing N N 310 
TYR N   CA   sing N N 311 
TYR N   H    sing N N 312 
TYR N   H2   sing N N 313 
TYR CA  C    sing N N 314 
TYR CA  CB   sing N N 315 
TYR CA  HA   sing N N 316 
TYR C   O    doub N N 317 
TYR C   OXT  sing N N 318 
TYR CB  CG   sing N N 319 
TYR CB  HB2  sing N N 320 
TYR CB  HB3  sing N N 321 
TYR CG  CD1  doub Y N 322 
TYR CG  CD2  sing Y N 323 
TYR CD1 CE1  sing Y N 324 
TYR CD1 HD1  sing N N 325 
TYR CD2 CE2  doub Y N 326 
TYR CD2 HD2  sing N N 327 
TYR CE1 CZ   doub Y N 328 
TYR CE1 HE1  sing N N 329 
TYR CE2 CZ   sing Y N 330 
TYR CE2 HE2  sing N N 331 
TYR CZ  OH   sing N N 332 
TYR OH  HH   sing N N 333 
TYR OXT HXT  sing N N 334 
VAL N   CA   sing N N 335 
VAL N   H    sing N N 336 
VAL N   H2   sing N N 337 
VAL CA  C    sing N N 338 
VAL CA  CB   sing N N 339 
VAL CA  HA   sing N N 340 
VAL C   O    doub N N 341 
VAL C   OXT  sing N N 342 
VAL CB  CG1  sing N N 343 
VAL CB  CG2  sing N N 344 
VAL CB  HB   sing N N 345 
VAL CG1 HG11 sing N N 346 
VAL CG1 HG12 sing N N 347 
VAL CG1 HG13 sing N N 348 
VAL CG2 HG21 sing N N 349 
VAL CG2 HG22 sing N N 350 
VAL CG2 HG23 sing N N 351 
VAL OXT HXT  sing N N 352 
# 
_em_3d_crystal_entity.angle_alpha           90 
_em_3d_crystal_entity.angle_beta            90 
_em_3d_crystal_entity.angle_gamma           90 
_em_3d_crystal_entity.image_processing_id   1 
_em_3d_crystal_entity.id                    1 
_em_3d_crystal_entity.length_a              31.22 
_em_3d_crystal_entity.length_b              41.09 
_em_3d_crystal_entity.length_c              74.05 
_em_3d_crystal_entity.space_group_name      'P 212121' 
_em_3d_crystal_entity.space_group_num       19 
# 
_em_ctf_correction.details                  ? 
_em_ctf_correction.em_image_processing_id   1 
_em_ctf_correction.id                       1 
_em_ctf_correction.type                     NONE 
# 
_em_diffraction_shell.em_diffraction_stats_id   1 
_em_diffraction_shell.fourier_space_coverage    83.1 
_em_diffraction_shell.high_resolution           2.1 
_em_diffraction_shell.id                        1 
_em_diffraction_shell.low_resolution            2.175 
_em_diffraction_shell.multiplicity              9.21 
_em_diffraction_shell.num_structure_factors     463 
_em_diffraction_shell.phase_residual            0.1 
# 
_em_diffraction_stats.details                          ? 
_em_diffraction_stats.fourier_space_coverage           83.1 
_em_diffraction_stats.high_resolution                  2.1 
_em_diffraction_stats.id                               1 
_em_diffraction_stats.image_processing_id              1 
_em_diffraction_stats.num_intensities_measured         47239 
_em_diffraction_stats.num_structure_factors            4937 
_em_diffraction_stats.overall_phase_error              ? 
_em_diffraction_stats.overall_phase_residual           ? 
_em_diffraction_stats.phase_error_rejection_criteria   60 
_em_diffraction_stats.r_merge                          0.158 
_em_diffraction_stats.r_sym                            ? 
# 
_em_entity_assembly_naturalsource.cell                 ? 
_em_entity_assembly_naturalsource.cellular_location    ? 
_em_entity_assembly_naturalsource.entity_assembly_id   1 
_em_entity_assembly_naturalsource.id                   2 
_em_entity_assembly_naturalsource.ncbi_tax_id          9606 
_em_entity_assembly_naturalsource.organism             'Homo sapiens' 
_em_entity_assembly_naturalsource.organelle            ? 
_em_entity_assembly_naturalsource.organ                ? 
_em_entity_assembly_naturalsource.strain               ? 
_em_entity_assembly_naturalsource.tissue               ? 
# 
_em_entity_assembly_recombinant.cell                 ? 
_em_entity_assembly_recombinant.entity_assembly_id   1 
_em_entity_assembly_recombinant.id                   1 
_em_entity_assembly_recombinant.ncbi_tax_id          562 
_em_entity_assembly_recombinant.organism             'Escherichia coli' 
_em_entity_assembly_recombinant.plasmid              ? 
_em_entity_assembly_recombinant.strain               ? 
# 
_em_image_processing.details              ? 
_em_image_processing.id                   1 
_em_image_processing.image_recording_id   1 
# 
_em_image_recording.average_exposure_time               ? 
_em_image_recording.avg_electron_dose_per_subtomogram   ? 
_em_image_recording.avg_electron_dose_per_image         0.0286 
_em_image_recording.details                             ? 
_em_image_recording.detector_mode                       ? 
_em_image_recording.film_or_detector_model              'GATAN ULTRASCAN 4000 (4k x 4k)' 
_em_image_recording.id                                  1 
_em_image_recording.imaging_id                          1 
_em_image_recording.num_diffraction_images              ? 
_em_image_recording.num_grids_imaged                    ? 
_em_image_recording.num_real_images                     ? 
# 
loop_
_em_software.category 
_em_software.details 
_em_software.id 
_em_software.image_processing_id 
_em_software.fitting_id 
_em_software.imaging_id 
_em_software.name 
_em_software.version 
'IMAGE ACQUISITION'             ? 1  ? ? 1 ? ? 
MASKING                         ? 2  ? ? ? ? ? 
'CTF CORRECTION'                ? 3  1 ? ? ? ? 
'LAYERLINE INDEXING'            ? 4  ? ? ? ? ? 
'DIFFRACTION INDEXING'          ? 5  ? ? ? ? ? 
'MODEL FITTING'                 ? 6  ? 1 ? ? ? 
OTHER                           ? 7  ? ? ? ? ? 
'MODEL REFINEMENT'              ? 8  ? 1 ? ? ? 
'MOLECULAR REPLACEMENT'         ? 9  1 ? ? ? ? 
'LATTICE DISTORTION CORRECTION' ? 10 1 ? ? ? ? 
'SYMMETRY DETERMINATION'        ? 11 1 ? ? ? ? 
'CRYSTALLOGRAPHY MERGING'       ? 12 1 ? ? ? ? 
RECONSTRUCTION                  ? 13 1 ? ? ? ? 
# 
_em_specimen.concentration           ? 
_em_specimen.details                 ? 
_em_specimen.embedding_applied       NO 
_em_specimen.experiment_id           1 
_em_specimen.id                      1 
_em_specimen.shadowing_applied       NO 
_em_specimen.staining_applied        NO 
_em_specimen.vitrification_applied   YES 
# 
_pdbx_audit_support.funding_organization   'National Natural Science Foundation of China (NSFC)' 
_pdbx_audit_support.country                China 
_pdbx_audit_support.grant_number           ? 
_pdbx_audit_support.ordinal                1 
# 
_atom_sites.entry_id                    8IJZ 
_atom_sites.Cartn_transf_matrix[1][1]   ? 
_atom_sites.Cartn_transf_matrix[1][2]   ? 
_atom_sites.Cartn_transf_matrix[1][3]   ? 
_atom_sites.Cartn_transf_matrix[2][1]   ? 
_atom_sites.Cartn_transf_matrix[2][2]   ? 
_atom_sites.Cartn_transf_matrix[2][3]   ? 
_atom_sites.Cartn_transf_matrix[3][1]   ? 
_atom_sites.Cartn_transf_matrix[3][2]   ? 
_atom_sites.Cartn_transf_matrix[3][3]   ? 
_atom_sites.Cartn_transf_vector[1]      ? 
_atom_sites.Cartn_transf_vector[2]      ? 
_atom_sites.Cartn_transf_vector[3]      ? 
_atom_sites.fract_transf_matrix[1][1]   0.01125870 
_atom_sites.fract_transf_matrix[1][2]   0.01856909 
_atom_sites.fract_transf_matrix[1][3]   0.02354603 
_atom_sites.fract_transf_matrix[2][1]   -0.00014537 
_atom_sites.fract_transf_matrix[2][2]   0.01914295 
_atom_sites.fract_transf_matrix[2][3]   -0.01502717 
_atom_sites.fract_transf_matrix[3][1]   -0.01264205 
_atom_sites.fract_transf_matrix[3][2]   0.00287153 
_atom_sites.fract_transf_matrix[3][3]   0.00378031 
_atom_sites.fract_transf_vector[1]      0.230830 
_atom_sites.fract_transf_vector[2]      -0.156418 
_atom_sites.fract_transf_vector[3]      -0.216498 
_atom_sites.solution_primary            ? 
_atom_sites.solution_secondary          ? 
_atom_sites.solution_hydrogens          ? 
_atom_sites.special_details             ? 
# 
loop_
_atom_type.symbol 
C 
N 
O 
S 
# 
loop_
_atom_site.group_PDB 
_atom_site.id 
_atom_site.type_symbol 
_atom_site.label_atom_id 
_atom_site.label_alt_id 
_atom_site.label_comp_id 
_atom_site.label_asym_id 
_atom_site.label_entity_id 
_atom_site.label_seq_id 
_atom_site.pdbx_PDB_ins_code 
_atom_site.Cartn_x 
_atom_site.Cartn_y 
_atom_site.Cartn_z 
_atom_site.occupancy 
_atom_site.B_iso_or_equiv 
_atom_site.pdbx_formal_charge 
_atom_site.auth_seq_id 
_atom_site.auth_comp_id 
_atom_site.auth_asym_id 
_atom_site.auth_atom_id 
_atom_site.pdbx_PDB_model_num 
ATOM 1   N N   . GLN A 1 4   ? -4.818  -4.812  14.196  1.00 54.75  ? 4   GLN A N   1 
ATOM 2   C CA  . GLN A 1 4   ? -5.989  -4.502  13.377  1.00 52.60  ? 4   GLN A CA  1 
ATOM 3   C C   . GLN A 1 4   ? -5.699  -4.694  11.891  1.00 47.91  ? 4   GLN A C   1 
ATOM 4   O O   . GLN A 1 4   ? -6.495  -5.316  11.199  1.00 50.31  ? 4   GLN A O   1 
ATOM 5   C CB  . GLN A 1 4   ? -6.491  -3.068  13.595  1.00 45.04  ? 4   GLN A CB  1 
ATOM 6   C CG  . GLN A 1 4   ? -6.205  -2.448  14.925  1.00 42.08  ? 4   GLN A CG  1 
ATOM 7   C CD  . GLN A 1 4   ? -7.228  -1.390  15.282  1.00 55.57  ? 4   GLN A CD  1 
ATOM 8   O OE1 . GLN A 1 4   ? -8.272  -1.270  14.634  1.00 52.95  ? 4   GLN A OE1 1 
ATOM 9   N NE2 . GLN A 1 4   ? -6.936  -0.611  16.320  1.00 66.73  ? 4   GLN A NE2 1 
ATOM 10  N N   . LEU A 1 5   ? -4.580  -4.176  11.386  1.00 34.94  ? 5   LEU A N   1 
ATOM 11  C CA  . LEU A 1 5   ? -4.242  -4.346  9.973   1.00 39.71  ? 5   LEU A CA  1 
ATOM 12  C C   . LEU A 1 5   ? -3.167  -5.406  9.838   1.00 34.07  ? 5   LEU A C   1 
ATOM 13  O O   . LEU A 1 5   ? -2.131  -5.330  10.503  1.00 32.47  ? 5   LEU A O   1 
ATOM 14  C CB  . LEU A 1 5   ? -3.756  -3.047  9.328   1.00 31.17  ? 5   LEU A CB  1 
ATOM 15  C CG  . LEU A 1 5   ? -4.576  -1.785  9.624   1.00 39.59  ? 5   LEU A CG  1 
ATOM 16  C CD1 . LEU A 1 5   ? -3.792  -0.553  9.185   1.00 37.57  ? 5   LEU A CD1 1 
ATOM 17  C CD2 . LEU A 1 5   ? -5.918  -1.838  8.919   1.00 37.01  ? 5   LEU A CD2 1 
ATOM 18  N N   . VAL A 1 6   ? -3.399  -6.367  8.950   1.00 35.52  ? 6   VAL A N   1 
ATOM 19  C CA  . VAL A 1 6   ? -2.467  -7.458  8.705   1.00 33.18  ? 6   VAL A CA  1 
ATOM 20  C C   . VAL A 1 6   ? -2.276  -7.586  7.196   1.00 35.24  ? 6   VAL A C   1 
ATOM 21  O O   . VAL A 1 6   ? -3.244  -7.839  6.466   1.00 37.60  ? 6   VAL A O   1 
ATOM 22  C CB  . VAL A 1 6   ? -2.985  -8.776  9.317   1.00 33.61  ? 6   VAL A CB  1 
ATOM 23  C CG1 . VAL A 1 6   ? -2.031  -9.902  9.052   1.00 39.42  ? 6   VAL A CG1 1 
ATOM 24  C CG2 . VAL A 1 6   ? -3.221  -8.603  10.806  1.00 34.68  ? 6   VAL A CG2 1 
ATOM 25  N N   . GLU A 1 7   ? -1.041  -7.399  6.731   1.00 26.62  ? 7   GLU A N   1 
ATOM 26  C CA  . GLU A 1 7   ? -0.704  -7.496  5.321   1.00 31.01  ? 7   GLU A CA  1 
ATOM 27  C C   . GLU A 1 7   ? -0.311  -8.920  4.964   1.00 33.72  ? 7   GLU A C   1 
ATOM 28  O O   . GLU A 1 7   ? 0.196   -9.671  5.802   1.00 37.82  ? 7   GLU A O   1 
ATOM 29  C CB  . GLU A 1 7   ? 0.448   -6.550  4.969   1.00 29.32  ? 7   GLU A CB  1 
ATOM 30  C CG  . GLU A 1 7   ? 0.145   -5.101  5.243   1.00 35.05  ? 7   GLU A CG  1 
ATOM 31  C CD  . GLU A 1 7   ? 0.700   -4.588  6.597   1.00 33.03  ? 7   GLU A CD  1 
ATOM 32  O OE1 . GLU A 1 7   ? 0.848   -5.389  7.554   1.00 31.01  ? 7   GLU A OE1 1 
ATOM 33  O OE2 . GLU A 1 7   ? 0.975   -3.376  6.681   1.00 32.32  ? 7   GLU A OE2 1 
ATOM 34  N N   . SER A 1 8   ? -0.548  -9.295  3.712   1.00 31.43  ? 8   SER A N   1 
ATOM 35  C CA  . SER A 1 8   ? -0.134  -10.613 3.239   1.00 38.89  ? 8   SER A CA  1 
ATOM 36  C C   . SER A 1 8   ? 0.213   -10.510 1.769   1.00 30.11  ? 8   SER A C   1 
ATOM 37  O O   . SER A 1 8   ? -0.104  -9.522  1.107   1.00 31.18  ? 8   SER A O   1 
ATOM 38  C CB  . SER A 1 8   ? -1.217  -11.687 3.455   1.00 34.93  ? 8   SER A CB  1 
ATOM 39  O OG  . SER A 1 8   ? -0.989  -12.358 4.679   1.00 47.85  ? 8   SER A OG  1 
ATOM 40  N N   . GLY A 1 9   ? 0.889   -11.537 1.271   1.00 32.29  ? 9   GLY A N   1 
ATOM 41  C CA  . GLY A 1 9   ? 1.256   -11.622 -0.132  1.00 35.13  ? 9   GLY A CA  1 
ATOM 42  C C   . GLY A 1 9   ? 2.736   -11.494 -0.396  1.00 37.89  ? 9   GLY A C   1 
ATOM 43  O O   . GLY A 1 9   ? 3.173   -11.752 -1.523  1.00 40.11  ? 9   GLY A O   1 
ATOM 44  N N   . GLY A 1 10  ? 3.520   -11.094 0.590   1.00 38.29  ? 10  GLY A N   1 
ATOM 45  C CA  . GLY A 1 10  ? 4.940   -10.921 0.371   1.00 36.24  ? 10  GLY A CA  1 
ATOM 46  C C   . GLY A 1 10  ? 5.630   -12.235 0.058   1.00 35.83  ? 10  GLY A C   1 
ATOM 47  O O   . GLY A 1 10  ? 5.090   -13.326 0.223   1.00 42.57  ? 10  GLY A O   1 
ATOM 48  N N   . GLY A 1 11  ? 6.865   -12.114 -0.383  1.00 38.52  ? 11  GLY A N   1 
ATOM 49  C CA  . GLY A 1 11  ? 7.638   -13.266 -0.794  1.00 35.60  ? 11  GLY A CA  1 
ATOM 50  C C   . GLY A 1 11  ? 8.588   -12.872 -1.904  1.00 36.64  ? 11  GLY A C   1 
ATOM 51  O O   . GLY A 1 11  ? 8.685   -11.710 -2.297  1.00 32.71  ? 11  GLY A O   1 
ATOM 52  N N   . LEU A 1 12  ? 9.288   -13.880 -2.404  1.00 37.27  ? 12  LEU A N   1 
ATOM 53  C CA  . LEU A 1 12  ? 10.320  -13.701 -3.416  1.00 33.77  ? 12  LEU A CA  1 
ATOM 54  C C   . LEU A 1 12  ? 9.703   -13.853 -4.797  1.00 37.50  ? 12  LEU A C   1 
ATOM 55  O O   . LEU A 1 12  ? 9.183   -14.920 -5.130  1.00 42.35  ? 12  LEU A O   1 
ATOM 56  C CB  . LEU A 1 12  ? 11.431  -14.723 -3.201  1.00 35.16  ? 12  LEU A CB  1 
ATOM 57  C CG  . LEU A 1 12  ? 12.516  -14.819 -4.255  1.00 43.50  ? 12  LEU A CG  1 
ATOM 58  C CD1 . LEU A 1 12  ? 13.349  -13.521 -4.389  1.00 40.54  ? 12  LEU A CD1 1 
ATOM 59  C CD2 . LEU A 1 12  ? 13.382  -16.002 -3.898  1.00 45.75  ? 12  LEU A CD2 1 
ATOM 60  N N   . VAL A 1 13  ? 9.772   -12.791 -5.603  1.00 35.93  ? 13  VAL A N   1 
ATOM 61  C CA  . VAL A 1 13  ? 9.129   -12.734 -6.909  1.00 45.89  ? 13  VAL A CA  1 
ATOM 62  C C   . VAL A 1 13  ? 10.127  -12.260 -7.964  1.00 43.11  ? 13  VAL A C   1 
ATOM 63  O O   . VAL A 1 13  ? 11.140  -11.628 -7.662  1.00 49.15  ? 13  VAL A O   1 
ATOM 64  C CB  . VAL A 1 13  ? 7.899   -11.807 -6.880  1.00 45.63  ? 13  VAL A CB  1 
ATOM 65  C CG1 . VAL A 1 13  ? 6.848   -12.368 -5.930  1.00 41.16  ? 13  VAL A CG1 1 
ATOM 66  C CG2 . VAL A 1 13  ? 8.327   -10.425 -6.428  1.00 38.88  ? 13  VAL A CG2 1 
ATOM 67  N N   . GLN A 1 14  ? 9.805   -12.560 -9.223  1.00 53.99  ? 14  GLN A N   1 
ATOM 68  C CA  . GLN A 1 14  ? 10.646  -12.291 -10.381 1.00 44.62  ? 14  GLN A CA  1 
ATOM 69  C C   . GLN A 1 14  ? 10.462  -10.858 -10.882 1.00 62.45  ? 14  GLN A C   1 
ATOM 70  O O   . GLN A 1 14  ? 9.357   -10.307 -10.829 1.00 56.07  ? 14  GLN A O   1 
ATOM 71  C CB  . GLN A 1 14  ? 10.296  -13.246 -11.508 1.00 53.21  ? 14  GLN A CB  1 
ATOM 72  C CG  . GLN A 1 14  ? 10.609  -14.702 -11.203 1.00 62.12  ? 14  GLN A CG  1 
ATOM 73  C CD  . GLN A 1 14  ? 12.074  -15.051 -11.413 1.00 68.00  ? 14  GLN A CD  1 
ATOM 74  O OE1 . GLN A 1 14  ? 12.977  -14.260 -11.095 1.00 55.22  ? 14  GLN A OE1 1 
ATOM 75  N NE2 . GLN A 1 14  ? 12.319  -16.253 -11.939 1.00 56.48  ? 14  GLN A NE2 1 
ATOM 76  N N   . PRO A 1 15  ? 11.529  -10.237 -11.385 1.00 54.15  ? 15  PRO A N   1 
ATOM 77  C CA  . PRO A 1 15  ? 11.378  -8.948  -12.066 1.00 57.16  ? 15  PRO A CA  1 
ATOM 78  C C   . PRO A 1 15  ? 10.580  -9.094  -13.355 1.00 55.12  ? 15  PRO A C   1 
ATOM 79  O O   . PRO A 1 15  ? 10.590  -10.139 -14.006 1.00 54.70  ? 15  PRO A O   1 
ATOM 80  C CB  . PRO A 1 15  ? 12.825  -8.525  -12.355 1.00 53.02  ? 15  PRO A CB  1 
ATOM 81  C CG  . PRO A 1 15  ? 13.662  -9.363  -11.428 1.00 59.40  ? 15  PRO A CG  1 
ATOM 82  C CD  . PRO A 1 15  ? 12.937  -10.661 -11.327 1.00 56.87  ? 15  PRO A CD  1 
ATOM 83  N N   . GLY A 1 16  ? 9.870   -8.023  -13.714 1.00 61.45  ? 16  GLY A N   1 
ATOM 84  C CA  . GLY A 1 16  ? 9.041   -8.013  -14.902 1.00 59.33  ? 16  GLY A CA  1 
ATOM 85  C C   . GLY A 1 16  ? 7.660   -8.616  -14.745 1.00 54.22  ? 16  GLY A C   1 
ATOM 86  O O   . GLY A 1 16  ? 6.774   -8.303  -15.550 1.00 51.20  ? 16  GLY A O   1 
ATOM 87  N N   . GLY A 1 17  ? 7.443   -9.476  -13.748 1.00 54.95  ? 17  GLY A N   1 
ATOM 88  C CA  . GLY A 1 17  ? 6.130   -10.034 -13.493 1.00 55.43  ? 17  GLY A CA  1 
ATOM 89  C C   . GLY A 1 17  ? 5.259   -9.052  -12.737 1.00 48.44  ? 17  GLY A C   1 
ATOM 90  O O   . GLY A 1 17  ? 5.623   -7.898  -12.516 1.00 50.72  ? 17  GLY A O   1 
ATOM 91  N N   . SER A 1 18  ? 4.083   -9.522  -12.328 1.00 51.48  ? 18  SER A N   1 
ATOM 92  C CA  . SER A 1 18  ? 3.220   -8.701  -11.493 1.00 44.75  ? 18  SER A CA  1 
ATOM 93  C C   . SER A 1 18  ? 2.877   -9.415  -10.187 1.00 51.16  ? 18  SER A C   1 
ATOM 94  O O   . SER A 1 18  ? 2.898   -10.649 -10.086 1.00 38.98  ? 18  SER A O   1 
ATOM 95  C CB  . SER A 1 18  ? 1.930   -8.313  -12.220 1.00 45.64  ? 18  SER A CB  1 
ATOM 96  O OG  . SER A 1 18  ? 0.896   -9.227  -11.947 1.00 47.38  ? 18  SER A OG  1 
ATOM 97  N N   . LEU A 1 19  ? 2.524   -8.612  -9.190  1.00 47.54  ? 19  LEU A N   1 
ATOM 98  C CA  . LEU A 1 19  ? 2.303   -9.106  -7.843  1.00 42.86  ? 19  LEU A CA  1 
ATOM 99  C C   . LEU A 1 19  ? 1.209   -8.279  -7.193  1.00 45.29  ? 19  LEU A C   1 
ATOM 100 O O   . LEU A 1 19  ? 1.103   -7.075  -7.433  1.00 41.82  ? 19  LEU A O   1 
ATOM 101 C CB  . LEU A 1 19  ? 3.608   -9.044  -7.051  1.00 38.38  ? 19  LEU A CB  1 
ATOM 102 C CG  . LEU A 1 19  ? 3.736   -9.346  -5.558  1.00 57.42  ? 19  LEU A CG  1 
ATOM 103 C CD1 . LEU A 1 19  ? 3.288   -8.128  -4.784  1.00 48.71  ? 19  LEU A CD1 1 
ATOM 104 C CD2 . LEU A 1 19  ? 2.981   -10.616 -5.138  1.00 50.92  ? 19  LEU A CD2 1 
ATOM 105 N N   . ARG A 1 20  ? 0.420   -8.924  -6.342  1.00 35.61  ? 20  ARG A N   1 
ATOM 106 C CA  . ARG A 1 20  ? -0.619  -8.232  -5.598  1.00 38.72  ? 20  ARG A CA  1 
ATOM 107 C C   . ARG A 1 20  ? -0.479  -8.530  -4.114  1.00 33.79  ? 20  ARG A C   1 
ATOM 108 O O   . ARG A 1 20  ? -0.160  -9.653  -3.726  1.00 36.75  ? 20  ARG A O   1 
ATOM 109 C CB  . ARG A 1 20  ? -2.005  -8.648  -6.116  1.00 51.37  ? 20  ARG A CB  1 
ATOM 110 C CG  . ARG A 1 20  ? -3.159  -8.002  -5.369  1.00 52.21  ? 20  ARG A CG  1 
ATOM 111 C CD  . ARG A 1 20  ? -4.455  -8.239  -6.108  1.00 50.41  ? 20  ARG A CD  1 
ATOM 112 N NE  . ARG A 1 20  ? -4.474  -7.483  -7.354  1.00 56.87  ? 20  ARG A NE  1 
ATOM 113 C CZ  . ARG A 1 20  ? -5.468  -7.517  -8.230  1.00 58.76  ? 20  ARG A CZ  1 
ATOM 114 N NH1 . ARG A 1 20  ? -6.565  -8.221  -8.001  1.00 51.78  ? 20  ARG A NH1 1 
ATOM 115 N NH2 . ARG A 1 20  ? -5.355  -6.830  -9.366  1.00 50.25  ? 20  ARG A NH2 1 
ATOM 116 N N   . LEU A 1 21  ? -0.661  -7.509  -3.282  1.00 32.96  ? 21  LEU A N   1 
ATOM 117 C CA  . LEU A 1 21  ? -0.579  -7.649  -1.836  1.00 30.59  ? 21  LEU A CA  1 
ATOM 118 C C   . LEU A 1 21  ? -1.927  -7.278  -1.253  1.00 31.28  ? 21  LEU A C   1 
ATOM 119 O O   . LEU A 1 21  ? -2.687  -6.532  -1.866  1.00 30.80  ? 21  LEU A O   1 
ATOM 120 C CB  . LEU A 1 21  ? 0.488   -6.743  -1.219  1.00 32.99  ? 21  LEU A CB  1 
ATOM 121 C CG  . LEU A 1 21  ? 1.934   -6.752  -1.721  1.00 30.48  ? 21  LEU A CG  1 
ATOM 122 C CD1 . LEU A 1 21  ? 2.723   -5.669  -0.921  1.00 25.81  ? 21  LEU A CD1 1 
ATOM 123 C CD2 . LEU A 1 21  ? 2.542   -8.154  -1.526  1.00 29.61  ? 21  LEU A CD2 1 
ATOM 124 N N   . SER A 1 22  ? -2.239  -7.820  -0.085  1.00 28.96  ? 22  SER A N   1 
ATOM 125 C CA  . SER A 1 22  ? -3.523  -7.542  0.528   1.00 33.02  ? 22  SER A CA  1 
ATOM 126 C C   . SER A 1 22  ? -3.300  -6.971  1.914   1.00 34.70  ? 22  SER A C   1 
ATOM 127 O O   . SER A 1 22  ? -2.294  -7.240  2.571   1.00 28.46  ? 22  SER A O   1 
ATOM 128 C CB  . SER A 1 22  ? -4.392  -8.802  0.671   1.00 35.99  ? 22  SER A CB  1 
ATOM 129 O OG  . SER A 1 22  ? -3.678  -9.829  1.349   1.00 34.83  ? 22  SER A OG  1 
ATOM 130 N N   . CYS A 1 23  ? -4.279  -6.216  2.374   1.00 26.24  ? 23  CYS A N   1 
ATOM 131 C CA  . CYS A 1 23  ? -4.248  -5.677  3.721   1.00 33.55  ? 23  CYS A CA  1 
ATOM 132 C C   . CYS A 1 23  ? -5.634  -5.884  4.308   1.00 38.03  ? 23  CYS A C   1 
ATOM 133 O O   . CYS A 1 23  ? -6.598  -5.281  3.827   1.00 34.65  ? 23  CYS A O   1 
ATOM 134 C CB  . CYS A 1 23  ? -3.866  -4.200  3.702   1.00 38.01  ? 23  CYS A CB  1 
ATOM 135 S SG  . CYS A 1 23  ? -4.078  -3.357  5.262   1.00 47.68  ? 23  CYS A SG  1 
ATOM 136 N N   . ALA A 1 24  ? -5.747  -6.731  5.327   1.00 25.02  ? 24  ALA A N   1 
ATOM 137 C CA  . ALA A 1 24  ? -7.029  -6.952  5.970   1.00 40.37  ? 24  ALA A CA  1 
ATOM 138 C C   . ALA A 1 24  ? -7.071  -6.198  7.299   1.00 40.83  ? 24  ALA A C   1 
ATOM 139 O O   . ALA A 1 24  ? -6.084  -6.149  8.040   1.00 39.66  ? 24  ALA A O   1 
ATOM 140 C CB  . ALA A 1 24  ? -7.297  -8.456  6.172   1.00 40.28  ? 24  ALA A CB  1 
ATOM 141 N N   . ALA A 1 25  ? -8.210  -5.580  7.582   1.00 47.80  ? 25  ALA A N   1 
ATOM 142 C CA  . ALA A 1 25  ? -8.400  -4.786  8.786   1.00 45.11  ? 25  ALA A CA  1 
ATOM 143 C C   . ALA A 1 25  ? -9.341  -5.536  9.711   1.00 50.54  ? 25  ALA A C   1 
ATOM 144 O O   . ALA A 1 25  ? -10.354 -6.073  9.265   1.00 55.03  ? 25  ALA A O   1 
ATOM 145 C CB  . ALA A 1 25  ? -8.965  -3.404  8.453   1.00 54.87  ? 25  ALA A CB  1 
ATOM 146 N N   . SER A 1 26  ? -8.999  -5.594  10.989  1.00 61.76  ? 26  SER A N   1 
ATOM 147 C CA  . SER A 1 26  ? -9.738  -6.462  11.889  1.00 65.67  ? 26  SER A CA  1 
ATOM 148 C C   . SER A 1 26  ? -10.846 -5.690  12.600  1.00 72.81  ? 26  SER A C   1 
ATOM 149 O O   . SER A 1 26  ? -10.817 -4.463  12.708  1.00 70.35  ? 26  SER A O   1 
ATOM 150 C CB  . SER A 1 26  ? -8.790  -7.120  12.893  1.00 64.83  ? 26  SER A CB  1 
ATOM 151 O OG  . SER A 1 26  ? -7.879  -7.993  12.230  1.00 60.70  ? 26  SER A OG  1 
ATOM 152 N N   . GLY A 1 27  ? -11.852 -6.430  13.050  1.00 79.86  ? 27  GLY A N   1 
ATOM 153 C CA  . GLY A 1 27  ? -12.956 -5.811  13.765  1.00 87.01  ? 27  GLY A CA  1 
ATOM 154 C C   . GLY A 1 27  ? -13.953 -5.185  12.814  1.00 97.95  ? 27  GLY A C   1 
ATOM 155 O O   . GLY A 1 27  ? -14.381 -5.814  11.839  1.00 99.16  ? 27  GLY A O   1 
ATOM 156 N N   . ARG A 1 28  ? -14.325 -3.935  13.094  1.00 100.40 ? 28  ARG A N   1 
ATOM 157 C CA  . ARG A 1 28  ? -15.416 -3.281  12.388  1.00 97.17  ? 28  ARG A CA  1 
ATOM 158 C C   . ARG A 1 28  ? -14.983 -2.869  10.985  1.00 103.55 ? 28  ARG A C   1 
ATOM 159 O O   . ARG A 1 28  ? -13.806 -2.915  10.625  1.00 100.56 ? 28  ARG A O   1 
ATOM 160 C CB  . ARG A 1 28  ? -15.908 -2.061  13.164  1.00 103.85 ? 28  ARG A CB  1 
ATOM 161 N N   . THR A 1 29  ? -15.966 -2.445  10.196  1.00 137.99 ? 29  THR A N   1 
ATOM 162 C CA  . THR A 1 29  ? -15.734 -2.173  8.787   1.00 148.24 ? 29  THR A CA  1 
ATOM 163 C C   . THR A 1 29  ? -14.802 -0.978  8.610   1.00 141.61 ? 29  THR A C   1 
ATOM 164 O O   . THR A 1 29  ? -14.838 -0.007  9.373   1.00 137.50 ? 29  THR A O   1 
ATOM 165 C CB  . THR A 1 29  ? -17.054 -1.929  8.058   1.00 140.07 ? 29  THR A CB  1 
ATOM 166 N N   . PHE A 1 30  ? -13.949 -1.067  7.589   1.00 96.93  ? 30  PHE A N   1 
ATOM 167 C CA  . PHE A 1 30  ? -12.954 -0.040  7.317   1.00 84.48  ? 30  PHE A CA  1 
ATOM 168 C C   . PHE A 1 30  ? -13.327 0.822   6.112   1.00 64.79  ? 30  PHE A C   1 
ATOM 169 O O   . PHE A 1 30  ? -12.482 1.560   5.596   1.00 58.60  ? 30  PHE A O   1 
ATOM 170 C CB  . PHE A 1 30  ? -11.563 -0.690  7.157   1.00 84.74  ? 30  PHE A CB  1 
ATOM 171 C CG  . PHE A 1 30  ? -11.266 -1.266  5.781   1.00 69.93  ? 30  PHE A CG  1 
ATOM 172 C CD1 . PHE A 1 30  ? -12.270 -1.694  4.922   1.00 69.26  ? 30  PHE A CD1 1 
ATOM 173 C CD2 . PHE A 1 30  ? -9.944  -1.359  5.350   1.00 69.46  ? 30  PHE A CD2 1 
ATOM 174 C CE1 . PHE A 1 30  ? -11.961 -2.185  3.658   1.00 67.00  ? 30  PHE A CE1 1 
ATOM 175 C CE2 . PHE A 1 30  ? -9.628  -1.859  4.088   1.00 59.64  ? 30  PHE A CE2 1 
ATOM 176 C CZ  . PHE A 1 30  ? -10.639 -2.260  3.240   1.00 56.77  ? 30  PHE A CZ  1 
ATOM 177 N N   . SER A 1 31  ? -14.580 0.739   5.657   1.00 70.56  ? 31  SER A N   1 
ATOM 178 C CA  . SER A 1 31  ? -14.982 1.413   4.431   1.00 63.81  ? 31  SER A CA  1 
ATOM 179 C C   . SER A 1 31  ? -14.865 2.925   4.534   1.00 57.53  ? 31  SER A C   1 
ATOM 180 O O   . SER A 1 31  ? -14.719 3.587   3.501   1.00 54.47  ? 31  SER A O   1 
ATOM 181 C CB  . SER A 1 31  ? -16.416 1.025   4.062   1.00 69.63  ? 31  SER A CB  1 
ATOM 182 O OG  . SER A 1 31  ? -17.367 1.668   4.893   1.00 62.99  ? 31  SER A OG  1 
ATOM 183 N N   . SER A 1 32  ? -14.917 3.483   5.748   1.00 60.10  ? 32  SER A N   1 
ATOM 184 C CA  . SER A 1 32  ? -14.785 4.921   5.956   1.00 64.31  ? 32  SER A CA  1 
ATOM 185 C C   . SER A 1 32  ? -13.345 5.355   6.226   1.00 55.25  ? 32  SER A C   1 
ATOM 186 O O   . SER A 1 32  ? -13.116 6.524   6.556   1.00 54.27  ? 32  SER A O   1 
ATOM 187 C CB  . SER A 1 32  ? -15.688 5.391   7.107   1.00 53.99  ? 32  SER A CB  1 
ATOM 188 O OG  . SER A 1 32  ? -16.923 4.695   7.141   1.00 66.60  ? 32  SER A OG  1 
ATOM 189 N N   . TYR A 1 33  ? -12.377 4.458   6.098   1.00 44.89  ? 33  TYR A N   1 
ATOM 190 C CA  . TYR A 1 33  ? -10.980 4.851   6.161   1.00 44.64  ? 33  TYR A CA  1 
ATOM 191 C C   . TYR A 1 33  ? -10.437 5.048   4.757   1.00 41.86  ? 33  TYR A C   1 
ATOM 192 O O   . TYR A 1 33  ? -10.745 4.277   3.842   1.00 38.05  ? 33  TYR A O   1 
ATOM 193 C CB  . TYR A 1 33  ? -10.114 3.804   6.866   1.00 44.17  ? 33  TYR A CB  1 
ATOM 194 C CG  . TYR A 1 33  ? -10.344 3.657   8.336   1.00 48.01  ? 33  TYR A CG  1 
ATOM 195 C CD1 . TYR A 1 33  ? -9.734  4.516   9.237   1.00 51.56  ? 33  TYR A CD1 1 
ATOM 196 C CD2 . TYR A 1 33  ? -11.138 2.626   8.836   1.00 57.73  ? 33  TYR A CD2 1 
ATOM 197 C CE1 . TYR A 1 33  ? -9.920  4.368   10.610  1.00 58.93  ? 33  TYR A CE1 1 
ATOM 198 C CE2 . TYR A 1 33  ? -11.331 2.464   10.205  1.00 53.12  ? 33  TYR A CE2 1 
ATOM 199 C CZ  . TYR A 1 33  ? -10.724 3.343   11.084  1.00 61.13  ? 33  TYR A CZ  1 
ATOM 200 O OH  . TYR A 1 33  ? -10.916 3.208   12.445  1.00 67.93  ? 33  TYR A OH  1 
ATOM 201 N N   . SER A 1 34  ? -9.609  6.068   4.595   1.00 35.11  ? 34  SER A N   1 
ATOM 202 C CA  . SER A 1 34  ? -8.704  6.095   3.463   1.00 38.36  ? 34  SER A CA  1 
ATOM 203 C C   . SER A 1 34  ? -7.554  5.155   3.774   1.00 28.76  ? 34  SER A C   1 
ATOM 204 O O   . SER A 1 34  ? -7.132  5.045   4.929   1.00 31.73  ? 34  SER A O   1 
ATOM 205 C CB  . SER A 1 34  ? -8.192  7.520   3.214   1.00 37.73  ? 34  SER A CB  1 
ATOM 206 O OG  . SER A 1 34  ? -9.267  8.415   2.946   1.00 28.43  ? 34  SER A OG  1 
ATOM 207 N N   . MET A 1 35  ? -7.040  4.473   2.756   1.00 29.94  ? 35  MET A N   1 
ATOM 208 C CA  . MET A 1 35  ? -5.969  3.500   2.958   1.00 31.12  ? 35  MET A CA  1 
ATOM 209 C C   . MET A 1 35  ? -4.764  3.836   2.094   1.00 33.14  ? 35  MET A C   1 
ATOM 210 O O   . MET A 1 35  ? -4.889  4.123   0.898   1.00 33.19  ? 35  MET A O   1 
ATOM 211 C CB  . MET A 1 35  ? -6.423  2.055   2.674   1.00 34.36  ? 35  MET A CB  1 
ATOM 212 C CG  . MET A 1 35  ? -7.743  1.735   3.315   1.00 41.70  ? 35  MET A CG  1 
ATOM 213 S SD  . MET A 1 35  ? -7.690  1.329   5.088   1.00 45.15  ? 35  MET A SD  1 
ATOM 214 C CE  . MET A 1 35  ? -6.107  0.477   5.298   1.00 40.04  ? 35  MET A CE  1 
ATOM 215 N N   . GLY A 1 36  ? -3.591  3.775   2.709   1.00 29.51  ? 36  GLY A N   1 
ATOM 216 C CA  . GLY A 1 36  ? -2.371  4.082   2.013   1.00 26.91  ? 36  GLY A CA  1 
ATOM 217 C C   . GLY A 1 36  ? -1.411  2.895   2.094   1.00 33.73  ? 36  GLY A C   1 
ATOM 218 O O   . GLY A 1 36  ? -1.473  2.093   3.025   1.00 27.12  ? 36  GLY A O   1 
ATOM 219 N N   . TRP A 1 37  ? -0.561  2.829   1.094   1.00 23.34  ? 37  TRP A N   1 
ATOM 220 C CA  . TRP A 1 37  ? 0.544   1.884   1.083   1.00 31.39  ? 37  TRP A CA  1 
ATOM 221 C C   . TRP A 1 37  ? 1.846   2.665   1.174   1.00 32.21  ? 37  TRP A C   1 
ATOM 222 O O   . TRP A 1 37  ? 2.026   3.665   0.474   1.00 30.10  ? 37  TRP A O   1 
ATOM 223 C CB  . TRP A 1 37  ? 0.514   1.031   -0.178  1.00 28.21  ? 37  TRP A CB  1 
ATOM 224 C CG  . TRP A 1 37  ? -0.539  0.017   -0.129  1.00 31.23  ? 37  TRP A CG  1 
ATOM 225 C CD1 . TRP A 1 37  ? -1.821  0.136   -0.616  1.00 26.60  ? 37  TRP A CD1 1 
ATOM 226 C CD2 . TRP A 1 37  ? -0.438  -1.291  0.432   1.00 30.26  ? 37  TRP A CD2 1 
ATOM 227 N NE1 . TRP A 1 37  ? -2.508  -1.023  -0.387  1.00 30.59  ? 37  TRP A NE1 1 
ATOM 228 C CE2 . TRP A 1 37  ? -1.692  -1.916  0.257   1.00 34.44  ? 37  TRP A CE2 1 
ATOM 229 C CE3 . TRP A 1 37  ? 0.586   -1.993  1.084   1.00 27.27  ? 37  TRP A CE3 1 
ATOM 230 C CZ2 . TRP A 1 37  ? -1.954  -3.230  0.701   1.00 28.02  ? 37  TRP A CZ2 1 
ATOM 231 C CZ3 . TRP A 1 37  ? 0.329   -3.291  1.515   1.00 35.44  ? 37  TRP A CZ3 1 
ATOM 232 C CH2 . TRP A 1 37  ? -0.937  -3.899  1.314   1.00 27.51  ? 37  TRP A CH2 1 
ATOM 233 N N   . PHE A 1 38  ? 2.739   2.210   2.045   1.00 28.48  ? 38  PHE A N   1 
ATOM 234 C CA  . PHE A 1 38  ? 4.051   2.816   2.222   1.00 28.18  ? 38  PHE A CA  1 
ATOM 235 C C   . PHE A 1 38  ? 5.087   1.706   2.165   1.00 33.57  ? 38  PHE A C   1 
ATOM 236 O O   . PHE A 1 38  ? 4.776   0.529   2.393   1.00 30.53  ? 38  PHE A O   1 
ATOM 237 C CB  . PHE A 1 38  ? 4.170   3.557   3.557   1.00 27.82  ? 38  PHE A CB  1 
ATOM 238 C CG  . PHE A 1 38  ? 3.319   4.789   3.658   1.00 33.10  ? 38  PHE A CG  1 
ATOM 239 C CD1 . PHE A 1 38  ? 1.942   4.686   3.840   1.00 30.00  ? 38  PHE A CD1 1 
ATOM 240 C CD2 . PHE A 1 38  ? 3.902   6.058   3.630   1.00 37.71  ? 38  PHE A CD2 1 
ATOM 241 C CE1 . PHE A 1 38  ? 1.157   5.809   3.956   1.00 27.98  ? 38  PHE A CE1 1 
ATOM 242 C CE2 . PHE A 1 38  ? 3.121   7.199   3.751   1.00 31.43  ? 38  PHE A CE2 1 
ATOM 243 C CZ  . PHE A 1 38  ? 1.750   7.077   3.916   1.00 32.27  ? 38  PHE A CZ  1 
ATOM 244 N N   . ARG A 1 39  ? 6.329   2.071   1.864   1.00 29.32  ? 39  ARG A N   1 
ATOM 245 C CA  . ARG A 1 39  ? 7.376   1.062   1.826   1.00 36.71  ? 39  ARG A CA  1 
ATOM 246 C C   . ARG A 1 39  ? 8.677   1.586   2.409   1.00 34.42  ? 39  ARG A C   1 
ATOM 247 O O   . ARG A 1 39  ? 8.970   2.783   2.351   1.00 46.96  ? 39  ARG A O   1 
ATOM 248 C CB  . ARG A 1 39  ? 7.616   0.570   0.397   1.00 33.35  ? 39  ARG A CB  1 
ATOM 249 C CG  . ARG A 1 39  ? 8.192   1.581   -0.545  1.00 35.97  ? 39  ARG A CG  1 
ATOM 250 C CD  . ARG A 1 39  ? 8.383   0.896   -1.875  1.00 48.02  ? 39  ARG A CD  1 
ATOM 251 N NE  . ARG A 1 39  ? 8.897   1.784   -2.909  1.00 55.06  ? 39  ARG A NE  1 
ATOM 252 C CZ  . ARG A 1 39  ? 8.974   1.451   -4.189  1.00 48.71  ? 39  ARG A CZ  1 
ATOM 253 N NH1 . ARG A 1 39  ? 8.594   0.260   -4.611  1.00 45.12  ? 39  ARG A NH1 1 
ATOM 254 N NH2 . ARG A 1 39  ? 9.417   2.344   -5.068  1.00 48.22  ? 39  ARG A NH2 1 
ATOM 255 N N   . GLN A 1 40  ? 9.453   0.677   2.989   1.00 37.77  ? 40  GLN A N   1 
ATOM 256 C CA  . GLN A 1 40  ? 10.815  0.973   3.429   1.00 40.75  ? 40  GLN A CA  1 
ATOM 257 C C   . GLN A 1 40  ? 11.760  0.039   2.686   1.00 36.01  ? 40  GLN A C   1 
ATOM 258 O O   . GLN A 1 40  ? 11.842  -1.145  3.009   1.00 42.06  ? 40  GLN A O   1 
ATOM 259 C CB  . GLN A 1 40  ? 10.970  0.808   4.933   1.00 44.09  ? 40  GLN A CB  1 
ATOM 260 C CG  . GLN A 1 40  ? 12.282  1.400   5.448   1.00 50.08  ? 40  GLN A CG  1 
ATOM 261 C CD  . GLN A 1 40  ? 12.118  2.164   6.754   1.00 52.64  ? 40  GLN A CD  1 
ATOM 262 O OE1 . GLN A 1 40  ? 11.047  2.146   7.365   1.00 53.12  ? 40  GLN A OE1 1 
ATOM 263 N NE2 . GLN A 1 40  ? 13.184  2.842   7.184   1.00 44.09  ? 40  GLN A NE2 1 
ATOM 264 N N   . ALA A 1 41  ? 12.445  0.560   1.676   1.00 42.38  ? 41  ALA A N   1 
ATOM 265 C CA  . ALA A 1 41  ? 13.463  -0.208  0.982   1.00 50.31  ? 41  ALA A CA  1 
ATOM 266 C C   . ALA A 1 41  ? 14.703  -0.363  1.870   1.00 58.09  ? 41  ALA A C   1 
ATOM 267 O O   . ALA A 1 41  ? 14.877  0.385   2.835   1.00 60.24  ? 41  ALA A O   1 
ATOM 268 C CB  . ALA A 1 41  ? 13.815  0.477   -0.333  1.00 44.35  ? 41  ALA A CB  1 
ATOM 269 N N   . PRO A 1 42  ? 15.573  -1.338  1.584   1.00 67.66  ? 42  PRO A N   1 
ATOM 270 C CA  . PRO A 1 42  ? 16.771  -1.520  2.426   1.00 60.54  ? 42  PRO A CA  1 
ATOM 271 C C   . PRO A 1 42  ? 17.677  -0.300  2.366   1.00 63.38  ? 42  PRO A C   1 
ATOM 272 O O   . PRO A 1 42  ? 18.209  0.049   1.311   1.00 72.03  ? 42  PRO A O   1 
ATOM 273 C CB  . PRO A 1 42  ? 17.446  -2.751  1.812   1.00 69.32  ? 42  PRO A CB  1 
ATOM 274 C CG  . PRO A 1 42  ? 16.351  -3.482  1.148   1.00 58.09  ? 42  PRO A CG  1 
ATOM 275 C CD  . PRO A 1 42  ? 15.475  -2.408  0.573   1.00 52.71  ? 42  PRO A CD  1 
ATOM 276 N N   . GLY A 1 43  ? 17.845  0.356   3.511   1.00 66.68  ? 43  GLY A N   1 
ATOM 277 C CA  . GLY A 1 43  ? 18.716  1.507   3.611   1.00 63.43  ? 43  GLY A CA  1 
ATOM 278 C C   . GLY A 1 43  ? 18.024  2.849   3.520   1.00 56.24  ? 43  GLY A C   1 
ATOM 279 O O   . GLY A 1 43  ? 18.686  3.878   3.702   1.00 75.58  ? 43  GLY A O   1 
ATOM 280 N N   . LYS A 1 44  ? 16.721  2.885   3.262   1.00 58.82  ? 44  LYS A N   1 
ATOM 281 C CA  . LYS A 1 44  ? 16.038  4.134   2.960   1.00 57.88  ? 44  LYS A CA  1 
ATOM 282 C C   . LYS A 1 44  ? 15.088  4.536   4.075   1.00 45.77  ? 44  LYS A C   1 
ATOM 283 O O   . LYS A 1 44  ? 14.736  3.752   4.955   1.00 55.06  ? 44  LYS A O   1 
ATOM 284 C CB  . LYS A 1 44  ? 15.249  4.034   1.650   1.00 58.09  ? 44  LYS A CB  1 
ATOM 285 C CG  . LYS A 1 44  ? 16.042  4.205   0.359   1.00 68.73  ? 44  LYS A CG  1 
ATOM 286 C CD  . LYS A 1 44  ? 15.233  5.062   -0.605  1.00 70.36  ? 44  LYS A CD  1 
ATOM 287 C CE  . LYS A 1 44  ? 16.004  5.453   -1.865  1.00 75.38  ? 44  LYS A CE  1 
ATOM 288 N NZ  . LYS A 1 44  ? 15.169  5.251   -3.091  1.00 65.80  ? 44  LYS A NZ  1 
ATOM 289 N N   . ALA A 1 45  ? 14.654  5.782   3.995   1.00 42.53  ? 45  ALA A N   1 
ATOM 290 C CA  . ALA A 1 45  ? 13.535  6.245   4.783   1.00 43.46  ? 45  ALA A CA  1 
ATOM 291 C C   . ALA A 1 45  ? 12.232  5.852   4.098   1.00 46.33  ? 45  ALA A C   1 
ATOM 292 O O   . ALA A 1 45  ? 12.179  5.579   2.898   1.00 50.68  ? 45  ALA A O   1 
ATOM 293 C CB  . ALA A 1 45  ? 13.592  7.767   4.973   1.00 50.73  ? 45  ALA A CB  1 
ATOM 294 N N   . ARG A 1 46  ? 11.175  5.843   4.889   1.00 46.64  ? 46  ARG A N   1 
ATOM 295 C CA  . ARG A 1 46  ? 9.869   5.402   4.444   1.00 40.59  ? 46  ARG A CA  1 
ATOM 296 C C   . ARG A 1 46  ? 9.405   6.238   3.253   1.00 39.15  ? 46  ARG A C   1 
ATOM 297 O O   . ARG A 1 46  ? 9.722   7.425   3.149   1.00 32.83  ? 46  ARG A O   1 
ATOM 298 C CB  . ARG A 1 46  ? 8.944   5.523   5.645   1.00 42.90  ? 46  ARG A CB  1 
ATOM 299 C CG  . ARG A 1 46  ? 7.512   5.111   5.567   1.00 41.89  ? 46  ARG A CG  1 
ATOM 300 C CD  . ARG A 1 46  ? 6.772   5.614   6.837   1.00 39.38  ? 46  ARG A CD  1 
ATOM 301 N NE  . ARG A 1 46  ? 7.268   5.049   8.098   1.00 53.11  ? 46  ARG A NE  1 
ATOM 302 C CZ  . ARG A 1 46  ? 8.300   5.504   8.809   1.00 64.32  ? 46  ARG A CZ  1 
ATOM 303 N NH1 . ARG A 1 46  ? 8.993   6.571   8.433   1.00 66.23  ? 46  ARG A NH1 1 
ATOM 304 N NH2 . ARG A 1 46  ? 8.616   4.904   9.957   1.00 45.40  ? 46  ARG A NH2 1 
ATOM 305 N N   . GLU A 1 47  ? 8.707   5.600   2.308   1.00 33.62  ? 47  GLU A N   1 
ATOM 306 C CA  . GLU A 1 47  ? 8.241   6.288   1.107   1.00 36.01  ? 47  GLU A CA  1 
ATOM 307 C C   . GLU A 1 47  ? 6.766   6.012   0.888   1.00 41.27  ? 47  GLU A C   1 
ATOM 308 O O   . GLU A 1 47  ? 6.320   4.863   1.006   1.00 37.12  ? 47  GLU A O   1 
ATOM 309 C CB  . GLU A 1 47  ? 8.979   5.855   -0.178  1.00 41.05  ? 47  GLU A CB  1 
ATOM 310 C CG  . GLU A 1 47  ? 10.489  6.026   -0.242  1.00 48.39  ? 47  GLU A CG  1 
ATOM 311 C CD  . GLU A 1 47  ? 11.123  4.938   -1.120  1.00 62.62  ? 47  GLU A CD  1 
ATOM 312 O OE1 . GLU A 1 47  ? 11.255  5.132   -2.354  1.00 58.05  ? 47  GLU A OE1 1 
ATOM 313 O OE2 . GLU A 1 47  ? 11.454  3.865   -0.562  1.00 58.81  ? 47  GLU A OE2 1 
ATOM 314 N N   . PHE A 1 48  ? 6.023   7.058   0.524   1.00 25.76  ? 48  PHE A N   1 
ATOM 315 C CA  . PHE A 1 48  ? 4.633   6.899   0.142   1.00 32.74  ? 48  PHE A CA  1 
ATOM 316 C C   . PHE A 1 48  ? 4.544   6.312   -1.266  1.00 25.08  ? 48  PHE A C   1 
ATOM 317 O O   . PHE A 1 48  ? 5.250   6.740   -2.174  1.00 28.73  ? 48  PHE A O   1 
ATOM 318 C CB  . PHE A 1 48  ? 3.895   8.244   0.192   1.00 33.44  ? 48  PHE A CB  1 
ATOM 319 C CG  . PHE A 1 48  ? 2.494   8.177   -0.339  1.00 26.76  ? 48  PHE A CG  1 
ATOM 320 C CD1 . PHE A 1 48  ? 1.521   7.433   0.338   1.00 32.04  ? 48  PHE A CD1 1 
ATOM 321 C CD2 . PHE A 1 48  ? 2.157   8.810   -1.525  1.00 34.34  ? 48  PHE A CD2 1 
ATOM 322 C CE1 . PHE A 1 48  ? 0.235   7.360   -0.140  1.00 29.44  ? 48  PHE A CE1 1 
ATOM 323 C CE2 . PHE A 1 48  ? 0.871   8.754   -2.025  1.00 28.16  ? 48  PHE A CE2 1 
ATOM 324 C CZ  . PHE A 1 48  ? -0.097  8.037   -1.337  1.00 31.62  ? 48  PHE A CZ  1 
ATOM 325 N N   . VAL A 1 49  ? 3.658   5.334   -1.444  1.00 29.19  ? 49  VAL A N   1 
ATOM 326 C CA  . VAL A 1 49  ? 3.492   4.638   -2.735  1.00 32.62  ? 49  VAL A CA  1 
ATOM 327 C C   . VAL A 1 49  ? 2.216   5.094   -3.436  1.00 28.46  ? 49  VAL A C   1 
ATOM 328 O O   . VAL A 1 49  ? 2.273   5.703   -4.513  1.00 33.90  ? 49  VAL A O   1 
ATOM 329 C CB  . VAL A 1 49  ? 3.504   3.100   -2.547  1.00 34.44  ? 49  VAL A CB  1 
ATOM 330 C CG1 . VAL A 1 49  ? 3.408   2.375   -3.914  1.00 37.86  ? 49  VAL A CG1 1 
ATOM 331 C CG2 . VAL A 1 49  ? 4.718   2.644   -1.781  1.00 29.85  ? 49  VAL A CG2 1 
ATOM 332 N N   . VAL A 1 50  ? 1.055   4.824   -2.858  1.00 30.81  ? 50  VAL A N   1 
ATOM 333 C CA  . VAL A 1 50  ? -0.225  5.210   -3.425  1.00 30.73  ? 50  VAL A CA  1 
ATOM 334 C C   . VAL A 1 50  ? -1.263  5.136   -2.324  1.00 28.99  ? 50  VAL A C   1 
ATOM 335 O O   . VAL A 1 50  ? -1.093  4.387   -1.350  1.00 29.04  ? 50  VAL A O   1 
ATOM 336 C CB  . VAL A 1 50  ? -0.592  4.266   -4.623  1.00 31.92  ? 50  VAL A CB  1 
ATOM 337 C CG1 . VAL A 1 50  ? -0.912  2.883   -4.122  1.00 26.33  ? 50  VAL A CG1 1 
ATOM 338 C CG2 . VAL A 1 50  ? -1.761  4.821   -5.451  1.00 33.81  ? 50  VAL A CG2 1 
ATOM 339 N N   . ALA A 1 51  ? -2.351  5.877   -2.472  1.00 30.82  ? 51  ALA A N   1 
ATOM 340 C CA  . ALA A 1 51  ? -3.432  5.820   -1.497  1.00 32.43  ? 51  ALA A CA  1 
ATOM 341 C C   . ALA A 1 51  ? -4.759  5.768   -2.231  1.00 33.15  ? 51  ALA A C   1 
ATOM 342 O O   . ALA A 1 51  ? -4.852  6.184   -3.388  1.00 36.47  ? 51  ALA A O   1 
ATOM 343 C CB  . ALA A 1 51  ? -3.396  7.037   -0.562  1.00 27.55  ? 51  ALA A CB  1 
ATOM 344 N N   . ILE A 1 52  ? -5.797  5.282   -1.552  1.00 27.38  ? 52  ILE A N   1 
ATOM 345 C CA  . ILE A 1 52  ? -7.157  5.325   -2.092  1.00 29.83  ? 52  ILE A CA  1 
ATOM 346 C C   . ILE A 1 52  ? -8.045  5.967   -1.036  1.00 29.33  ? 52  ILE A C   1 
ATOM 347 O O   . ILE A 1 52  ? -8.098  5.488   0.102   1.00 31.94  ? 52  ILE A O   1 
ATOM 348 C CB  . ILE A 1 52  ? -7.685  3.920   -2.488  1.00 31.49  ? 52  ILE A CB  1 
ATOM 349 C CG1 . ILE A 1 52  ? -9.140  3.970   -2.959  1.00 31.14  ? 52  ILE A CG1 1 
ATOM 350 C CG2 . ILE A 1 52  ? -7.621  2.886   -1.339  1.00 27.83  ? 52  ILE A CG2 1 
ATOM 351 C CD1 . ILE A 1 52  ? -9.486  2.837   -4.015  1.00 41.64  ? 52  ILE A CD1 1 
ATOM 352 N N   . SER A 1 53  ? -8.730  7.053   -1.392  1.00 29.69  ? 53  SER A N   1 
ATOM 353 C CA  . SER A 1 53  ? -9.554  7.704   -0.372  1.00 35.86  ? 53  SER A CA  1 
ATOM 354 C C   . SER A 1 53  ? -10.764 6.832   -0.037  1.00 38.09  ? 53  SER A C   1 
ATOM 355 O O   . SER A 1 53  ? -11.063 5.864   -0.739  1.00 40.40  ? 53  SER A O   1 
ATOM 356 C CB  . SER A 1 53  ? -10.009 9.093   -0.831  1.00 35.77  ? 53  SER A CB  1 
ATOM 357 O OG  . SER A 1 53  ? -10.897 9.044   -1.928  1.00 34.20  ? 53  SER A OG  1 
ATOM 358 N N   . LYS A 1 54  ? -11.461 7.177   1.059   1.00 34.08  ? 54  LYS A N   1 
ATOM 359 C CA  . LYS A 1 54  ? -12.762 6.578   1.354   1.00 36.65  ? 54  LYS A CA  1 
ATOM 360 C C   . LYS A 1 54  ? -13.600 6.545   0.096   1.00 33.99  ? 54  LYS A C   1 
ATOM 361 O O   . LYS A 1 54  ? -14.269 5.551   -0.199  1.00 45.96  ? 54  LYS A O   1 
ATOM 362 C CB  . LYS A 1 54  ? -13.550 7.371   2.390   1.00 41.53  ? 54  LYS A CB  1 
ATOM 363 C CG  . LYS A 1 54  ? -12.831 7.752   3.639   1.00 55.20  ? 54  LYS A CG  1 
ATOM 364 C CD  . LYS A 1 54  ? -13.638 8.820   4.368   1.00 46.41  ? 54  LYS A CD  1 
ATOM 365 C CE  . LYS A 1 54  ? -12.785 9.556   5.350   1.00 51.37  ? 54  LYS A CE  1 
ATOM 366 N NZ  . LYS A 1 54  ? -13.498 9.623   6.667   1.00 54.20  ? 54  LYS A NZ  1 
ATOM 367 N N   . GLY A 1 55  ? -13.555 7.644   -0.659  1.00 34.48  ? 55  GLY A N   1 
ATOM 368 C CA  . GLY A 1 55  ? -14.311 7.755   -1.898  1.00 47.90  ? 55  GLY A CA  1 
ATOM 369 C C   . GLY A 1 55  ? -13.884 6.803   -2.993  1.00 42.16  ? 55  GLY A C   1 
ATOM 370 O O   . GLY A 1 55  ? -14.673 6.560   -3.912  1.00 50.00  ? 55  GLY A O   1 
ATOM 371 N N   . GLY A 1 56  ? -12.675 6.252   -2.918  1.00 38.82  ? 56  GLY A N   1 
ATOM 372 C CA  . GLY A 1 56  ? -12.168 5.423   -3.993  1.00 39.17  ? 56  GLY A CA  1 
ATOM 373 C C   . GLY A 1 56  ? -11.288 6.138   -4.998  1.00 36.15  ? 56  GLY A C   1 
ATOM 374 O O   . GLY A 1 56  ? -10.888 5.525   -5.997  1.00 36.55  ? 56  GLY A O   1 
ATOM 375 N N   . TYR A 1 57  ? -10.961 7.403   -4.762  1.00 39.49  ? 57  TYR A N   1 
ATOM 376 C CA  . TYR A 1 57  ? -10.100 8.146   -5.661  1.00 37.31  ? 57  TYR A CA  1 
ATOM 377 C C   . TYR A 1 57  ? -8.640  7.797   -5.419  1.00 34.27  ? 57  TYR A C   1 
ATOM 378 O O   . TYR A 1 57  ? -8.216  7.601   -4.281  1.00 35.04  ? 57  TYR A O   1 
ATOM 379 C CB  . TYR A 1 57  ? -10.335 9.649   -5.480  1.00 45.18  ? 57  TYR A CB  1 
ATOM 380 C CG  . TYR A 1 57  ? -11.657 10.057  -6.065  1.00 48.61  ? 57  TYR A CG  1 
ATOM 381 C CD1 . TYR A 1 57  ? -12.809 10.088  -5.287  1.00 54.04  ? 57  TYR A CD1 1 
ATOM 382 C CD2 . TYR A 1 57  ? -11.772 10.333  -7.416  1.00 41.93  ? 57  TYR A CD2 1 
ATOM 383 C CE1 . TYR A 1 57  ? -14.038 10.440  -5.843  1.00 51.19  ? 57  TYR A CE1 1 
ATOM 384 C CE2 . TYR A 1 57  ? -12.985 10.680  -7.973  1.00 53.41  ? 57  TYR A CE2 1 
ATOM 385 C CZ  . TYR A 1 57  ? -14.113 10.733  -7.189  1.00 48.99  ? 57  TYR A CZ  1 
ATOM 386 O OH  . TYR A 1 57  ? -15.312 11.087  -7.764  1.00 53.63  ? 57  TYR A OH  1 
ATOM 387 N N   . LYS A 1 58  ? -7.873  7.712   -6.494  1.00 32.42  ? 58  LYS A N   1 
ATOM 388 C CA  . LYS A 1 58  ? -6.482  7.306   -6.399  1.00 34.16  ? 58  LYS A CA  1 
ATOM 389 C C   . LYS A 1 58  ? -5.586  8.521   -6.223  1.00 43.63  ? 58  LYS A C   1 
ATOM 390 O O   . LYS A 1 58  ? -5.689  9.491   -6.984  1.00 33.26  ? 58  LYS A O   1 
ATOM 391 C CB  . LYS A 1 58  ? -6.052  6.534   -7.647  1.00 41.30  ? 58  LYS A CB  1 
ATOM 392 C CG  . LYS A 1 58  ? -4.602  6.034   -7.605  1.00 45.28  ? 58  LYS A CG  1 
ATOM 393 C CD  . LYS A 1 58  ? -4.091  5.699   -9.011  1.00 44.40  ? 58  LYS A CD  1 
ATOM 394 C CE  . LYS A 1 58  ? -4.021  6.950   -9.879  1.00 46.18  ? 58  LYS A CE  1 
ATOM 395 N NZ  . LYS A 1 58  ? -2.753  7.037   -10.645 1.00 54.16  ? 58  LYS A NZ  1 
ATOM 396 N N   . TYR A 1 59  ? -4.679  8.449   -5.246  1.00 33.23  ? 59  TYR A N   1 
ATOM 397 C CA  . TYR A 1 59  ? -3.649  9.467   -5.088  1.00 35.84  ? 59  TYR A CA  1 
ATOM 398 C C   . TYR A 1 59  ? -2.285  8.843   -5.324  1.00 28.62  ? 59  TYR A C   1 
ATOM 399 O O   . TYR A 1 59  ? -1.846  7.978   -4.558  1.00 37.77  ? 59  TYR A O   1 
ATOM 400 C CB  . TYR A 1 59  ? -3.745  10.119  -3.723  1.00 31.66  ? 59  TYR A CB  1 
ATOM 401 C CG  . TYR A 1 59  ? -4.962  11.005  -3.644  1.00 40.10  ? 59  TYR A CG  1 
ATOM 402 C CD1 . TYR A 1 59  ? -6.225  10.472  -3.427  1.00 44.24  ? 59  TYR A CD1 1 
ATOM 403 C CD2 . TYR A 1 59  ? -4.854  12.378  -3.839  1.00 39.37  ? 59  TYR A CD2 1 
ATOM 404 C CE1 . TYR A 1 59  ? -7.348  11.287  -3.362  1.00 45.55  ? 59  TYR A CE1 1 
ATOM 405 C CE2 . TYR A 1 59  ? -5.964  13.198  -3.764  1.00 42.13  ? 59  TYR A CE2 1 
ATOM 406 C CZ  . TYR A 1 59  ? -7.205  12.650  -3.531  1.00 38.98  ? 59  TYR A CZ  1 
ATOM 407 O OH  . TYR A 1 59  ? -8.302  13.470  -3.469  1.00 45.05  ? 59  TYR A OH  1 
ATOM 408 N N   . ASP A 1 60  ? -1.635  9.261   -6.394  1.00 33.52  ? 60  ASP A N   1 
ATOM 409 C CA  . ASP A 1 60  ? -0.317  8.763   -6.730  1.00 35.39  ? 60  ASP A CA  1 
ATOM 410 C C   . ASP A 1 60  ? 0.731   9.540   -5.935  1.00 32.26  ? 60  ASP A C   1 
ATOM 411 O O   . ASP A 1 60  ? 0.473   10.637  -5.428  1.00 32.64  ? 60  ASP A O   1 
ATOM 412 C CB  . ASP A 1 60  ? -0.086  8.897   -8.242  1.00 39.44  ? 60  ASP A CB  1 
ATOM 413 C CG  . ASP A 1 60  ? 0.774   7.776   -8.822  1.00 57.23  ? 60  ASP A CG  1 
ATOM 414 O OD1 . ASP A 1 60  ? 0.694   6.620   -8.324  1.00 55.36  ? 60  ASP A OD1 1 
ATOM 415 O OD2 . ASP A 1 60  ? 1.529   8.053   -9.787  1.00 50.81  ? 60  ASP A OD2 1 
ATOM 416 N N   . ALA A 1 61  ? 1.919   8.959   -5.820  1.00 31.48  ? 61  ALA A N   1 
ATOM 417 C CA  . ALA A 1 61  ? 3.028   9.702   -5.245  1.00 42.77  ? 61  ALA A CA  1 
ATOM 418 C C   . ALA A 1 61  ? 3.419   10.840  -6.180  1.00 48.11  ? 61  ALA A C   1 
ATOM 419 O O   . ALA A 1 61  ? 2.890   10.980  -7.290  1.00 50.86  ? 61  ALA A O   1 
ATOM 420 C CB  . ALA A 1 61  ? 4.216   8.773   -4.978  1.00 45.96  ? 61  ALA A CB  1 
ATOM 421 N N   . VAL A 1 62  ? 4.346   11.686  -5.728  1.00 44.94  ? 62  VAL A N   1 
ATOM 422 C CA  . VAL A 1 62  ? 4.825   12.724  -6.639  1.00 55.42  ? 62  VAL A CA  1 
ATOM 423 C C   . VAL A 1 62  ? 5.941   12.201  -7.531  1.00 52.48  ? 62  VAL A C   1 
ATOM 424 O O   . VAL A 1 62  ? 6.189   12.774  -8.598  1.00 63.38  ? 62  VAL A O   1 
ATOM 425 C CB  . VAL A 1 62  ? 5.281   13.994  -5.897  1.00 50.68  ? 62  VAL A CB  1 
ATOM 426 C CG1 . VAL A 1 62  ? 4.083   14.892  -5.551  1.00 56.62  ? 62  VAL A CG1 1 
ATOM 427 C CG2 . VAL A 1 62  ? 6.041   13.641  -4.639  1.00 42.21  ? 62  VAL A CG2 1 
ATOM 428 N N   . SER A 1 63  ? 6.582   11.097  -7.160  1.00 52.00  ? 63  SER A N   1 
ATOM 429 C CA  . SER A 1 63  ? 7.769   10.638  -7.869  1.00 64.29  ? 63  SER A CA  1 
ATOM 430 C C   . SER A 1 63  ? 7.771   9.143   -8.199  1.00 63.51  ? 63  SER A C   1 
ATOM 431 O O   . SER A 1 63  ? 8.810   8.622   -8.620  1.00 65.24  ? 63  SER A O   1 
ATOM 432 C CB  . SER A 1 63  ? 9.017   10.994  -7.046  1.00 64.55  ? 63  SER A CB  1 
ATOM 433 O OG  . SER A 1 63  ? 10.212  10.592  -7.694  1.00 62.93  ? 63  SER A OG  1 
ATOM 434 N N   . LEU A 1 64  ? 6.654   8.430   -8.038  1.00 60.13  ? 64  LEU A N   1 
ATOM 435 C CA  . LEU A 1 64  ? 6.648   7.001   -8.344  1.00 68.16  ? 64  LEU A CA  1 
ATOM 436 C C   . LEU A 1 64  ? 6.115   6.702   -9.740  1.00 70.81  ? 64  LEU A C   1 
ATOM 437 O O   . LEU A 1 64  ? 6.027   5.529   -10.120 1.00 63.90  ? 64  LEU A O   1 
ATOM 438 C CB  . LEU A 1 64  ? 5.861   6.230   -7.274  1.00 64.59  ? 64  LEU A CB  1 
ATOM 439 C CG  . LEU A 1 64  ? 6.762   6.004   -6.040  1.00 66.22  ? 64  LEU A CG  1 
ATOM 440 C CD1 . LEU A 1 64  ? 6.189   5.062   -4.977  1.00 53.73  ? 64  LEU A CD1 1 
ATOM 441 C CD2 . LEU A 1 64  ? 8.128   5.493   -6.472  1.00 69.20  ? 64  LEU A CD2 1 
ATOM 442 N N   . GLU A 1 65  ? 5.746   7.743   -10.494 1.00 75.83  ? 65  GLU A N   1 
ATOM 443 C CA  . GLU A 1 65  ? 5.619   7.700   -11.949 1.00 74.86  ? 65  GLU A CA  1 
ATOM 444 C C   . GLU A 1 65  ? 4.506   6.766   -12.433 1.00 70.32  ? 65  GLU A C   1 
ATOM 445 O O   . GLU A 1 65  ? 4.635   6.136   -13.485 1.00 67.26  ? 65  GLU A O   1 
ATOM 446 C CB  . GLU A 1 65  ? 6.960   7.326   -12.592 1.00 76.82  ? 65  GLU A CB  1 
ATOM 447 C CG  . GLU A 1 65  ? 8.149   8.179   -12.116 1.00 82.30  ? 65  GLU A CG  1 
ATOM 448 C CD  . GLU A 1 65  ? 8.166   9.613   -12.679 1.00 92.36  ? 65  GLU A CD  1 
ATOM 449 O OE1 . GLU A 1 65  ? 7.119   10.112  -13.150 1.00 83.32  ? 65  GLU A OE1 1 
ATOM 450 O OE2 . GLU A 1 65  ? 9.243   10.250  -12.637 1.00 95.90  ? 65  GLU A OE2 1 
ATOM 451 N N   . GLY A 1 66  ? 3.406   6.674   -11.688 1.00 64.01  ? 66  GLY A N   1 
ATOM 452 C CA  . GLY A 1 66  ? 2.218   5.972   -12.166 1.00 55.46  ? 66  GLY A CA  1 
ATOM 453 C C   . GLY A 1 66  ? 2.368   4.477   -12.377 1.00 52.87  ? 66  GLY A C   1 
ATOM 454 O O   . GLY A 1 66  ? 1.827   3.937   -13.348 1.00 48.97  ? 66  GLY A O   1 
ATOM 455 N N   . ARG A 1 67  ? 3.067   3.787   -11.482 1.00 46.74  ? 67  ARG A N   1 
ATOM 456 C CA  . ARG A 1 67  ? 3.382   2.381   -11.682 1.00 49.45  ? 67  ARG A CA  1 
ATOM 457 C C   . ARG A 1 67  ? 2.605   1.466   -10.743 1.00 45.00  ? 67  ARG A C   1 
ATOM 458 O O   . ARG A 1 67  ? 2.666   0.238   -10.885 1.00 46.87  ? 67  ARG A O   1 
ATOM 459 C CB  . ARG A 1 67  ? 4.895   2.176   -11.528 1.00 49.74  ? 67  ARG A CB  1 
ATOM 460 C CG  . ARG A 1 67  ? 5.385   0.786   -11.841 1.00 51.66  ? 67  ARG A CG  1 
ATOM 461 C CD  . ARG A 1 67  ? 6.577   0.791   -12.798 1.00 50.83  ? 67  ARG A CD  1 
ATOM 462 N NE  . ARG A 1 67  ? 7.827   0.897   -12.056 1.00 57.23  ? 67  ARG A NE  1 
ATOM 463 C CZ  . ARG A 1 67  ? 8.297   -0.034  -11.232 1.00 59.21  ? 67  ARG A CZ  1 
ATOM 464 N NH1 . ARG A 1 67  ? 7.685   -1.198  -11.078 1.00 55.71  ? 67  ARG A NH1 1 
ATOM 465 N NH2 . ARG A 1 67  ? 9.393   0.223   -10.522 1.00 59.04  ? 67  ARG A NH2 1 
ATOM 466 N N   . PHE A 1 68  ? 1.851   2.029   -9.815  1.00 46.30  ? 68  PHE A N   1 
ATOM 467 C CA  . PHE A 1 68  ? 1.108   1.268   -8.827  1.00 46.17  ? 68  PHE A CA  1 
ATOM 468 C C   . PHE A 1 68  ? -0.377  1.502   -9.036  1.00 50.63  ? 68  PHE A C   1 
ATOM 469 O O   . PHE A 1 68  ? -0.796  2.600   -9.424  1.00 42.19  ? 68  PHE A O   1 
ATOM 470 C CB  . PHE A 1 68  ? 1.509   1.678   -7.418  1.00 39.97  ? 68  PHE A CB  1 
ATOM 471 C CG  . PHE A 1 68  ? 2.958   1.462   -7.131  1.00 43.77  ? 68  PHE A CG  1 
ATOM 472 C CD1 . PHE A 1 68  ? 3.417   0.223   -6.695  1.00 42.93  ? 68  PHE A CD1 1 
ATOM 473 C CD2 . PHE A 1 68  ? 3.867   2.494   -7.297  1.00 47.66  ? 68  PHE A CD2 1 
ATOM 474 C CE1 . PHE A 1 68  ? 4.763   0.014   -6.433  1.00 54.56  ? 68  PHE A CE1 1 
ATOM 475 C CE2 . PHE A 1 68  ? 5.210   2.295   -7.034  1.00 46.61  ? 68  PHE A CE2 1 
ATOM 476 C CZ  . PHE A 1 68  ? 5.659   1.056   -6.610  1.00 51.54  ? 68  PHE A CZ  1 
ATOM 477 N N   . THR A 1 69  ? -1.163  0.454   -8.801  1.00 38.96  ? 69  THR A N   1 
ATOM 478 C CA  . THR A 1 69  ? -2.612  0.508   -8.909  1.00 38.53  ? 69  THR A CA  1 
ATOM 479 C C   . THR A 1 69  ? -3.216  -0.066  -7.636  1.00 44.18  ? 69  THR A C   1 
ATOM 480 O O   . THR A 1 69  ? -2.834  -1.152  -7.187  1.00 45.75  ? 69  THR A O   1 
ATOM 481 C CB  . THR A 1 69  ? -3.115  -0.243  -10.152 1.00 54.83  ? 69  THR A CB  1 
ATOM 482 O OG1 . THR A 1 69  ? -2.466  0.277   -11.332 1.00 54.52  ? 69  THR A OG1 1 
ATOM 483 C CG2 . THR A 1 69  ? -4.633  -0.092  -10.298 1.00 63.21  ? 69  THR A CG2 1 
ATOM 484 N N   . ILE A 1 70  ? -4.154  0.664   -7.062  1.00 37.61  ? 70  ILE A N   1 
ATOM 485 C CA  . ILE A 1 70  ? -4.745  0.321   -5.781  1.00 40.18  ? 70  ILE A CA  1 
ATOM 486 C C   . ILE A 1 70  ? -6.231  0.060   -5.984  1.00 33.71  ? 70  ILE A C   1 
ATOM 487 O O   . ILE A 1 70  ? -6.875  0.688   -6.828  1.00 37.63  ? 70  ILE A O   1 
ATOM 488 C CB  . ILE A 1 70  ? -4.499  1.463   -4.774  1.00 35.67  ? 70  ILE A CB  1 
ATOM 489 C CG1 . ILE A 1 70  ? -4.986  1.087   -3.370  1.00 33.19  ? 70  ILE A CG1 1 
ATOM 490 C CG2 . ILE A 1 70  ? -5.100  2.781   -5.332  1.00 30.99  ? 70  ILE A CG2 1 
ATOM 491 C CD1 . ILE A 1 70  ? -4.333  1.921   -2.276  1.00 29.13  ? 70  ILE A CD1 1 
ATOM 492 N N   . SER A 1 71  ? -6.769  -0.891  -5.230  1.00 34.24  ? 71  SER A N   1 
ATOM 493 C CA  . SER A 1 71  ? -8.204  -1.107  -5.208  1.00 32.12  ? 71  SER A CA  1 
ATOM 494 C C   . SER A 1 71  ? -8.566  -1.561  -3.815  1.00 33.06  ? 71  SER A C   1 
ATOM 495 O O   . SER A 1 71  ? -7.723  -2.069  -3.075  1.00 36.76  ? 71  SER A O   1 
ATOM 496 C CB  . SER A 1 71  ? -8.668  -2.139  -6.251  1.00 43.15  ? 71  SER A CB  1 
ATOM 497 O OG  . SER A 1 71  ? -8.008  -3.385  -6.110  1.00 36.39  ? 71  SER A OG  1 
ATOM 498 N N   . ARG A 1 72  ? -9.822  -1.370  -3.450  1.00 37.12  ? 72  ARG A N   1 
ATOM 499 C CA  . ARG A 1 72  ? -10.286 -1.879  -2.176  1.00 42.37  ? 72  ARG A CA  1 
ATOM 500 C C   . ARG A 1 72  ? -11.492 -2.776  -2.384  1.00 44.76  ? 72  ARG A C   1 
ATOM 501 O O   . ARG A 1 72  ? -12.184 -2.705  -3.408  1.00 41.66  ? 72  ARG A O   1 
ATOM 502 C CB  . ARG A 1 72  ? -10.612 -0.743  -1.205  1.00 41.67  ? 72  ARG A CB  1 
ATOM 503 C CG  . ARG A 1 72  ? -11.727 0.150   -1.668  1.00 45.27  ? 72  ARG A CG  1 
ATOM 504 C CD  . ARG A 1 72  ? -11.686 1.482   -0.919  1.00 39.15  ? 72  ARG A CD  1 
ATOM 505 N NE  . ARG A 1 72  ? -11.794 1.271   0.516   1.00 41.02  ? 72  ARG A NE  1 
ATOM 506 C CZ  . ARG A 1 72  ? -11.317 2.107   1.426   1.00 42.78  ? 72  ARG A CZ  1 
ATOM 507 N NH1 . ARG A 1 72  ? -10.747 3.252   1.080   1.00 36.57  ? 72  ARG A NH1 1 
ATOM 508 N NH2 . ARG A 1 72  ? -11.411 1.782   2.714   1.00 43.62  ? 72  ARG A NH2 1 
ATOM 509 N N   . ASP A 1 73  ? -11.727 -3.630  -1.387  1.00 47.07  ? 73  ASP A N   1 
ATOM 510 C CA  . ASP A 1 73  ? -12.886 -4.523  -1.328  1.00 47.01  ? 73  ASP A CA  1 
ATOM 511 C C   . ASP A 1 73  ? -13.557 -4.270  0.022   1.00 43.51  ? 73  ASP A C   1 
ATOM 512 O O   . ASP A 1 73  ? -13.258 -4.934  1.017   1.00 46.40  ? 73  ASP A O   1 
ATOM 513 C CB  . ASP A 1 73  ? -12.490 -6.002  -1.486  1.00 49.36  ? 73  ASP A CB  1 
ATOM 514 C CG  . ASP A 1 73  ? -13.702 -6.921  -1.692  1.00 65.93  ? 73  ASP A CG  1 
ATOM 515 O OD1 . ASP A 1 73  ? -14.815 -6.544  -1.273  1.00 58.35  ? 73  ASP A OD1 1 
ATOM 516 O OD2 . ASP A 1 73  ? -13.539 -8.036  -2.251  1.00 62.30  ? 73  ASP A OD2 1 
ATOM 517 N N   . ASN A 1 74  ? -14.475 -3.304  0.054   1.00 43.93  ? 74  ASN A N   1 
ATOM 518 C CA  . ASN A 1 74  ? -15.270 -3.086  1.256   1.00 54.78  ? 74  ASN A CA  1 
ATOM 519 C C   . ASN A 1 74  ? -16.086 -4.312  1.637   1.00 60.77  ? 74  ASN A C   1 
ATOM 520 O O   . ASN A 1 74  ? -16.646 -4.343  2.734   1.00 61.84  ? 74  ASN A O   1 
ATOM 521 C CB  . ASN A 1 74  ? -16.197 -1.878  1.071   1.00 56.72  ? 74  ASN A CB  1 
ATOM 522 C CG  . ASN A 1 74  ? -15.435 -0.559  0.985   1.00 52.47  ? 74  ASN A CG  1 
ATOM 523 O OD1 . ASN A 1 74  ? -14.202 -0.537  0.989   1.00 46.26  ? 74  ASN A OD1 1 
ATOM 524 N ND2 . ASN A 1 74  ? -16.168 0.544   0.927   1.00 46.89  ? 74  ASN A ND2 1 
ATOM 525 N N   . ALA A 1 75  ? -16.171 -5.313  0.764   1.00 61.89  ? 75  ALA A N   1 
ATOM 526 C CA  . ALA A 1 75  ? -16.877 -6.553  1.048   1.00 64.11  ? 75  ALA A CA  1 
ATOM 527 C C   . ALA A 1 75  ? -15.950 -7.648  1.559   1.00 68.14  ? 75  ALA A C   1 
ATOM 528 O O   . ALA A 1 75  ? -16.309 -8.828  1.505   1.00 77.08  ? 75  ALA A O   1 
ATOM 529 C CB  . ALA A 1 75  ? -17.616 -7.035  -0.203  1.00 66.09  ? 75  ALA A CB  1 
ATOM 530 N N   . LYS A 1 76  ? -14.764 -7.293  2.039   1.00 52.20  ? 76  LYS A N   1 
ATOM 531 C CA  . LYS A 1 76  ? -13.843 -8.304  2.569   1.00 47.41  ? 76  LYS A CA  1 
ATOM 532 C C   . LYS A 1 76  ? -12.815 -7.663  3.477   1.00 56.59  ? 76  LYS A C   1 
ATOM 533 O O   . LYS A 1 76  ? -11.795 -8.309  3.760   1.00 57.47  ? 76  LYS A O   1 
ATOM 534 C CB  . LYS A 1 76  ? -13.115 -9.079  1.438   1.00 52.37  ? 76  LYS A CB  1 
ATOM 535 C CG  . LYS A 1 76  ? -13.594 -10.521 1.208   1.00 64.94  ? 76  LYS A CG  1 
ATOM 536 C CD  . LYS A 1 76  ? -12.655 -11.385 0.322   1.00 64.78  ? 76  LYS A CD  1 
ATOM 537 C CE  . LYS A 1 76  ? -12.690 -11.069 -1.169  1.00 56.70  ? 76  LYS A CE  1 
ATOM 538 N NZ  . LYS A 1 76  ? -13.880 -11.659 -1.835  1.00 48.04  ? 76  LYS A NZ  1 
ATOM 539 N N   . ASN A 1 77  ? -12.989 -6.412  3.904   1.00 57.11  ? 77  ASN A N   1 
ATOM 540 C CA  . ASN A 1 77  ? -12.053 -5.777  4.826   1.00 59.57  ? 77  ASN A CA  1 
ATOM 541 C C   . ASN A 1 77  ? -10.726 -5.445  4.209   1.00 54.92  ? 77  ASN A C   1 
ATOM 542 O O   . ASN A 1 77  ? -9.744  -5.329  4.943   1.00 52.91  ? 77  ASN A O   1 
ATOM 543 C CB  . ASN A 1 77  ? -11.767 -6.633  6.055   1.00 68.78  ? 77  ASN A CB  1 
ATOM 544 C CG  . ASN A 1 77  ? -12.144 -5.964  7.322   1.00 73.44  ? 77  ASN A CG  1 
ATOM 545 O OD1 . ASN A 1 77  ? -12.134 -4.750  7.367   1.00 71.97  ? 77  ASN A OD1 1 
ATOM 546 N ND2 . ASN A 1 77  ? -12.491 -6.753  8.387   1.00 74.75  ? 77  ASN A ND2 1 
ATOM 547 N N   . THR A 1 78  ? -10.659 -5.334  2.889   1.00 51.47  ? 78  THR A N   1 
ATOM 548 C CA  . THR A 1 78  ? -9.389  -5.524  2.209   1.00 47.61  ? 78  THR A CA  1 
ATOM 549 C C   . THR A 1 78  ? -9.114  -4.417  1.209   1.00 41.85  ? 78  THR A C   1 
ATOM 550 O O   . THR A 1 78  ? -9.997  -4.029  0.435   1.00 36.62  ? 78  THR A O   1 
ATOM 551 C CB  . THR A 1 78  ? -9.393  -6.876  1.523   1.00 40.97  ? 78  THR A CB  1 
ATOM 552 O OG1 . THR A 1 78  ? -9.853  -7.841  2.473   1.00 50.06  ? 78  THR A OG1 1 
ATOM 553 C CG2 . THR A 1 78  ? -7.995  -7.248  1.116   1.00 43.48  ? 78  THR A CG2 1 
ATOM 554 N N   . VAL A 1 79  ? -7.884  -3.914  1.240   1.00 40.18  ? 79  VAL A N   1 
ATOM 555 C CA  . VAL A 1 79  ? -7.328  -3.048  0.211   1.00 33.37  ? 79  VAL A CA  1 
ATOM 556 C C   . VAL A 1 79  ? -6.173  -3.810  -0.404  1.00 30.13  ? 79  VAL A C   1 
ATOM 557 O O   . VAL A 1 79  ? -5.506  -4.604  0.264   1.00 29.07  ? 79  VAL A O   1 
ATOM 558 C CB  . VAL A 1 79  ? -6.898  -1.668  0.765   1.00 37.17  ? 79  VAL A CB  1 
ATOM 559 C CG1 . VAL A 1 79  ? -5.561  -1.765  1.522   1.00 40.56  ? 79  VAL A CG1 1 
ATOM 560 C CG2 . VAL A 1 79  ? -6.757  -0.655  -0.349  1.00 31.07  ? 79  VAL A CG2 1 
ATOM 561 N N   . TYR A 1 80  ? -5.977  -3.612  -1.702  1.00 31.77  ? 80  TYR A N   1 
ATOM 562 C CA  . TYR A 1 80  ? -4.942  -4.310  -2.440  1.00 32.09  ? 80  TYR A CA  1 
ATOM 563 C C   . TYR A 1 80  ? -3.996  -3.300  -3.062  1.00 27.84  ? 80  TYR A C   1 
ATOM 564 O O   . TYR A 1 80  ? -4.383  -2.175  -3.388  1.00 34.85  ? 80  TYR A O   1 
ATOM 565 C CB  . TYR A 1 80  ? -5.535  -5.225  -3.537  1.00 30.55  ? 80  TYR A CB  1 
ATOM 566 C CG  . TYR A 1 80  ? -6.581  -6.182  -3.042  1.00 40.07  ? 80  TYR A CG  1 
ATOM 567 C CD1 . TYR A 1 80  ? -6.251  -7.491  -2.696  1.00 46.03  ? 80  TYR A CD1 1 
ATOM 568 C CD2 . TYR A 1 80  ? -7.903  -5.787  -2.925  1.00 33.43  ? 80  TYR A CD2 1 
ATOM 569 C CE1 . TYR A 1 80  ? -7.203  -8.370  -2.230  1.00 40.52  ? 80  TYR A CE1 1 
ATOM 570 C CE2 . TYR A 1 80  ? -8.868  -6.662  -2.474  1.00 42.67  ? 80  TYR A CE2 1 
ATOM 571 C CZ  . TYR A 1 80  ? -8.516  -7.958  -2.127  1.00 47.88  ? 80  TYR A CZ  1 
ATOM 572 O OH  . TYR A 1 80  ? -9.485  -8.828  -1.674  1.00 46.69  ? 80  TYR A OH  1 
ATOM 573 N N   . LEU A 1 81  ? -2.747  -3.713  -3.189  1.00 34.68  ? 81  LEU A N   1 
ATOM 574 C CA  . LEU A 1 81  ? -1.730  -2.981  -3.922  1.00 31.28  ? 81  LEU A CA  1 
ATOM 575 C C   . LEU A 1 81  ? -1.328  -3.832  -5.103  1.00 31.22  ? 81  LEU A C   1 
ATOM 576 O O   . LEU A 1 81  ? -1.111  -5.030  -4.944  1.00 32.83  ? 81  LEU A O   1 
ATOM 577 C CB  . LEU A 1 81  ? -0.501  -2.704  -3.063  1.00 34.76  ? 81  LEU A CB  1 
ATOM 578 C CG  . LEU A 1 81  ? 0.666   -2.071  -3.828  1.00 35.46  ? 81  LEU A CG  1 
ATOM 579 C CD1 . LEU A 1 81  ? 0.254   -0.684  -4.377  1.00 30.60  ? 81  LEU A CD1 1 
ATOM 580 C CD2 . LEU A 1 81  ? 1.913   -1.993  -2.965  1.00 32.18  ? 81  LEU A CD2 1 
ATOM 581 N N   . GLN A 1 82  ? -1.245  -3.237  -6.287  1.00 35.29  ? 82  GLN A N   1 
ATOM 582 C CA  . GLN A 1 82  ? -0.854  -4.002  -7.461  1.00 40.83  ? 82  GLN A CA  1 
ATOM 583 C C   . GLN A 1 82  ? 0.389   -3.374  -8.060  1.00 34.64  ? 82  GLN A C   1 
ATOM 584 O O   . GLN A 1 82  ? 0.452   -2.157  -8.236  1.00 46.48  ? 82  GLN A O   1 
ATOM 585 C CB  . GLN A 1 82  ? -1.988  -4.061  -8.485  1.00 51.43  ? 82  GLN A CB  1 
ATOM 586 C CG  . GLN A 1 82  ? -2.024  -5.351  -9.298  1.00 46.10  ? 82  GLN A CG  1 
ATOM 587 C CD  . GLN A 1 82  ? -0.895  -5.470  -10.298 1.00 56.29  ? 82  GLN A CD  1 
ATOM 588 O OE1 . GLN A 1 82  ? -0.071  -4.568  -10.431 1.00 56.46  ? 82  GLN A OE1 1 
ATOM 589 N NE2 . GLN A 1 82  ? -0.858  -6.586  -11.024 1.00 52.10  ? 82  GLN A NE2 1 
ATOM 590 N N   . ILE A 1 83  ? 1.374   -4.203  -8.367  1.00 42.90  ? 83  ILE A N   1 
ATOM 591 C CA  . ILE A 1 83  ? 2.602   -3.760  -9.014  1.00 43.50  ? 83  ILE A CA  1 
ATOM 592 C C   . ILE A 1 83  ? 2.749   -4.563  -10.293 1.00 46.91  ? 83  ILE A C   1 
ATOM 593 O O   . ILE A 1 83  ? 3.007   -5.773  -10.249 1.00 40.66  ? 83  ILE A O   1 
ATOM 594 C CB  . ILE A 1 83  ? 3.834   -3.932  -8.119  1.00 50.35  ? 83  ILE A CB  1 
ATOM 595 C CG1 . ILE A 1 83  ? 3.552   -3.406  -6.709  1.00 35.09  ? 83  ILE A CG1 1 
ATOM 596 C CG2 . ILE A 1 83  ? 5.023   -3.231  -8.736  1.00 53.55  ? 83  ILE A CG2 1 
ATOM 597 C CD1 . ILE A 1 83  ? 4.327   -4.101  -5.663  1.00 36.39  ? 83  ILE A CD1 1 
ATOM 598 N N   . ASN A 1 84  ? 2.530   -3.907  -11.432 1.00 51.54  ? 84  ASN A N   1 
ATOM 599 C CA  . ASN A 1 84  ? 2.885   -4.500  -12.714 1.00 48.50  ? 84  ASN A CA  1 
ATOM 600 C C   . ASN A 1 84  ? 4.362   -4.261  -12.990 1.00 41.58  ? 84  ASN A C   1 
ATOM 601 O O   . ASN A 1 84  ? 4.960   -3.298  -12.498 1.00 47.85  ? 84  ASN A O   1 
ATOM 602 C CB  . ASN A 1 84  ? 2.051   -3.913  -13.840 1.00 42.62  ? 84  ASN A CB  1 
ATOM 603 C CG  . ASN A 1 84  ? 0.565   -3.951  -13.564 1.00 48.83  ? 84  ASN A CG  1 
ATOM 604 O OD1 . ASN A 1 84  ? 0.033   -4.942  -13.064 1.00 49.75  ? 84  ASN A OD1 1 
ATOM 605 N ND2 . ASN A 1 84  ? -0.119  -2.859  -13.894 1.00 48.72  ? 84  ASN A ND2 1 
ATOM 606 N N   . SER A 1 85  ? 4.949   -5.160  -13.772 1.00 50.29  ? 85  SER A N   1 
ATOM 607 C CA  . SER A 1 85  ? 6.337   -5.041  -14.220 1.00 60.56  ? 85  SER A CA  1 
ATOM 608 C C   . SER A 1 85  ? 7.243   -4.649  -13.049 1.00 55.55  ? 85  SER A C   1 
ATOM 609 O O   . SER A 1 85  ? 7.786   -3.545  -12.974 1.00 51.42  ? 85  SER A O   1 
ATOM 610 C CB  . SER A 1 85  ? 6.434   -4.044  -15.384 1.00 53.00  ? 85  SER A CB  1 
ATOM 611 O OG  . SER A 1 85  ? 7.687   -4.138  -16.046 1.00 58.55  ? 85  SER A OG  1 
ATOM 612 N N   . LEU A 1 86  ? 7.327   -5.588  -12.100 1.00 49.42  ? 86  LEU A N   1 
ATOM 613 C CA  . LEU A 1 86  ? 8.144   -5.399  -10.907 1.00 45.21  ? 86  LEU A CA  1 
ATOM 614 C C   . LEU A 1 86  ? 9.603   -5.209  -11.287 1.00 55.35  ? 86  LEU A C   1 
ATOM 615 O O   . LEU A 1 86  ? 10.146  -5.956  -12.109 1.00 59.85  ? 86  LEU A O   1 
ATOM 616 C CB  . LEU A 1 86  ? 8.014   -6.610  -9.988  1.00 47.14  ? 86  LEU A CB  1 
ATOM 617 C CG  . LEU A 1 86  ? 6.629   -6.886  -9.420  1.00 43.04  ? 86  LEU A CG  1 
ATOM 618 C CD1 . LEU A 1 86  ? 6.413   -8.363  -9.450  1.00 46.55  ? 86  LEU A CD1 1 
ATOM 619 C CD2 . LEU A 1 86  ? 6.552   -6.328  -7.986  1.00 44.12  ? 86  LEU A CD2 1 
ATOM 620 N N   . ARG A 1 87  ? 10.239  -4.221  -10.686 1.00 42.93  ? 87  ARG A N   1 
ATOM 621 C CA  . ARG A 1 87  ? 11.654  -4.013  -10.921 1.00 54.94  ? 87  ARG A CA  1 
ATOM 622 C C   . ARG A 1 87  ? 12.396  -4.190  -9.608  1.00 52.61  ? 87  ARG A C   1 
ATOM 623 O O   . ARG A 1 87  ? 11.813  -3.999  -8.539  1.00 48.15  ? 87  ARG A O   1 
ATOM 624 C CB  . ARG A 1 87  ? 11.938  -2.612  -11.502 1.00 62.49  ? 87  ARG A CB  1 
ATOM 625 C CG  . ARG A 1 87  ? 10.819  -2.077  -12.418 1.00 61.11  ? 87  ARG A CG  1 
ATOM 626 C CD  . ARG A 1 87  ? 11.103  -0.682  -13.013 1.00 61.73  ? 87  ARG A CD  1 
ATOM 627 N NE  . ARG A 1 87  ? 11.843  -0.704  -14.274 1.00 69.69  ? 87  ARG A NE  1 
ATOM 628 C CZ  . ARG A 1 87  ? 13.161  -0.569  -14.382 1.00 69.57  ? 87  ARG A CZ  1 
ATOM 629 N NH1 . ARG A 1 87  ? 13.932  -0.436  -13.316 1.00 73.90  ? 87  ARG A NH1 1 
ATOM 630 N NH2 . ARG A 1 87  ? 13.717  -0.554  -15.592 1.00 64.88  ? 87  ARG A NH2 1 
ATOM 631 N N   . PRO A 1 88  ? 13.672  -4.577  -9.650  1.00 57.60  ? 88  PRO A N   1 
ATOM 632 C CA  . PRO A 1 88  ? 14.421  -4.760  -8.398  1.00 48.50  ? 88  PRO A CA  1 
ATOM 633 C C   . PRO A 1 88  ? 14.234  -3.631  -7.390  1.00 50.57  ? 88  PRO A C   1 
ATOM 634 O O   . PRO A 1 88  ? 14.221  -3.897  -6.179  1.00 41.33  ? 88  PRO A O   1 
ATOM 635 C CB  . PRO A 1 88  ? 15.863  -4.873  -8.897  1.00 52.76  ? 88  PRO A CB  1 
ATOM 636 C CG  . PRO A 1 88  ? 15.713  -5.627  -10.182 1.00 57.10  ? 88  PRO A CG  1 
ATOM 637 C CD  . PRO A 1 88  ? 14.439  -5.059  -10.817 1.00 57.85  ? 88  PRO A CD  1 
ATOM 638 N N   . GLU A 1 89  ? 14.037  -2.391  -7.854  1.00 43.05  ? 89  GLU A N   1 
ATOM 639 C CA  . GLU A 1 89  ? 13.785  -1.260  -6.960  1.00 57.61  ? 89  GLU A CA  1 
ATOM 640 C C   . GLU A 1 89  ? 12.504  -1.415  -6.142  1.00 46.94  ? 89  GLU A C   1 
ATOM 641 O O   . GLU A 1 89  ? 12.353  -0.721  -5.134  1.00 43.56  ? 89  GLU A O   1 
ATOM 642 C CB  . GLU A 1 89  ? 13.784  0.046   -7.781  1.00 41.56  ? 89  GLU A CB  1 
ATOM 643 C CG  . GLU A 1 89  ? 12.460  0.446   -8.433  1.00 61.65  ? 89  GLU A CG  1 
ATOM 644 C CD  . GLU A 1 89  ? 11.516  1.214   -7.515  1.00 56.68  ? 89  GLU A CD  1 
ATOM 645 O OE1 . GLU A 1 89  ? 11.930  1.590   -6.399  1.00 56.45  ? 89  GLU A OE1 1 
ATOM 646 O OE2 . GLU A 1 89  ? 10.343  1.407   -7.896  1.00 53.71  ? 89  GLU A OE2 1 
ATOM 647 N N   . ASP A 1 90  ? 11.601  -2.322  -6.514  1.00 47.26  ? 90  ASP A N   1 
ATOM 648 C CA  . ASP A 1 90  ? 10.391  -2.536  -5.730  1.00 44.46  ? 90  ASP A CA  1 
ATOM 649 C C   . ASP A 1 90  ? 10.635  -3.291  -4.417  1.00 47.41  ? 90  ASP A C   1 
ATOM 650 O O   . ASP A 1 90  ? 9.729   -3.322  -3.575  1.00 37.92  ? 90  ASP A O   1 
ATOM 651 C CB  . ASP A 1 90  ? 9.341   -3.272  -6.577  1.00 47.83  ? 90  ASP A CB  1 
ATOM 652 C CG  . ASP A 1 90  ? 8.887   -2.466  -7.785  1.00 53.33  ? 90  ASP A CG  1 
ATOM 653 O OD1 . ASP A 1 90  ? 9.299   -2.793  -8.918  1.00 56.65  ? 90  ASP A OD1 1 
ATOM 654 O OD2 . ASP A 1 90  ? 8.130   -1.486  -7.605  1.00 64.93  ? 90  ASP A OD2 1 
ATOM 655 N N   . THR A 1 91  ? 11.827  -3.868  -4.208  1.00 36.00  ? 91  THR A N   1 
ATOM 656 C CA  . THR A 1 91  ? 12.129  -4.604  -2.985  1.00 35.49  ? 91  THR A CA  1 
ATOM 657 C C   . THR A 1 91  ? 11.983  -3.737  -1.732  1.00 37.73  ? 91  THR A C   1 
ATOM 658 O O   . THR A 1 91  ? 12.694  -2.742  -1.574  1.00 36.08  ? 91  THR A O   1 
ATOM 659 C CB  . THR A 1 91  ? 13.558  -5.141  -3.045  1.00 35.37  ? 91  THR A CB  1 
ATOM 660 O OG1 . THR A 1 91  ? 13.731  -5.935  -4.223  1.00 47.74  ? 91  THR A OG1 1 
ATOM 661 C CG2 . THR A 1 91  ? 13.860  -5.979  -1.788  1.00 38.75  ? 91  THR A CG2 1 
ATOM 662 N N   . ALA A 1 92  ? 11.132  -4.165  -0.801  1.00 31.75  ? 92  ALA A N   1 
ATOM 663 C CA  . ALA A 1 92  ? 10.913  -3.378  0.400   1.00 35.02  ? 92  ALA A CA  1 
ATOM 664 C C   . ALA A 1 92  ? 9.963   -4.122  1.328   1.00 28.81  ? 92  ALA A C   1 
ATOM 665 O O   . ALA A 1 92  ? 9.255   -5.045  0.919   1.00 36.25  ? 92  ALA A O   1 
ATOM 666 C CB  . ALA A 1 92  ? 10.344  -1.975  0.062   1.00 35.60  ? 92  ALA A CB  1 
ATOM 667 N N   . VAL A 1 93  ? 9.950   -3.693  2.576   1.00 27.51  ? 93  VAL A N   1 
ATOM 668 C CA  . VAL A 1 93  ? 8.863   -4.023  3.485   1.00 29.79  ? 93  VAL A CA  1 
ATOM 669 C C   . VAL A 1 93  ? 7.710   -3.092  3.161   1.00 32.18  ? 93  VAL A C   1 
ATOM 670 O O   . VAL A 1 93  ? 7.849   -1.868  3.257   1.00 36.73  ? 93  VAL A O   1 
ATOM 671 C CB  . VAL A 1 93  ? 9.292   -3.871  4.951   1.00 31.51  ? 93  VAL A CB  1 
ATOM 672 C CG1 . VAL A 1 93  ? 8.127   -4.248  5.885   1.00 29.75  ? 93  VAL A CG1 1 
ATOM 673 C CG2 . VAL A 1 93  ? 10.491  -4.746  5.247   1.00 36.52  ? 93  VAL A CG2 1 
ATOM 674 N N   . TYR A 1 94  ? 6.571   -3.659  2.776   1.00 24.77  ? 94  TYR A N   1 
ATOM 675 C CA  . TYR A 1 94  ? 5.408   -2.861  2.429   1.00 24.72  ? 94  TYR A CA  1 
ATOM 676 C C   . TYR A 1 94  ? 4.490   -2.811  3.627   1.00 31.66  ? 94  TYR A C   1 
ATOM 677 O O   . TYR A 1 94  ? 4.192   -3.851  4.238   1.00 31.55  ? 94  TYR A O   1 
ATOM 678 C CB  . TYR A 1 94  ? 4.663   -3.429  1.210   1.00 27.06  ? 94  TYR A CB  1 
ATOM 679 C CG  . TYR A 1 94  ? 5.380   -3.110  -0.077  1.00 29.21  ? 94  TYR A CG  1 
ATOM 680 C CD1 . TYR A 1 94  ? 6.565   -3.752  -0.398  1.00 31.96  ? 94  TYR A CD1 1 
ATOM 681 C CD2 . TYR A 1 94  ? 4.910   -2.120  -0.941  1.00 33.49  ? 94  TYR A CD2 1 
ATOM 682 C CE1 . TYR A 1 94  ? 7.251   -3.441  -1.560  1.00 35.19  ? 94  TYR A CE1 1 
ATOM 683 C CE2 . TYR A 1 94  ? 5.591   -1.808  -2.128  1.00 35.96  ? 94  TYR A CE2 1 
ATOM 684 C CZ  . TYR A 1 94  ? 6.751   -2.479  -2.426  1.00 35.17  ? 94  TYR A CZ  1 
ATOM 685 O OH  . TYR A 1 94  ? 7.440   -2.194  -3.580  1.00 33.71  ? 94  TYR A OH  1 
ATOM 686 N N   . TYR A 1 95  ? 4.063   -1.616  3.970   1.00 32.06  ? 95  TYR A N   1 
ATOM 687 C CA  . TYR A 1 95  ? 3.160   -1.411  5.084   1.00 30.32  ? 95  TYR A CA  1 
ATOM 688 C C   . TYR A 1 95  ? 1.852   -0.867  4.539   1.00 33.14  ? 95  TYR A C   1 
ATOM 689 O O   . TYR A 1 95  ? 1.839   -0.037  3.624   1.00 30.55  ? 95  TYR A O   1 
ATOM 690 C CB  . TYR A 1 95  ? 3.760   -0.439  6.099   1.00 29.43  ? 95  TYR A CB  1 
ATOM 691 C CG  . TYR A 1 95  ? 4.814   -1.052  6.979   1.00 38.62  ? 95  TYR A CG  1 
ATOM 692 C CD1 . TYR A 1 95  ? 4.463   -1.729  8.148   1.00 42.59  ? 95  TYR A CD1 1 
ATOM 693 C CD2 . TYR A 1 95  ? 6.162   -0.967  6.650   1.00 46.73  ? 95  TYR A CD2 1 
ATOM 694 C CE1 . TYR A 1 95  ? 5.422   -2.283  8.971   1.00 38.53  ? 95  TYR A CE1 1 
ATOM 695 C CE2 . TYR A 1 95  ? 7.131   -1.534  7.465   1.00 39.24  ? 95  TYR A CE2 1 
ATOM 696 C CZ  . TYR A 1 95  ? 6.752   -2.203  8.615   1.00 39.75  ? 95  TYR A CZ  1 
ATOM 697 O OH  . TYR A 1 95  ? 7.706   -2.760  9.438   1.00 40.68  ? 95  TYR A OH  1 
ATOM 698 N N   . CYS A 1 96  ? 0.767   -1.359  5.091   1.00 30.14  ? 96  CYS A N   1 
ATOM 699 C CA  . CYS A 1 96  ? -0.546  -0.777  4.908   1.00 27.50  ? 96  CYS A CA  1 
ATOM 700 C C   . CYS A 1 96  ? -0.851  0.181   6.068   1.00 27.58  ? 96  CYS A C   1 
ATOM 701 O O   . CYS A 1 96  ? -0.402  -0.029  7.196   1.00 34.35  ? 96  CYS A O   1 
ATOM 702 C CB  . CYS A 1 96  ? -1.546  -1.934  4.891   1.00 44.95  ? 96  CYS A CB  1 
ATOM 703 S SG  . CYS A 1 96  ? -3.254  -1.521  4.954   1.00 55.11  ? 96  CYS A SG  1 
ATOM 704 N N   . ALA A 1 97  ? -1.686  1.183   5.810   1.00 23.72  ? 97  ALA A N   1 
ATOM 705 C CA  . ALA A 1 97  ? -2.049  2.155   6.830   1.00 29.70  ? 97  ALA A CA  1 
ATOM 706 C C   . ALA A 1 97  ? -3.427  2.722   6.537   1.00 26.87  ? 97  ALA A C   1 
ATOM 707 O O   . ALA A 1 97  ? -3.828  2.843   5.379   1.00 30.53  ? 97  ALA A O   1 
ATOM 708 C CB  . ALA A 1 97  ? -1.035  3.313   6.912   1.00 38.39  ? 97  ALA A CB  1 
ATOM 709 N N   . SER A 1 98  ? -4.129  3.114   7.594   1.00 28.50  ? 98  SER A N   1 
ATOM 710 C CA  . SER A 1 98  ? -5.487  3.631   7.489   1.00 36.15  ? 98  SER A CA  1 
ATOM 711 C C   . SER A 1 98  ? -5.569  5.037   8.069   1.00 30.73  ? 98  SER A C   1 
ATOM 712 O O   . SER A 1 98  ? -4.955  5.346   9.091   1.00 35.53  ? 98  SER A O   1 
ATOM 713 C CB  . SER A 1 98  ? -6.492  2.718   8.216   1.00 35.09  ? 98  SER A CB  1 
ATOM 714 O OG  . SER A 1 98  ? -6.135  2.655   9.581   1.00 37.92  ? 98  SER A OG  1 
ATOM 715 N N   . SER A 1 99  ? -6.323  5.885   7.406   1.00 36.09  ? 99  SER A N   1 
ATOM 716 C CA  . SER A 1 99  ? -6.464  7.248   7.852   1.00 36.82  ? 99  SER A CA  1 
ATOM 717 C C   . SER A 1 99  ? -7.932  7.600   7.938   1.00 35.36  ? 99  SER A C   1 
ATOM 718 O O   . SER A 1 99  ? -8.763  7.140   7.155   1.00 32.18  ? 99  SER A O   1 
ATOM 719 C CB  . SER A 1 99  ? -5.761  8.272   6.915   1.00 31.18  ? 99  SER A CB  1 
ATOM 720 O OG  . SER A 1 99  ? -5.907  9.570   7.466   1.00 30.28  ? 99  SER A OG  1 
ATOM 721 N N   . ARG A 1 100 ? -8.215  8.433   8.916   1.00 33.17  ? 100 ARG A N   1 
ATOM 722 C CA  . ARG A 1 100 ? -9.401  9.272   8.912   1.00 36.30  ? 100 ARG A CA  1 
ATOM 723 C C   . ARG A 1 100 ? -9.501  10.148  7.678   1.00 31.37  ? 100 ARG A C   1 
ATOM 724 O O   . ARG A 1 100 ? -10.604 10.388  7.189   1.00 44.06  ? 100 ARG A O   1 
ATOM 725 C CB  . ARG A 1 100 ? -9.295  10.182  10.105  1.00 56.16  ? 100 ARG A CB  1 
ATOM 726 C CG  . ARG A 1 100 ? -10.401 10.941  10.650  1.00 63.22  ? 100 ARG A CG  1 
ATOM 727 C CD  . ARG A 1 100 ? -10.732 10.163  11.831  1.00 75.17  ? 100 ARG A CD  1 
ATOM 728 N NE  . ARG A 1 100 ? -11.333 11.136  12.726  1.00 83.94  ? 100 ARG A NE  1 
ATOM 729 C CZ  . ARG A 1 100 ? -11.620 10.883  13.991  1.00 84.15  ? 100 ARG A CZ  1 
ATOM 730 N NH1 . ARG A 1 100 ? -11.784 9.610   14.397  1.00 80.12  ? 100 ARG A NH1 1 
ATOM 731 N NH2 . ARG A 1 100 ? -11.787 11.911  14.846  1.00 79.33  ? 100 ARG A NH2 1 
ATOM 732 N N   . ALA A 1 101 ? -8.390  10.747  7.247   1.00 38.64  ? 101 ALA A N   1 
ATOM 733 C CA  . ALA A 1 101 ? -8.476  11.903  6.355   1.00 30.83  ? 101 ALA A CA  1 
ATOM 734 C C   . ALA A 1 101 ? -9.201  11.567  5.068   1.00 38.13  ? 101 ALA A C   1 
ATOM 735 O O   . ALA A 1 101 ? -9.366  10.403  4.691   1.00 36.92  ? 101 ALA A O   1 
ATOM 736 C CB  . ALA A 1 101 ? -7.101  12.452  5.993   1.00 30.42  ? 101 ALA A CB  1 
ATOM 737 N N   . TYR A 1 102 ? -9.640  12.622  4.396   1.00 40.61  ? 102 TYR A N   1 
ATOM 738 C CA  . TYR A 1 102 ? -10.339 12.542  3.129   1.00 47.36  ? 102 TYR A CA  1 
ATOM 739 C C   . TYR A 1 102 ? -9.326  12.621  1.995   1.00 43.52  ? 102 TYR A C   1 
ATOM 740 O O   . TYR A 1 102 ? -8.147  12.886  2.211   1.00 47.76  ? 102 TYR A O   1 
ATOM 741 C CB  . TYR A 1 102 ? -11.366 13.667  3.040   1.00 44.06  ? 102 TYR A CB  1 
ATOM 742 C CG  . TYR A 1 102 ? -12.721 13.283  3.574   1.00 56.71  ? 102 TYR A CG  1 
ATOM 743 C CD1 . TYR A 1 102 ? -13.018 13.367  4.936   1.00 53.65  ? 102 TYR A CD1 1 
ATOM 744 C CD2 . TYR A 1 102 ? -13.710 12.827  2.709   1.00 55.92  ? 102 TYR A CD2 1 
ATOM 745 C CE1 . TYR A 1 102 ? -14.278 13.003  5.414   1.00 54.45  ? 102 TYR A CE1 1 
ATOM 746 C CE2 . TYR A 1 102 ? -14.956 12.466  3.169   1.00 61.97  ? 102 TYR A CE2 1 
ATOM 747 C CZ  . TYR A 1 102 ? -15.244 12.549  4.516   1.00 61.46  ? 102 TYR A CZ  1 
ATOM 748 O OH  . TYR A 1 102 ? -16.507 12.181  4.939   1.00 58.16  ? 102 TYR A OH  1 
ATOM 749 N N   . GLY A 1 103 ? -9.783  12.368  0.775   1.00 50.26  ? 103 GLY A N   1 
ATOM 750 C CA  . GLY A 1 103 ? -8.877  12.489  -0.352  1.00 42.63  ? 103 GLY A CA  1 
ATOM 751 C C   . GLY A 1 103 ? -8.316  13.892  -0.496  1.00 42.28  ? 103 GLY A C   1 
ATOM 752 O O   . GLY A 1 103 ? -9.071  14.849  -0.669  1.00 41.92  ? 103 GLY A O   1 
ATOM 753 N N   . SER A 1 104 ? -7.007  14.038  -0.438  1.00 35.25  ? 104 SER A N   1 
ATOM 754 C CA  . SER A 1 104 ? -6.374  15.334  -0.682  1.00 38.99  ? 104 SER A CA  1 
ATOM 755 C C   . SER A 1 104 ? -4.884  15.075  -0.852  1.00 38.21  ? 104 SER A C   1 
ATOM 756 O O   . SER A 1 104 ? -4.429  13.929  -0.793  1.00 42.22  ? 104 SER A O   1 
ATOM 757 C CB  . SER A 1 104 ? -6.644  16.323  0.455   1.00 26.87  ? 104 SER A CB  1 
ATOM 758 O OG  . SER A 1 104 ? -5.668  16.174  1.479   1.00 30.70  ? 104 SER A OG  1 
ATOM 759 N N   . SER A 1 105 ? -4.108  16.131  -1.046  1.00 45.19  ? 105 SER A N   1 
ATOM 760 C CA  . SER A 1 105 ? -2.683  15.870  -1.121  1.00 47.50  ? 105 SER A CA  1 
ATOM 761 C C   . SER A 1 105 ? -2.116  15.440  0.227   1.00 31.10  ? 105 SER A C   1 
ATOM 762 O O   . SER A 1 105 ? -0.968  14.996  0.269   1.00 33.65  ? 105 SER A O   1 
ATOM 763 C CB  . SER A 1 105 ? -1.944  17.099  -1.660  1.00 34.58  ? 105 SER A CB  1 
ATOM 764 O OG  . SER A 1 105 ? -1.899  18.108  -0.681  1.00 28.92  ? 105 SER A OG  1 
ATOM 765 N N   . ARG A 1 106 ? -2.897  15.536  1.309   1.00 30.67  ? 106 ARG A N   1 
ATOM 766 C CA  . ARG A 1 106 ? -2.468  15.058  2.621   1.00 29.32  ? 106 ARG A CA  1 
ATOM 767 C C   . ARG A 1 106 ? -2.413  13.539  2.696   1.00 37.89  ? 106 ARG A C   1 
ATOM 768 O O   . ARG A 1 106 ? -1.640  12.993  3.491   1.00 36.77  ? 106 ARG A O   1 
ATOM 769 C CB  . ARG A 1 106 ? -3.395  15.607  3.701   1.00 38.10  ? 106 ARG A CB  1 
ATOM 770 C CG  . ARG A 1 106 ? -3.343  17.135  3.809   1.00 44.74  ? 106 ARG A CG  1 
ATOM 771 C CD  . ARG A 1 106 ? -3.808  17.663  5.168   1.00 45.06  ? 106 ARG A CD  1 
ATOM 772 N NE  . ARG A 1 106 ? -5.106  17.152  5.588   1.00 49.18  ? 106 ARG A NE  1 
ATOM 773 C CZ  . ARG A 1 106 ? -5.293  16.347  6.624   1.00 48.50  ? 106 ARG A CZ  1 
ATOM 774 N NH1 . ARG A 1 106 ? -4.276  15.916  7.357   1.00 53.95  ? 106 ARG A NH1 1 
ATOM 775 N NH2 . ARG A 1 106 ? -6.527  15.943  6.919   1.00 58.32  ? 106 ARG A NH2 1 
ATOM 776 N N   . LEU A 1 107 ? -3.193  12.832  1.880   1.00 36.20  ? 107 LEU A N   1 
ATOM 777 C CA  . LEU A 1 107 ? -3.111  11.376  1.912   1.00 33.09  ? 107 LEU A CA  1 
ATOM 778 C C   . LEU A 1 107 ? -1.740  10.876  1.476   1.00 27.36  ? 107 LEU A C   1 
ATOM 779 O O   . LEU A 1 107 ? -1.419  9.711   1.708   1.00 25.64  ? 107 LEU A O   1 
ATOM 780 C CB  . LEU A 1 107 ? -4.198  10.775  1.024   1.00 29.80  ? 107 LEU A CB  1 
ATOM 781 C CG  . LEU A 1 107 ? -5.607  10.716  1.611   1.00 25.20  ? 107 LEU A CG  1 
ATOM 782 C CD1 . LEU A 1 107 ? -6.496  9.923   0.689   1.00 29.80  ? 107 LEU A CD1 1 
ATOM 783 C CD2 . LEU A 1 107 ? -5.601  10.092  2.991   1.00 26.68  ? 107 LEU A CD2 1 
ATOM 784 N N   . ARG A 1 108 ? -0.913  11.748  0.903   1.00 31.67  ? 108 ARG A N   1 
ATOM 785 C CA  . ARG A 1 108 ? 0.451   11.384  0.571   1.00 30.91  ? 108 ARG A CA  1 
ATOM 786 C C   . ARG A 1 108 ? 1.395   11.444  1.760   1.00 28.78  ? 108 ARG A C   1 
ATOM 787 O O   . ARG A 1 108 ? 2.550   11.021  1.623   1.00 32.08  ? 108 ARG A O   1 
ATOM 788 C CB  . ARG A 1 108 ? 0.979   12.286  -0.544  1.00 37.25  ? 108 ARG A CB  1 
ATOM 789 C CG  . ARG A 1 108 ? 0.133   12.284  -1.808  1.00 30.63  ? 108 ARG A CG  1 
ATOM 790 C CD  . ARG A 1 108 ? 0.918   12.974  -2.932  1.00 35.36  ? 108 ARG A CD  1 
ATOM 791 N NE  . ARG A 1 108 ? 0.221   13.008  -4.217  1.00 38.14  ? 108 ARG A NE  1 
ATOM 792 C CZ  . ARG A 1 108 ? -0.587  13.978  -4.625  1.00 46.98  ? 108 ARG A CZ  1 
ATOM 793 N NH1 . ARG A 1 108 ? -0.834  15.045  -3.874  1.00 44.89  ? 108 ARG A NH1 1 
ATOM 794 N NH2 . ARG A 1 108 ? -1.152  13.888  -5.825  1.00 45.17  ? 108 ARG A NH2 1 
ATOM 795 N N   . LEU A 1 109 ? 0.940   11.895  2.926   1.00 25.04  ? 109 LEU A N   1 
ATOM 796 C CA  . LEU A 1 109 ? 1.820   12.119  4.073   1.00 33.38  ? 109 LEU A CA  1 
ATOM 797 C C   . LEU A 1 109 ? 1.672   10.977  5.072   1.00 29.49  ? 109 LEU A C   1 
ATOM 798 O O   . LEU A 1 109 ? 0.547   10.605  5.417   1.00 27.37  ? 109 LEU A O   1 
ATOM 799 C CB  . LEU A 1 109 ? 1.499   13.462  4.739   1.00 32.28  ? 109 LEU A CB  1 
ATOM 800 C CG  . LEU A 1 109 ? 1.734   14.679  3.796   1.00 31.50  ? 109 LEU A CG  1 
ATOM 801 C CD1 . LEU A 1 109 ? 1.186   15.970  4.381   1.00 33.79  ? 109 LEU A CD1 1 
ATOM 802 C CD2 . LEU A 1 109 ? 3.228   14.851  3.490   1.00 33.49  ? 109 LEU A CD2 1 
ATOM 803 N N   . ALA A 1 110 ? 2.807   10.435  5.545   1.00 24.92  ? 110 ALA A N   1 
ATOM 804 C CA  . ALA A 1 110 ? 2.744   9.351   6.523   1.00 42.57  ? 110 ALA A CA  1 
ATOM 805 C C   . ALA A 1 110 ? 2.078   9.806   7.805   1.00 36.99  ? 110 ALA A C   1 
ATOM 806 O O   . ALA A 1 110 ? 1.395   9.011   8.459   1.00 38.44  ? 110 ALA A O   1 
ATOM 807 C CB  . ALA A 1 110 ? 4.136   8.796   6.832   1.00 35.91  ? 110 ALA A CB  1 
ATOM 808 N N   . ASP A 1 111 ? 2.232   11.082  8.166   1.00 31.14  ? 111 ASP A N   1 
ATOM 809 C CA  . ASP A 1 111 ? 1.685   11.534  9.436   1.00 31.13  ? 111 ASP A CA  1 
ATOM 810 C C   . ASP A 1 111 ? 0.179   11.715  9.384   1.00 38.77  ? 111 ASP A C   1 
ATOM 811 O O   . ASP A 1 111 ? -0.442  11.933  10.424  1.00 27.51  ? 111 ASP A O   1 
ATOM 812 C CB  . ASP A 1 111 ? 2.373   12.824  9.868   1.00 43.94  ? 111 ASP A CB  1 
ATOM 813 C CG  . ASP A 1 111 ? 3.869   12.642  10.003  1.00 55.86  ? 111 ASP A CG  1 
ATOM 814 O OD1 . ASP A 1 111 ? 4.286   11.744  10.774  1.00 49.18  ? 111 ASP A OD1 1 
ATOM 815 O OD2 . ASP A 1 111 ? 4.625   13.368  9.317   1.00 63.99  ? 111 ASP A OD2 1 
ATOM 816 N N   . THR A 1 112 ? -0.422  11.611  8.204   1.00 36.76  ? 112 THR A N   1 
ATOM 817 C CA  . THR A 1 112 ? -1.872  11.607  8.097   1.00 35.47  ? 112 THR A CA  1 
ATOM 818 C C   . THR A 1 112 ? -2.500  10.293  8.595   1.00 39.43  ? 112 THR A C   1 
ATOM 819 O O   . THR A 1 112 ? -3.711  10.250  8.842   1.00 37.26  ? 112 THR A O   1 
ATOM 820 C CB  . THR A 1 112 ? -2.225  11.914  6.629   1.00 38.53  ? 112 THR A CB  1 
ATOM 821 O OG1 . THR A 1 112 ? -1.553  13.136  6.232   1.00 30.34  ? 112 THR A OG1 1 
ATOM 822 C CG2 . THR A 1 112 ? -3.714  12.112  6.421   1.00 35.95  ? 112 THR A CG2 1 
ATOM 823 N N   . TYR A 1 113 ? -1.717  9.232   8.780   1.00 31.34  ? 113 TYR A N   1 
ATOM 824 C CA  . TYR A 1 113 ? -2.242  7.882   9.003   1.00 35.70  ? 113 TYR A CA  1 
ATOM 825 C C   . TYR A 1 113 ? -2.108  7.530   10.474  1.00 38.40  ? 113 TYR A C   1 
ATOM 826 O O   . TYR A 1 113 ? -1.061  7.752   11.078  1.00 39.94  ? 113 TYR A O   1 
ATOM 827 C CB  . TYR A 1 113 ? -1.499  6.869   8.118   1.00 33.25  ? 113 TYR A CB  1 
ATOM 828 C CG  . TYR A 1 113 ? -1.846  7.018   6.634   1.00 28.59  ? 113 TYR A CG  1 
ATOM 829 C CD1 . TYR A 1 113 ? -2.939  6.370   6.067   1.00 28.95  ? 113 TYR A CD1 1 
ATOM 830 C CD2 . TYR A 1 113 ? -1.191  7.975   5.862   1.00 33.01  ? 113 TYR A CD2 1 
ATOM 831 C CE1 . TYR A 1 113 ? -3.276  6.557   4.709   1.00 30.77  ? 113 TYR A CE1 1 
ATOM 832 C CE2 . TYR A 1 113 ? -1.542  8.189   4.507   1.00 32.81  ? 113 TYR A CE2 1 
ATOM 833 C CZ  . TYR A 1 113 ? -2.579  7.477   3.951   1.00 28.94  ? 113 TYR A CZ  1 
ATOM 834 O OH  . TYR A 1 113 ? -2.871  7.714   2.628   1.00 30.87  ? 113 TYR A OH  1 
ATOM 835 N N   . GLU A 1 114 ? -3.181  6.993   11.044  1.00 45.09  ? 114 GLU A N   1 
ATOM 836 C CA  . GLU A 1 114 ? -3.239  6.612   12.447  1.00 36.25  ? 114 GLU A CA  1 
ATOM 837 C C   . GLU A 1 114 ? -2.898  5.151   12.713  1.00 40.75  ? 114 GLU A C   1 
ATOM 838 O O   . GLU A 1 114 ? -2.307  4.841   13.748  1.00 28.99  ? 114 GLU A O   1 
ATOM 839 C CB  . GLU A 1 114 ? -4.637  6.897   12.979  1.00 43.67  ? 114 GLU A CB  1 
ATOM 840 C CG  . GLU A 1 114 ? -5.225  8.092   12.271  1.00 60.27  ? 114 GLU A CG  1 
ATOM 841 C CD  . GLU A 1 114 ? -6.694  8.262   12.514  1.00 62.10  ? 114 GLU A CD  1 
ATOM 842 O OE1 . GLU A 1 114 ? -7.295  9.056   11.777  1.00 56.68  ? 114 GLU A OE1 1 
ATOM 843 O OE2 . GLU A 1 114 ? -7.241  7.629   13.440  1.00 55.70  ? 114 GLU A OE2 1 
ATOM 844 N N   . TYR A 1 115 ? -3.309  4.232   11.842  1.00 45.13  ? 115 TYR A N   1 
ATOM 845 C CA  . TYR A 1 115 ? -3.160  2.810   12.102  1.00 40.71  ? 115 TYR A CA  1 
ATOM 846 C C   . TYR A 1 115 ? -2.246  2.193   11.057  1.00 41.85  ? 115 TYR A C   1 
ATOM 847 O O   . TYR A 1 115 ? -2.352  2.502   9.868   1.00 34.59  ? 115 TYR A O   1 
ATOM 848 C CB  . TYR A 1 115 ? -4.511  2.078   12.100  1.00 41.86  ? 115 TYR A CB  1 
ATOM 849 C CG  . TYR A 1 115 ? -5.551  2.716   12.982  1.00 44.82  ? 115 TYR A CG  1 
ATOM 850 C CD1 . TYR A 1 115 ? -5.538  2.528   14.355  1.00 45.35  ? 115 TYR A CD1 1 
ATOM 851 C CD2 . TYR A 1 115 ? -6.550  3.516   12.440  1.00 58.18  ? 115 TYR A CD2 1 
ATOM 852 C CE1 . TYR A 1 115 ? -6.486  3.133   15.163  1.00 54.59  ? 115 TYR A CE1 1 
ATOM 853 C CE2 . TYR A 1 115 ? -7.507  4.116   13.243  1.00 49.60  ? 115 TYR A CE2 1 
ATOM 854 C CZ  . TYR A 1 115 ? -7.469  3.916   14.595  1.00 44.91  ? 115 TYR A CZ  1 
ATOM 855 O OH  . TYR A 1 115 ? -8.426  4.505   15.383  1.00 65.55  ? 115 TYR A OH  1 
ATOM 856 N N   . TRP A 1 116 ? -1.367  1.300   11.506  1.00 33.97  ? 116 TRP A N   1 
ATOM 857 C CA  . TRP A 1 116 ? -0.310  0.761   10.673  1.00 41.81  ? 116 TRP A CA  1 
ATOM 858 C C   . TRP A 1 116 ? -0.308  -0.754  10.744  1.00 37.43  ? 116 TRP A C   1 
ATOM 859 O O   . TRP A 1 116 ? -0.599  -1.346  11.788  1.00 32.55  ? 116 TRP A O   1 
ATOM 860 C CB  . TRP A 1 116 ? 1.061   1.327   11.090  1.00 39.26  ? 116 TRP A CB  1 
ATOM 861 C CG  . TRP A 1 116 ? 1.175   2.768   10.696  1.00 37.66  ? 116 TRP A CG  1 
ATOM 862 C CD1 . TRP A 1 116 ? 0.707   3.842   11.386  1.00 38.31  ? 116 TRP A CD1 1 
ATOM 863 C CD2 . TRP A 1 116 ? 1.752   3.285   9.486   1.00 28.19  ? 116 TRP A CD2 1 
ATOM 864 N NE1 . TRP A 1 116 ? 0.978   4.997   10.693  1.00 29.69  ? 116 TRP A NE1 1 
ATOM 865 C CE2 . TRP A 1 116 ? 1.615   4.680   9.525   1.00 27.95  ? 116 TRP A CE2 1 
ATOM 866 C CE3 . TRP A 1 116 ? 2.366   2.694   8.372   1.00 35.98  ? 116 TRP A CE3 1 
ATOM 867 C CZ2 . TRP A 1 116 ? 2.073   5.520   8.480   1.00 39.56  ? 116 TRP A CZ2 1 
ATOM 868 C CZ3 . TRP A 1 116 ? 2.835   3.525   7.337   1.00 29.43  ? 116 TRP A CZ3 1 
ATOM 869 C CH2 . TRP A 1 116 ? 2.673   4.924   7.401   1.00 32.12  ? 116 TRP A CH2 1 
ATOM 870 N N   . GLY A 1 117 ? 0.008   -1.374  9.617   1.00 31.39  ? 117 GLY A N   1 
ATOM 871 C CA  . GLY A 1 117 ? 0.092   -2.812  9.563   1.00 35.20  ? 117 GLY A CA  1 
ATOM 872 C C   . GLY A 1 117 ? 1.306   -3.331  10.313  1.00 32.12  ? 117 GLY A C   1 
ATOM 873 O O   . GLY A 1 117 ? 1.999   -2.614  11.037  1.00 28.06  ? 117 GLY A O   1 
ATOM 874 N N   . GLN A 1 118 ? 1.550   -4.630  10.137  1.00 27.77  ? 118 GLN A N   1 
ATOM 875 C CA  . GLN A 1 118 ? 2.746   -5.275  10.667  1.00 33.22  ? 118 GLN A CA  1 
ATOM 876 C C   . GLN A 1 118 ? 3.849   -5.401  9.621   1.00 35.20  ? 118 GLN A C   1 
ATOM 877 O O   . GLN A 1 118 ? 5.022   -5.556  9.983   1.00 31.99  ? 118 GLN A O   1 
ATOM 878 C CB  . GLN A 1 118 ? 2.397   -6.661  11.224  1.00 31.06  ? 118 GLN A CB  1 
ATOM 879 C CG  . GLN A 1 118 ? 1.709   -6.630  12.609  1.00 34.27  ? 118 GLN A CG  1 
ATOM 880 C CD  . GLN A 1 118 ? 2.415   -5.680  13.585  1.00 41.67  ? 118 GLN A CD  1 
ATOM 881 O OE1 . GLN A 1 118 ? 3.545   -5.939  14.022  1.00 35.94  ? 118 GLN A OE1 1 
ATOM 882 N NE2 . GLN A 1 118 ? 1.760   -4.571  13.912  1.00 36.62  ? 118 GLN A NE2 1 
ATOM 883 N N   . GLY A 1 119 ? 3.499   -5.309  8.348   1.00 31.46  ? 119 GLY A N   1 
ATOM 884 C CA  . GLY A 1 119 ? 4.459   -5.267  7.271   1.00 32.96  ? 119 GLY A CA  1 
ATOM 885 C C   . GLY A 1 119 ? 4.557   -6.601  6.561   1.00 29.14  ? 119 GLY A C   1 
ATOM 886 O O   . GLY A 1 119 ? 4.233   -7.651  7.100   1.00 28.66  ? 119 GLY A O   1 
ATOM 887 N N   . THR A 1 120 ? 5.002   -6.561  5.312   1.00 29.22  ? 120 THR A N   1 
ATOM 888 C CA  . THR A 1 120 ? 5.199   -7.827  4.627   1.00 34.41  ? 120 THR A CA  1 
ATOM 889 C C   . THR A 1 120 ? 6.292   -7.634  3.592   1.00 29.56  ? 120 THR A C   1 
ATOM 890 O O   . THR A 1 120 ? 6.290   -6.655  2.844   1.00 33.24  ? 120 THR A O   1 
ATOM 891 C CB  . THR A 1 120 ? 3.882   -8.331  3.993   1.00 35.13  ? 120 THR A CB  1 
ATOM 892 O OG1 . THR A 1 120 ? 4.035   -9.700  3.614   1.00 32.78  ? 120 THR A OG1 1 
ATOM 893 C CG2 . THR A 1 120 ? 3.535   -7.532  2.729   1.00 30.77  ? 120 THR A CG2 1 
ATOM 894 N N   . LEU A 1 121 ? 7.231   -8.562  3.561   1.00 33.07  ? 121 LEU A N   1 
ATOM 895 C CA  . LEU A 1 121 ? 8.422   -8.379  2.751   1.00 35.27  ? 121 LEU A CA  1 
ATOM 896 C C   . LEU A 1 121 ? 8.185   -8.810  1.307   1.00 37.43  ? 121 LEU A C   1 
ATOM 897 O O   . LEU A 1 121 ? 7.745   -9.936  1.052   1.00 37.08  ? 121 LEU A O   1 
ATOM 898 C CB  . LEU A 1 121 ? 9.572   -9.171  3.369   1.00 31.19  ? 121 LEU A CB  1 
ATOM 899 C CG  . LEU A 1 121 ? 10.866  -9.075  2.550   1.00 39.27  ? 121 LEU A CG  1 
ATOM 900 C CD1 . LEU A 1 121 ? 11.323  -7.621  2.410   1.00 33.94  ? 121 LEU A CD1 1 
ATOM 901 C CD2 . LEU A 1 121 ? 11.926  -9.953  3.238   1.00 39.74  ? 121 LEU A CD2 1 
ATOM 902 N N   . VAL A 1 122 ? 8.482   -7.919  0.359   1.00 36.44  ? 122 VAL A N   1 
ATOM 903 C CA  . VAL A 1 122 ? 8.529   -8.253  -1.066  1.00 39.09  ? 122 VAL A CA  1 
ATOM 904 C C   . VAL A 1 122 ? 9.989   -8.209  -1.496  1.00 37.93  ? 122 VAL A C   1 
ATOM 905 O O   . VAL A 1 122 ? 10.653  -7.180  -1.347  1.00 41.64  ? 122 VAL A O   1 
ATOM 906 C CB  . VAL A 1 122 ? 7.687   -7.288  -1.924  1.00 38.07  ? 122 VAL A CB  1 
ATOM 907 C CG1 . VAL A 1 122 ? 7.956   -7.517  -3.401  1.00 34.82  ? 122 VAL A CG1 1 
ATOM 908 C CG2 . VAL A 1 122 ? 6.212   -7.451  -1.628  1.00 35.39  ? 122 VAL A CG2 1 
ATOM 909 N N   . THR A 1 123 ? 10.490  -9.307  -2.037  1.00 31.90  ? 123 THR A N   1 
ATOM 910 C CA  . THR A 1 123 ? 11.870  -9.363  -2.497  1.00 36.50  ? 123 THR A CA  1 
ATOM 911 C C   . THR A 1 123 ? 11.835  -9.670  -3.981  1.00 36.16  ? 123 THR A C   1 
ATOM 912 O O   . THR A 1 123 ? 11.303  -10.712 -4.388  1.00 33.34  ? 123 THR A O   1 
ATOM 913 C CB  . THR A 1 123 ? 12.683  -10.407 -1.724  1.00 35.72  ? 123 THR A CB  1 
ATOM 914 O OG1 . THR A 1 123 ? 12.665  -10.073 -0.326  1.00 42.47  ? 123 THR A OG1 1 
ATOM 915 C CG2 . THR A 1 123 ? 14.120  -10.405 -2.172  1.00 39.31  ? 123 THR A CG2 1 
ATOM 916 N N   . VAL A 1 124 ? 12.335  -8.738  -4.789  1.00 39.06  ? 124 VAL A N   1 
ATOM 917 C CA  . VAL A 1 124 ? 12.351  -8.884  -6.242  1.00 39.90  ? 124 VAL A CA  1 
ATOM 918 C C   . VAL A 1 124 ? 13.775  -9.228  -6.642  1.00 47.51  ? 124 VAL A C   1 
ATOM 919 O O   . VAL A 1 124 ? 14.711  -8.481  -6.329  1.00 50.38  ? 124 VAL A O   1 
ATOM 920 C CB  . VAL A 1 124 ? 11.869  -7.604  -6.948  1.00 47.32  ? 124 VAL A CB  1 
ATOM 921 C CG1 . VAL A 1 124 ? 11.719  -7.833  -8.454  1.00 46.47  ? 124 VAL A CG1 1 
ATOM 922 C CG2 . VAL A 1 124 ? 10.544  -7.117  -6.347  1.00 43.23  ? 124 VAL A CG2 1 
ATOM 923 N N   . SER A 1 125 ? 13.946  -10.347 -7.331  1.00 47.34  ? 125 SER A N   1 
ATOM 924 C CA  . SER A 1 125 ? 15.279  -10.803 -7.700  1.00 58.60  ? 125 SER A CA  1 
ATOM 925 C C   . SER A 1 125 ? 15.167  -11.848 -8.793  1.00 57.35  ? 125 SER A C   1 
ATOM 926 O O   . SER A 1 125 ? 14.157  -12.549 -8.898  1.00 56.54  ? 125 SER A O   1 
ATOM 927 C CB  . SER A 1 125 ? 16.034  -11.396 -6.509  1.00 65.89  ? 125 SER A CB  1 
ATOM 928 O OG  . SER A 1 125 ? 17.142  -12.165 -6.958  1.00 64.19  ? 125 SER A OG  1 
ATOM 929 N N   . SER A 1 126 ? 16.216  -11.939 -9.606  1.00 66.36  ? 126 SER A N   1 
ATOM 930 C CA  . SER A 1 126 ? 16.317  -12.995 -10.608 1.00 70.92  ? 126 SER A CA  1 
ATOM 931 C C   . SER A 1 126 ? 17.157  -14.157 -10.080 1.00 67.17  ? 126 SER A C   1 
ATOM 932 O O   . SER A 1 126 ? 17.945  -13.994 -9.146  1.00 66.95  ? 126 SER A O   1 
ATOM 933 C CB  . SER A 1 126 ? 16.910  -12.459 -11.915 1.00 61.52  ? 126 SER A CB  1 
ATOM 934 O OG  . SER A 1 126 ? 16.009  -11.577 -12.570 1.00 61.55  ? 126 SER A OG  1 
# 
